data_1ZBQ
#
_entry.id   1ZBQ
#
_cell.length_a   50.826
_cell.length_b   50.771
_cell.length_c   183.775
_cell.angle_alpha   87.52
_cell.angle_beta   87.07
_cell.angle_gamma   70.75
#
_symmetry.space_group_name_H-M   'P 1'
#
loop_
_entity.id
_entity.type
_entity.pdbx_description
1 polymer '17-beta-hydroxysteroid dehydrogenase 4'
2 non-polymer NICOTINAMIDE-ADENINE-DINUCLEOTIDE
3 water water
#
_entity_poly.entity_id   1
_entity_poly.type   'polypeptide(L)'
_entity_poly.pdbx_seq_one_letter_code
;GSSHHHHHHSSGRENLYFQGHMGSPLRFDGRVVLVTGAGAGLGRAYALAFAERGALVVVNDLGGDFKGVGKGSLAADKVV
EEIRRRGGKAVANYDSVEEGEKVVKTALDAFGRIDVVVNNAGILRDRSFARISDEDWDIIHRVHLRGSFQVTRAAWEHMK
KQKYGRIIMTSSASGIYGNFGQANYSAAKLGLLGLANSLAIEGRKSNIHCNTIAPNAGSRMTQTVMPEDLVEALKPEYVA
PLVLWLCHESCEENGGLFEVGAGWIGKLRWERTLGAIVRQKNHPMTPEAVKANWKKICDFENASKPQSIQESTGSIIEVL
SKIDSGS
;
_entity_poly.pdbx_strand_id   A,B,C,D,E,F
#
# COMPACT_ATOMS: atom_id res chain seq x y z
N SER A 24 -20.20 -29.02 -0.68
CA SER A 24 -19.72 -29.48 0.65
C SER A 24 -19.58 -28.29 1.59
N PRO A 25 -20.07 -28.41 2.85
CA PRO A 25 -20.00 -27.27 3.78
C PRO A 25 -18.57 -26.85 4.16
N LEU A 26 -18.35 -25.55 4.25
CA LEU A 26 -17.02 -25.00 4.55
C LEU A 26 -16.75 -25.08 6.06
N ARG A 27 -15.88 -25.99 6.45
CA ARG A 27 -15.62 -26.25 7.87
C ARG A 27 -14.26 -25.67 8.32
N PHE A 28 -14.11 -25.56 9.63
CA PHE A 28 -12.87 -25.11 10.22
C PHE A 28 -12.39 -26.04 11.35
N ASP A 29 -12.84 -27.30 11.30
CA ASP A 29 -12.48 -28.27 12.32
C ASP A 29 -10.97 -28.30 12.47
N GLY A 30 -10.49 -28.18 13.72
CA GLY A 30 -9.06 -28.21 14.00
C GLY A 30 -8.24 -26.97 13.63
N ARG A 31 -8.91 -25.91 13.19
CA ARG A 31 -8.22 -24.66 12.86
C ARG A 31 -8.27 -23.69 14.04
N VAL A 32 -7.12 -23.16 14.42
CA VAL A 32 -7.06 -22.20 15.49
C VAL A 32 -7.26 -20.81 14.91
N VAL A 33 -8.37 -20.19 15.30
CA VAL A 33 -8.78 -18.90 14.75
C VAL A 33 -8.71 -17.87 15.86
N LEU A 34 -7.92 -16.81 15.67
CA LEU A 34 -7.96 -15.66 16.57
C LEU A 34 -8.77 -14.50 16.00
N VAL A 35 -9.72 -14.00 16.79
CA VAL A 35 -10.43 -12.78 16.43
C VAL A 35 -10.12 -11.74 17.50
N THR A 36 -9.52 -10.62 17.11
CA THR A 36 -9.29 -9.51 18.02
C THR A 36 -10.53 -8.66 18.12
N GLY A 37 -10.77 -8.09 19.30
CA GLY A 37 -12.00 -7.33 19.54
C GLY A 37 -13.25 -8.14 19.32
N ALA A 38 -13.25 -9.38 19.82
CA ALA A 38 -14.35 -10.32 19.60
C ALA A 38 -15.47 -10.25 20.66
N GLY A 39 -15.39 -9.27 21.56
CA GLY A 39 -16.39 -9.08 22.59
C GLY A 39 -17.71 -8.49 22.13
N ALA A 40 -17.72 -7.80 21.00
CA ALA A 40 -18.93 -7.12 20.52
C ALA A 40 -18.93 -6.97 18.99
N GLY A 41 -20.06 -6.57 18.43
CA GLY A 41 -20.15 -6.13 17.05
C GLY A 41 -19.71 -7.17 16.03
N LEU A 42 -18.93 -6.73 15.05
CA LEU A 42 -18.40 -7.62 14.03
C LEU A 42 -17.53 -8.77 14.56
N GLY A 43 -16.62 -8.47 15.48
CA GLY A 43 -15.74 -9.50 16.02
C GLY A 43 -16.52 -10.65 16.69
N ARG A 44 -17.54 -10.29 17.46
N ARG A 44 -17.54 -10.29 17.46
CA ARG A 44 -18.43 -11.28 18.08
CA ARG A 44 -18.42 -11.29 18.09
C ARG A 44 -19.07 -12.17 17.03
C ARG A 44 -19.08 -12.17 17.04
N ALA A 45 -19.65 -11.55 16.01
CA ALA A 45 -20.26 -12.29 14.91
C ALA A 45 -19.23 -13.21 14.24
N TYR A 46 -17.98 -12.78 14.07
CA TYR A 46 -17.00 -13.67 13.44
C TYR A 46 -16.72 -14.85 14.33
N ALA A 47 -16.50 -14.59 15.62
CA ALA A 47 -16.12 -15.61 16.58
C ALA A 47 -17.18 -16.72 16.65
N LEU A 48 -18.45 -16.30 16.73
CA LEU A 48 -19.56 -17.24 16.79
C LEU A 48 -19.67 -18.04 15.50
N ALA A 49 -19.48 -17.37 14.36
CA ALA A 49 -19.60 -18.03 13.07
C ALA A 49 -18.50 -19.07 12.87
N PHE A 50 -17.26 -18.70 13.20
CA PHE A 50 -16.13 -19.63 13.18
C PHE A 50 -16.32 -20.88 14.07
N ALA A 51 -16.70 -20.65 15.33
CA ALA A 51 -16.84 -21.73 16.33
C ALA A 51 -17.92 -22.74 15.95
N GLU A 52 -18.99 -22.22 15.35
CA GLU A 52 -20.12 -23.03 14.86
C GLU A 52 -19.66 -23.97 13.75
N ARG A 53 -18.55 -23.63 13.08
CA ARG A 53 -17.97 -24.49 12.05
C ARG A 53 -16.74 -25.29 12.50
N GLY A 54 -16.58 -25.41 13.82
CA GLY A 54 -15.61 -26.33 14.36
C GLY A 54 -14.27 -25.73 14.70
N ALA A 55 -14.14 -24.41 14.53
CA ALA A 55 -12.89 -23.72 14.80
C ALA A 55 -12.59 -23.66 16.31
N LEU A 56 -11.32 -23.84 16.65
CA LEU A 56 -10.84 -23.55 18.01
C LEU A 56 -10.58 -22.05 18.09
N VAL A 57 -11.42 -21.32 18.82
CA VAL A 57 -11.43 -19.87 18.71
C VAL A 57 -10.76 -19.18 19.90
N VAL A 58 -9.87 -18.23 19.62
CA VAL A 58 -9.39 -17.36 20.68
C VAL A 58 -10.17 -16.07 20.60
N VAL A 59 -10.92 -15.77 21.66
CA VAL A 59 -11.75 -14.58 21.76
C VAL A 59 -10.97 -13.52 22.51
N ASN A 60 -10.39 -12.59 21.76
CA ASN A 60 -9.65 -11.49 22.33
C ASN A 60 -10.56 -10.28 22.50
N ASP A 61 -10.49 -9.67 23.68
CA ASP A 61 -11.07 -8.34 23.88
C ASP A 61 -10.49 -7.70 25.13
N LEU A 62 -10.08 -6.44 24.99
CA LEU A 62 -9.60 -5.61 26.10
C LEU A 62 -10.73 -5.33 27.08
N GLY A 63 -11.97 -5.26 26.57
CA GLY A 63 -13.16 -5.00 27.36
C GLY A 63 -13.43 -3.57 27.80
N GLY A 64 -12.88 -2.61 27.06
CA GLY A 64 -13.08 -1.17 27.31
C GLY A 64 -14.15 -0.57 26.41
N ASP A 65 -14.31 0.75 26.49
CA ASP A 65 -15.35 1.43 25.70
C ASP A 65 -14.87 1.71 24.27
N PHE A 66 -15.74 2.26 23.44
CA PHE A 66 -15.40 2.40 22.02
C PHE A 66 -14.53 3.61 21.71
N LYS A 67 -14.22 4.40 22.74
CA LYS A 67 -13.25 5.49 22.60
C LYS A 67 -11.88 5.16 23.20
N GLY A 68 -11.64 3.89 23.54
CA GLY A 68 -10.36 3.47 24.08
C GLY A 68 -10.12 3.68 25.56
N VAL A 69 -11.19 3.77 26.34
CA VAL A 69 -11.08 3.93 27.78
C VAL A 69 -11.60 2.68 28.48
N GLY A 70 -10.81 2.16 29.43
CA GLY A 70 -11.25 1.05 30.27
C GLY A 70 -10.75 -0.32 29.84
N LYS A 71 -11.14 -1.33 30.61
CA LYS A 71 -10.57 -2.67 30.53
C LYS A 71 -11.42 -3.57 31.41
N GLY A 72 -11.65 -4.80 30.95
CA GLY A 72 -12.44 -5.77 31.71
C GLY A 72 -12.45 -7.15 31.07
N SER A 73 -12.64 -8.18 31.89
CA SER A 73 -12.68 -9.56 31.43
C SER A 73 -14.06 -9.96 30.92
N LEU A 74 -15.07 -9.21 31.33
CA LEU A 74 -16.48 -9.55 31.04
C LEU A 74 -16.75 -9.70 29.53
N ALA A 75 -16.25 -8.76 28.74
CA ALA A 75 -16.53 -8.72 27.29
C ALA A 75 -16.14 -10.03 26.58
N ALA A 76 -14.90 -10.47 26.80
CA ALA A 76 -14.42 -11.72 26.22
C ALA A 76 -15.09 -12.94 26.83
N ASP A 77 -15.22 -12.98 28.16
CA ASP A 77 -15.84 -14.11 28.85
C ASP A 77 -17.26 -14.41 28.39
N LYS A 78 -18.06 -13.37 28.17
CA LYS A 78 -19.43 -13.53 27.69
C LYS A 78 -19.46 -14.30 26.41
N VAL A 79 -18.56 -13.95 25.48
CA VAL A 79 -18.55 -14.55 24.13
C VAL A 79 -18.02 -15.98 24.15
N VAL A 80 -16.97 -16.21 24.93
CA VAL A 80 -16.50 -17.57 25.18
C VAL A 80 -17.63 -18.46 25.74
N GLU A 81 -18.37 -17.97 26.75
CA GLU A 81 -19.46 -18.82 27.27
C GLU A 81 -20.60 -19.04 26.28
N GLU A 82 -20.95 -18.03 25.47
CA GLU A 82 -21.95 -18.23 24.41
C GLU A 82 -21.49 -19.29 23.39
N ILE A 83 -20.21 -19.27 23.03
CA ILE A 83 -19.68 -20.30 22.11
C ILE A 83 -19.76 -21.70 22.74
N ARG A 84 -19.38 -21.80 24.01
CA ARG A 84 -19.36 -23.08 24.70
C ARG A 84 -20.77 -23.63 24.90
N ARG A 85 -21.70 -22.72 25.17
CA ARG A 85 -23.11 -23.05 25.32
C ARG A 85 -23.70 -23.62 24.03
N ARG A 86 -23.19 -23.13 22.89
CA ARG A 86 -23.62 -23.59 21.58
C ARG A 86 -22.85 -24.83 21.12
N GLY A 87 -21.97 -25.34 21.97
CA GLY A 87 -21.23 -26.55 21.67
C GLY A 87 -19.95 -26.37 20.89
N GLY A 88 -19.41 -25.16 20.84
CA GLY A 88 -18.11 -24.92 20.24
C GLY A 88 -16.96 -24.90 21.25
N LYS A 89 -15.75 -24.68 20.73
CA LYS A 89 -14.54 -24.58 21.55
C LYS A 89 -13.94 -23.18 21.46
N ALA A 90 -13.69 -22.56 22.61
CA ALA A 90 -13.11 -21.22 22.67
C ALA A 90 -12.38 -20.97 23.99
N VAL A 91 -11.41 -20.05 23.96
CA VAL A 91 -10.75 -19.55 25.16
C VAL A 91 -10.66 -18.05 25.03
N ALA A 92 -10.54 -17.36 26.15
CA ALA A 92 -10.53 -15.92 26.20
C ALA A 92 -9.10 -15.40 26.29
N ASN A 93 -8.87 -14.24 25.68
CA ASN A 93 -7.68 -13.44 25.94
C ASN A 93 -8.11 -12.00 26.28
N TYR A 94 -7.46 -11.42 27.28
CA TYR A 94 -7.86 -10.11 27.79
C TYR A 94 -6.88 -8.96 27.51
N ASP A 95 -5.80 -9.24 26.77
CA ASP A 95 -4.79 -8.21 26.49
C ASP A 95 -5.23 -7.25 25.40
N SER A 96 -4.67 -6.04 25.43
CA SER A 96 -4.79 -5.12 24.32
C SER A 96 -3.96 -5.65 23.15
N VAL A 97 -4.49 -5.44 21.94
CA VAL A 97 -3.74 -5.77 20.70
C VAL A 97 -2.39 -5.05 20.61
N GLU A 98 -2.25 -3.98 21.36
CA GLU A 98 -0.95 -3.32 21.56
C GLU A 98 0.11 -4.37 22.03
N GLU A 99 -0.33 -5.33 22.85
CA GLU A 99 0.52 -6.44 23.33
C GLU A 99 0.30 -7.68 22.47
N GLY A 100 0.46 -7.54 21.15
CA GLY A 100 0.12 -8.59 20.20
C GLY A 100 0.75 -9.97 20.41
N GLU A 101 1.98 -9.97 20.89
CA GLU A 101 2.65 -11.24 21.29
C GLU A 101 1.88 -11.97 22.37
N LYS A 102 1.41 -11.25 23.39
CA LYS A 102 0.60 -11.86 24.46
C LYS A 102 -0.74 -12.43 23.95
N VAL A 103 -1.36 -11.73 23.01
CA VAL A 103 -2.60 -12.22 22.42
C VAL A 103 -2.40 -13.55 21.66
N VAL A 104 -1.38 -13.59 20.83
CA VAL A 104 -1.06 -14.80 20.09
C VAL A 104 -0.62 -15.93 21.03
N LYS A 105 0.06 -15.61 22.12
CA LYS A 105 0.52 -16.62 23.09
C LYS A 105 -0.64 -17.45 23.67
N THR A 106 -1.80 -16.83 23.87
CA THR A 106 -2.99 -17.55 24.29
C THR A 106 -3.38 -18.69 23.32
N ALA A 107 -3.33 -18.43 22.02
CA ALA A 107 -3.58 -19.48 21.03
C ALA A 107 -2.54 -20.61 21.14
N LEU A 108 -1.28 -20.23 21.31
CA LEU A 108 -0.18 -21.20 21.45
C LEU A 108 -0.32 -22.03 22.70
N ASP A 109 -0.67 -21.38 23.80
CA ASP A 109 -0.86 -22.03 25.09
C ASP A 109 -2.10 -22.96 25.13
N ALA A 110 -3.23 -22.45 24.65
CA ALA A 110 -4.48 -23.22 24.68
C ALA A 110 -4.54 -24.33 23.64
N PHE A 111 -4.11 -24.03 22.42
CA PHE A 111 -4.32 -24.96 21.31
C PHE A 111 -3.04 -25.43 20.58
N GLY A 112 -1.90 -24.81 20.88
CA GLY A 112 -0.61 -25.27 20.36
C GLY A 112 -0.21 -24.78 18.97
N ARG A 113 -0.99 -23.86 18.41
CA ARG A 113 -0.76 -23.31 17.07
C ARG A 113 -1.70 -22.12 16.81
N ILE A 114 -1.44 -21.38 15.72
CA ILE A 114 -2.31 -20.31 15.26
C ILE A 114 -2.39 -20.41 13.75
N ASP A 115 -3.61 -20.37 13.21
CA ASP A 115 -3.87 -20.68 11.80
C ASP A 115 -4.57 -19.53 11.09
N VAL A 116 -5.51 -18.88 11.78
CA VAL A 116 -6.27 -17.74 11.22
C VAL A 116 -6.28 -16.54 12.17
N VAL A 117 -5.96 -15.35 11.65
CA VAL A 117 -5.97 -14.12 12.46
C VAL A 117 -6.91 -13.09 11.85
N VAL A 118 -7.94 -12.70 12.58
CA VAL A 118 -8.84 -11.67 12.09
C VAL A 118 -8.57 -10.44 12.96
N ASN A 119 -7.88 -9.47 12.34
CA ASN A 119 -7.56 -8.20 13.00
C ASN A 119 -8.79 -7.28 12.93
N ASN A 120 -9.53 -7.18 14.03
CA ASN A 120 -10.81 -6.49 14.05
C ASN A 120 -10.93 -5.39 15.12
N ALA A 121 -10.13 -5.54 16.19
CA ALA A 121 -10.13 -4.60 17.30
C ALA A 121 -10.00 -3.16 16.81
N GLY A 122 -10.83 -2.29 17.38
CA GLY A 122 -10.79 -0.87 17.01
C GLY A 122 -11.64 0.03 17.86
N ILE A 123 -11.33 1.31 17.81
CA ILE A 123 -11.96 2.38 18.59
C ILE A 123 -12.14 3.63 17.70
N LEU A 124 -12.89 4.62 18.19
CA LEU A 124 -13.09 5.88 17.46
C LEU A 124 -12.69 7.11 18.28
N ARG A 125 -12.09 8.08 17.60
CA ARG A 125 -11.77 9.37 18.16
C ARG A 125 -12.10 10.46 17.12
N ASP A 126 -13.38 10.54 16.76
CA ASP A 126 -13.87 11.54 15.79
C ASP A 126 -13.61 12.97 16.27
N ARG A 127 -13.05 13.79 15.37
CA ARG A 127 -12.71 15.17 15.65
C ARG A 127 -12.25 15.87 14.38
N SER A 128 -12.67 17.12 14.24
CA SER A 128 -12.21 17.99 13.17
C SER A 128 -10.68 18.09 13.21
N PHE A 129 -10.03 18.29 12.06
CA PHE A 129 -8.58 18.09 11.96
C PHE A 129 -7.73 18.90 12.96
N ALA A 130 -7.98 20.20 13.03
CA ALA A 130 -7.28 21.09 13.96
C ALA A 130 -7.45 20.68 15.44
N ARG A 131 -8.51 19.93 15.71
CA ARG A 131 -8.89 19.53 17.05
C ARG A 131 -8.40 18.12 17.45
N ILE A 132 -7.78 17.39 16.52
CA ILE A 132 -7.19 16.08 16.85
C ILE A 132 -5.96 16.31 17.74
N SER A 133 -6.01 15.85 18.99
CA SER A 133 -4.85 15.92 19.89
C SER A 133 -3.82 14.84 19.56
N ASP A 134 -2.64 14.95 20.17
CA ASP A 134 -1.60 13.93 19.99
C ASP A 134 -2.09 12.58 20.51
N GLU A 135 -2.76 12.59 21.65
CA GLU A 135 -3.35 11.39 22.23
C GLU A 135 -4.47 10.78 21.34
N ASP A 136 -5.35 11.60 20.76
CA ASP A 136 -6.31 11.08 19.77
C ASP A 136 -5.62 10.32 18.63
N TRP A 137 -4.54 10.90 18.10
CA TRP A 137 -3.81 10.29 17.00
C TRP A 137 -3.13 9.02 17.46
N ASP A 138 -2.31 9.13 18.52
CA ASP A 138 -1.51 7.99 18.95
C ASP A 138 -2.35 6.76 19.35
N ILE A 139 -3.43 6.96 20.12
CA ILE A 139 -4.31 5.84 20.50
C ILE A 139 -4.98 5.14 19.31
N ILE A 140 -5.43 5.90 18.31
CA ILE A 140 -6.08 5.29 17.14
C ILE A 140 -5.03 4.48 16.37
N HIS A 141 -3.85 5.06 16.20
CA HIS A 141 -2.80 4.39 15.45
C HIS A 141 -2.17 3.20 16.18
N ARG A 142 -2.05 3.29 17.51
CA ARG A 142 -1.59 2.16 18.36
C ARG A 142 -2.53 0.95 18.31
N VAL A 143 -3.83 1.20 18.31
CA VAL A 143 -4.81 0.14 18.39
C VAL A 143 -5.03 -0.46 16.99
N HIS A 144 -5.41 0.37 16.03
CA HIS A 144 -5.80 -0.12 14.71
C HIS A 144 -4.62 -0.67 13.95
N LEU A 145 -3.60 0.17 13.76
CA LEU A 145 -2.50 -0.09 12.84
C LEU A 145 -1.35 -0.82 13.51
N ARG A 146 -0.77 -0.23 14.54
CA ARG A 146 0.31 -0.88 15.26
C ARG A 146 -0.17 -2.17 15.95
N GLY A 147 -1.44 -2.19 16.35
CA GLY A 147 -2.04 -3.36 16.98
C GLY A 147 -2.12 -4.53 16.00
N SER A 148 -2.75 -4.33 14.84
CA SER A 148 -2.76 -5.35 13.80
C SER A 148 -1.32 -5.82 13.44
N PHE A 149 -0.38 -4.89 13.34
CA PHE A 149 1.03 -5.25 13.10
C PHE A 149 1.56 -6.17 14.19
N GLN A 150 1.41 -5.79 15.46
CA GLN A 150 1.96 -6.59 16.59
C GLN A 150 1.35 -8.00 16.63
N VAL A 151 0.02 -8.09 16.44
CA VAL A 151 -0.68 -9.36 16.44
C VAL A 151 -0.19 -10.21 15.27
N THR A 152 -0.14 -9.61 14.08
CA THR A 152 0.18 -10.36 12.87
C THR A 152 1.65 -10.78 12.83
N ARG A 153 2.52 -9.89 13.29
CA ARG A 153 3.94 -10.21 13.40
C ARG A 153 4.15 -11.40 14.35
N ALA A 154 3.43 -11.41 15.47
CA ALA A 154 3.54 -12.54 16.43
C ALA A 154 3.13 -13.90 15.84
N ALA A 155 2.12 -13.89 14.96
CA ALA A 155 1.65 -15.11 14.31
C ALA A 155 2.56 -15.56 13.14
N TRP A 156 3.30 -14.61 12.55
CA TRP A 156 3.84 -14.79 11.20
C TRP A 156 4.73 -16.02 11.03
N GLU A 157 5.75 -16.14 11.87
CA GLU A 157 6.71 -17.24 11.76
C GLU A 157 6.11 -18.60 12.02
N HIS A 158 5.11 -18.64 12.91
CA HIS A 158 4.31 -19.86 13.09
C HIS A 158 3.55 -20.24 11.81
N MET A 159 2.94 -19.26 11.15
CA MET A 159 2.25 -19.51 9.87
C MET A 159 3.23 -20.00 8.77
N LYS A 160 4.40 -19.36 8.67
CA LYS A 160 5.41 -19.74 7.68
C LYS A 160 5.97 -21.15 7.89
N LYS A 161 6.21 -21.54 9.14
CA LYS A 161 6.74 -22.87 9.41
C LYS A 161 5.72 -23.99 9.11
N GLN A 162 4.46 -23.74 9.48
CA GLN A 162 3.30 -24.57 9.14
C GLN A 162 2.99 -24.60 7.65
N LYS A 163 3.39 -23.55 6.94
CA LYS A 163 2.95 -23.30 5.57
C LYS A 163 1.42 -23.17 5.46
N TYR A 164 0.82 -22.39 6.35
CA TYR A 164 -0.60 -22.10 6.33
C TYR A 164 -0.89 -20.85 7.15
N GLY A 165 -1.67 -19.93 6.58
CA GLY A 165 -2.12 -18.76 7.26
C GLY A 165 -3.25 -18.08 6.49
N ARG A 166 -4.18 -17.50 7.23
CA ARG A 166 -5.24 -16.68 6.67
C ARG A 166 -5.38 -15.48 7.58
N ILE A 167 -5.22 -14.29 7.01
CA ILE A 167 -5.25 -13.04 7.78
C ILE A 167 -6.26 -12.07 7.19
N ILE A 168 -6.97 -11.37 8.05
CA ILE A 168 -7.89 -10.33 7.64
C ILE A 168 -7.43 -9.02 8.30
N MET A 169 -7.38 -7.94 7.51
CA MET A 169 -7.27 -6.56 8.05
C MET A 169 -8.62 -5.88 7.87
N THR A 170 -8.99 -5.06 8.84
CA THR A 170 -10.25 -4.33 8.75
C THR A 170 -9.97 -2.85 8.46
N SER A 171 -10.28 -2.46 7.23
CA SER A 171 -10.17 -1.07 6.81
C SER A 171 -11.54 -0.44 6.97
N SER A 172 -11.81 0.63 6.24
CA SER A 172 -13.11 1.29 6.28
C SER A 172 -13.28 2.15 5.06
N ALA A 173 -14.54 2.42 4.71
CA ALA A 173 -14.88 3.36 3.65
C ALA A 173 -14.31 4.74 3.93
N SER A 174 -14.27 5.15 5.19
CA SER A 174 -13.67 6.43 5.51
C SER A 174 -12.16 6.48 5.15
N GLY A 175 -11.47 5.36 5.27
CA GLY A 175 -10.07 5.32 4.82
C GLY A 175 -9.98 5.33 3.29
N ILE A 176 -10.81 4.54 2.63
CA ILE A 176 -10.81 4.46 1.17
C ILE A 176 -11.25 5.77 0.49
N TYR A 177 -12.26 6.45 1.05
CA TYR A 177 -12.85 7.64 0.40
C TYR A 177 -12.57 8.96 1.13
N GLY A 178 -12.21 8.86 2.40
CA GLY A 178 -12.09 10.04 3.23
C GLY A 178 -13.43 10.37 3.83
N ASN A 179 -13.39 11.01 5.00
CA ASN A 179 -14.60 11.41 5.69
C ASN A 179 -14.33 12.57 6.64
N PHE A 180 -15.19 13.58 6.58
CA PHE A 180 -15.12 14.74 7.47
C PHE A 180 -15.02 14.30 8.93
N GLY A 181 -14.04 14.83 9.64
CA GLY A 181 -13.94 14.58 11.08
C GLY A 181 -13.30 13.26 11.46
N GLN A 182 -12.71 12.56 10.51
CA GLN A 182 -12.11 11.26 10.79
C GLN A 182 -10.71 11.08 10.19
N ALA A 183 -9.96 12.17 10.11
CA ALA A 183 -8.63 12.13 9.47
C ALA A 183 -7.67 11.15 10.14
N ASN A 184 -7.71 11.13 11.47
CA ASN A 184 -6.89 10.20 12.26
CA ASN A 184 -6.90 10.21 12.26
C ASN A 184 -7.22 8.73 11.95
N TYR A 185 -8.50 8.42 12.00
CA TYR A 185 -9.02 7.07 11.78
C TYR A 185 -8.83 6.64 10.34
N SER A 186 -9.13 7.54 9.40
CA SER A 186 -8.97 7.21 8.00
C SER A 186 -7.50 6.94 7.61
N ALA A 187 -6.58 7.70 8.20
CA ALA A 187 -5.14 7.41 8.05
C ALA A 187 -4.82 6.00 8.52
N ALA A 188 -5.22 5.66 9.75
CA ALA A 188 -4.96 4.32 10.30
C ALA A 188 -5.60 3.21 9.45
N LYS A 189 -6.85 3.44 9.00
CA LYS A 189 -7.59 2.42 8.24
C LYS A 189 -7.01 2.15 6.85
N LEU A 190 -6.54 3.18 6.17
CA LEU A 190 -5.87 2.93 4.90
C LEU A 190 -4.41 2.44 5.08
N GLY A 191 -3.78 2.80 6.19
CA GLY A 191 -2.47 2.23 6.57
C GLY A 191 -2.58 0.73 6.65
N LEU A 192 -3.68 0.21 7.25
CA LEU A 192 -3.91 -1.23 7.31
C LEU A 192 -3.92 -1.89 5.94
N LEU A 193 -4.52 -1.23 4.95
CA LEU A 193 -4.53 -1.77 3.59
C LEU A 193 -3.10 -1.83 3.06
N GLY A 194 -2.33 -0.78 3.32
CA GLY A 194 -0.92 -0.73 2.91
C GLY A 194 -0.14 -1.90 3.49
N LEU A 195 -0.40 -2.21 4.76
CA LEU A 195 0.18 -3.37 5.41
C LEU A 195 -0.29 -4.66 4.73
N ALA A 196 -1.59 -4.77 4.46
CA ALA A 196 -2.13 -5.94 3.73
C ALA A 196 -1.52 -6.16 2.35
N ASN A 197 -1.28 -5.07 1.62
CA ASN A 197 -0.71 -5.17 0.27
C ASN A 197 0.63 -5.89 0.27
N SER A 198 1.44 -5.62 1.29
CA SER A 198 2.78 -6.20 1.39
C SER A 198 2.78 -7.62 1.96
N LEU A 199 1.95 -7.87 2.96
CA LEU A 199 1.78 -9.22 3.52
C LEU A 199 1.30 -10.24 2.50
N ALA A 200 0.34 -9.85 1.66
CA ALA A 200 -0.10 -10.69 0.56
C ALA A 200 1.08 -11.19 -0.27
N ILE A 201 2.02 -10.29 -0.56
CA ILE A 201 3.18 -10.61 -1.38
C ILE A 201 4.14 -11.54 -0.63
N GLU A 202 4.44 -11.21 0.63
CA GLU A 202 5.38 -11.98 1.44
C GLU A 202 4.86 -13.37 1.85
N GLY A 203 3.54 -13.49 2.01
CA GLY A 203 2.94 -14.73 2.46
C GLY A 203 2.66 -15.77 1.39
N ARG A 204 2.39 -15.29 0.18
CA ARG A 204 1.89 -16.07 -0.95
C ARG A 204 2.52 -17.48 -1.13
N LYS A 205 3.85 -17.55 -1.23
CA LYS A 205 4.53 -18.80 -1.51
C LYS A 205 4.48 -19.78 -0.32
N SER A 206 4.06 -19.26 0.83
CA SER A 206 3.94 -20.05 2.04
C SER A 206 2.48 -20.43 2.36
N ASN A 207 1.57 -20.23 1.39
CA ASN A 207 0.11 -20.49 1.61
C ASN A 207 -0.42 -19.66 2.78
N ILE A 208 0.05 -18.43 2.88
CA ILE A 208 -0.44 -17.42 3.81
C ILE A 208 -1.11 -16.32 3.00
N HIS A 209 -2.40 -16.13 3.19
CA HIS A 209 -3.14 -15.11 2.48
C HIS A 209 -3.52 -13.98 3.41
N CYS A 210 -3.49 -12.76 2.89
CA CYS A 210 -3.97 -11.59 3.64
C CYS A 210 -4.99 -10.86 2.75
N ASN A 211 -6.16 -10.57 3.29
CA ASN A 211 -7.15 -9.77 2.55
C ASN A 211 -7.71 -8.69 3.49
N THR A 212 -8.36 -7.69 2.91
CA THR A 212 -8.83 -6.54 3.66
C THR A 212 -10.29 -6.32 3.34
N ILE A 213 -11.03 -5.96 4.38
CA ILE A 213 -12.44 -5.73 4.23
C ILE A 213 -12.72 -4.32 4.71
N ALA A 214 -13.78 -3.73 4.16
CA ALA A 214 -14.33 -2.46 4.60
C ALA A 214 -15.82 -2.69 4.88
N PRO A 215 -16.14 -3.06 6.13
CA PRO A 215 -17.48 -3.49 6.49
C PRO A 215 -18.46 -2.38 6.83
N ASN A 216 -19.74 -2.73 6.88
CA ASN A 216 -20.82 -1.84 7.30
C ASN A 216 -21.77 -2.61 8.20
N ALA A 217 -21.83 -2.22 9.47
CA ALA A 217 -22.61 -2.96 10.46
C ALA A 217 -23.06 -2.04 11.59
N GLY A 218 -24.28 -2.27 12.07
CA GLY A 218 -24.75 -1.61 13.29
C GLY A 218 -24.02 -2.15 14.51
N SER A 219 -23.46 -1.24 15.33
CA SER A 219 -22.74 -1.61 16.55
C SER A 219 -22.67 -0.37 17.44
N ARG A 220 -22.01 -0.49 18.58
CA ARG A 220 -21.89 0.64 19.50
C ARG A 220 -21.10 1.78 18.82
N MET A 221 -20.20 1.41 17.92
CA MET A 221 -19.39 2.35 17.19
C MET A 221 -20.21 3.20 16.20
N THR A 222 -21.22 2.59 15.62
CA THR A 222 -21.93 3.22 14.54
C THR A 222 -23.29 3.81 14.97
N GLN A 223 -23.69 3.51 16.21
CA GLN A 223 -24.90 4.05 16.85
C GLN A 223 -24.98 5.58 16.79
N THR A 224 -23.84 6.24 16.87
CA THR A 224 -23.78 7.70 16.85
C THR A 224 -24.19 8.31 15.51
N VAL A 225 -23.89 7.61 14.42
CA VAL A 225 -24.15 8.15 13.08
C VAL A 225 -25.35 7.53 12.36
N MET A 226 -25.87 6.42 12.88
CA MET A 226 -27.03 5.74 12.25
C MET A 226 -28.25 5.74 13.13
N PRO A 227 -29.44 5.92 12.51
CA PRO A 227 -30.71 5.75 13.23
C PRO A 227 -30.86 4.33 13.79
N GLU A 228 -31.63 4.22 14.87
CA GLU A 228 -31.79 2.98 15.63
C GLU A 228 -32.23 1.77 14.78
N ASP A 229 -33.22 2.00 13.90
CA ASP A 229 -33.75 0.97 13.00
C ASP A 229 -32.70 0.46 12.01
N LEU A 230 -31.80 1.35 11.59
CA LEU A 230 -30.70 1.00 10.70
C LEU A 230 -29.65 0.15 11.42
N VAL A 231 -29.28 0.55 12.63
CA VAL A 231 -28.33 -0.22 13.47
C VAL A 231 -28.79 -1.67 13.62
N GLU A 232 -30.10 -1.86 13.84
CA GLU A 232 -30.67 -3.20 13.96
C GLU A 232 -30.67 -3.95 12.63
N ALA A 233 -30.91 -3.24 11.52
CA ALA A 233 -31.04 -3.87 10.21
C ALA A 233 -29.69 -4.28 9.59
N LEU A 234 -28.67 -3.45 9.79
CA LEU A 234 -27.36 -3.70 9.22
C LEU A 234 -26.56 -4.67 10.11
N LYS A 235 -26.89 -5.96 10.01
CA LYS A 235 -26.34 -6.94 10.93
C LYS A 235 -24.90 -7.28 10.61
N PRO A 236 -24.06 -7.38 11.66
CA PRO A 236 -22.68 -7.89 11.48
C PRO A 236 -22.66 -9.32 10.95
N GLU A 237 -23.75 -10.06 11.15
CA GLU A 237 -23.90 -11.42 10.61
C GLU A 237 -23.93 -11.42 9.08
N TYR A 238 -24.11 -10.24 8.48
CA TYR A 238 -24.05 -10.13 7.02
C TYR A 238 -22.62 -9.96 6.51
N VAL A 239 -21.68 -9.74 7.42
CA VAL A 239 -20.28 -9.59 7.08
C VAL A 239 -19.48 -10.88 7.35
N ALA A 240 -19.80 -11.55 8.45
CA ALA A 240 -19.16 -12.83 8.83
C ALA A 240 -19.00 -13.85 7.68
N PRO A 241 -20.05 -14.06 6.85
CA PRO A 241 -19.84 -15.03 5.75
C PRO A 241 -18.67 -14.71 4.81
N LEU A 242 -18.38 -13.42 4.58
CA LEU A 242 -17.22 -13.08 3.75
C LEU A 242 -15.91 -13.41 4.48
N VAL A 243 -15.84 -13.03 5.75
CA VAL A 243 -14.66 -13.29 6.55
C VAL A 243 -14.34 -14.80 6.63
N LEU A 244 -15.35 -15.63 6.86
CA LEU A 244 -15.13 -17.07 6.91
C LEU A 244 -14.65 -17.61 5.57
N TRP A 245 -15.27 -17.20 4.46
CA TRP A 245 -14.78 -17.63 3.14
C TRP A 245 -13.32 -17.22 2.91
N LEU A 246 -12.97 -15.94 3.15
CA LEU A 246 -11.60 -15.47 2.91
C LEU A 246 -10.57 -16.14 3.81
N CYS A 247 -11.03 -16.72 4.93
CA CYS A 247 -10.17 -17.40 5.89
C CYS A 247 -10.20 -18.91 5.74
N HIS A 248 -10.90 -19.40 4.72
CA HIS A 248 -10.98 -20.86 4.54
C HIS A 248 -9.76 -21.42 3.82
N GLU A 249 -9.43 -22.67 4.09
CA GLU A 249 -8.31 -23.33 3.40
C GLU A 249 -8.47 -23.42 1.86
N SER A 250 -9.71 -23.49 1.37
CA SER A 250 -9.95 -23.64 -0.06
C SER A 250 -9.97 -22.29 -0.79
N CYS A 251 -9.94 -21.20 -0.03
CA CYS A 251 -9.92 -19.86 -0.64
C CYS A 251 -8.56 -19.55 -1.22
N GLU A 252 -8.57 -19.10 -2.48
CA GLU A 252 -7.36 -18.69 -3.19
C GLU A 252 -7.18 -17.17 -3.21
N GLU A 253 -8.19 -16.42 -2.78
CA GLU A 253 -8.08 -14.97 -2.81
C GLU A 253 -6.96 -14.48 -1.90
N ASN A 254 -6.13 -13.59 -2.43
CA ASN A 254 -5.01 -13.03 -1.69
C ASN A 254 -4.78 -11.58 -2.12
N GLY A 255 -4.64 -10.65 -1.15
CA GLY A 255 -4.38 -9.25 -1.46
C GLY A 255 -5.59 -8.47 -1.99
N GLY A 256 -6.80 -8.97 -1.77
CA GLY A 256 -7.99 -8.27 -2.23
C GLY A 256 -8.53 -7.27 -1.20
N LEU A 257 -9.37 -6.36 -1.70
CA LEU A 257 -10.02 -5.38 -0.88
C LEU A 257 -11.51 -5.43 -1.20
N PHE A 258 -12.33 -5.65 -0.15
CA PHE A 258 -13.75 -5.85 -0.33
C PHE A 258 -14.58 -4.92 0.53
N GLU A 259 -15.64 -4.37 -0.07
CA GLU A 259 -16.66 -3.63 0.66
C GLU A 259 -17.84 -4.56 0.84
N VAL A 260 -18.48 -4.45 2.00
CA VAL A 260 -19.42 -5.49 2.45
C VAL A 260 -20.40 -4.98 3.49
N GLY A 261 -21.66 -5.33 3.31
CA GLY A 261 -22.74 -4.91 4.19
C GLY A 261 -24.09 -5.25 3.60
N ALA A 262 -25.08 -5.44 4.48
CA ALA A 262 -26.49 -5.63 4.09
C ALA A 262 -26.79 -6.96 3.40
N GLY A 263 -25.75 -7.71 3.04
CA GLY A 263 -25.91 -8.98 2.30
C GLY A 263 -25.26 -8.90 0.94
N TRP A 264 -24.61 -7.77 0.69
CA TRP A 264 -23.93 -7.48 -0.57
C TRP A 264 -22.43 -7.53 -0.36
N ILE A 265 -21.70 -7.97 -1.37
CA ILE A 265 -20.22 -7.85 -1.41
C ILE A 265 -19.74 -7.30 -2.76
N GLY A 266 -18.77 -6.37 -2.71
CA GLY A 266 -18.02 -5.96 -3.90
C GLY A 266 -16.50 -5.90 -3.72
N LYS A 267 -15.78 -5.83 -4.84
CA LYS A 267 -14.32 -5.78 -4.78
C LYS A 267 -13.82 -4.47 -5.38
N LEU A 268 -12.74 -3.93 -4.83
CA LEU A 268 -12.15 -2.68 -5.33
C LEU A 268 -10.77 -2.92 -5.92
N ARG A 269 -10.44 -2.16 -6.96
CA ARG A 269 -9.09 -2.15 -7.53
C ARG A 269 -8.74 -0.76 -8.02
N TRP A 270 -7.44 -0.51 -8.12
CA TRP A 270 -6.94 0.71 -8.71
C TRP A 270 -7.08 0.67 -10.23
N GLU A 271 -7.52 1.78 -10.82
CA GLU A 271 -7.27 2.01 -12.21
C GLU A 271 -6.42 3.25 -12.39
N ARG A 272 -5.67 3.29 -13.49
CA ARG A 272 -4.62 4.28 -13.64
C ARG A 272 -4.69 4.82 -15.05
N THR A 273 -4.76 6.14 -15.18
CA THR A 273 -4.84 6.76 -16.52
C THR A 273 -3.61 6.41 -17.35
N LEU A 274 -3.83 6.33 -18.66
CA LEU A 274 -2.71 6.25 -19.58
C LEU A 274 -1.75 7.44 -19.35
N GLY A 275 -2.30 8.59 -18.96
CA GLY A 275 -1.49 9.74 -18.55
C GLY A 275 -0.91 10.53 -19.72
N ALA A 276 0.08 11.37 -19.42
CA ALA A 276 0.74 12.14 -20.45
C ALA A 276 2.24 12.20 -20.18
N ILE A 277 3.02 12.02 -21.25
CA ILE A 277 4.44 12.30 -21.23
C ILE A 277 4.52 13.78 -21.56
N VAL A 278 4.89 14.59 -20.56
CA VAL A 278 4.87 16.05 -20.76
C VAL A 278 6.26 16.62 -20.99
N ARG A 279 7.30 15.85 -20.68
CA ARG A 279 8.66 16.26 -20.96
C ARG A 279 9.03 15.95 -22.40
N GLN A 280 9.70 16.90 -23.04
CA GLN A 280 10.30 16.71 -24.37
C GLN A 280 11.81 16.63 -24.23
N LYS A 281 12.45 15.86 -25.11
CA LYS A 281 13.91 15.80 -25.17
C LYS A 281 14.49 17.19 -25.42
N ASN A 282 15.49 17.49 -24.60
CA ASN A 282 16.25 18.74 -24.59
C ASN A 282 15.53 20.02 -24.11
N HIS A 283 14.32 19.87 -23.59
CA HIS A 283 13.55 21.00 -23.07
C HIS A 283 13.28 20.76 -21.59
N PRO A 284 13.49 21.78 -20.76
CA PRO A 284 13.12 21.59 -19.35
C PRO A 284 11.62 21.32 -19.17
N MET A 285 11.30 20.39 -18.27
CA MET A 285 9.91 20.10 -17.92
C MET A 285 9.40 21.23 -17.03
N THR A 286 8.25 21.81 -17.43
CA THR A 286 7.69 22.98 -16.75
C THR A 286 6.33 22.68 -16.13
N PRO A 287 5.97 23.41 -15.06
CA PRO A 287 4.61 23.26 -14.53
C PRO A 287 3.55 23.74 -15.53
N GLU A 288 3.92 24.66 -16.44
CA GLU A 288 3.01 25.11 -17.49
C GLU A 288 2.62 23.96 -18.42
N ALA A 289 3.55 23.03 -18.67
CA ALA A 289 3.24 21.92 -19.56
C ALA A 289 2.35 20.89 -18.84
N VAL A 290 2.55 20.73 -17.53
CA VAL A 290 1.66 19.90 -16.71
C VAL A 290 0.24 20.46 -16.80
N LYS A 291 0.12 21.77 -16.57
CA LYS A 291 -1.17 22.44 -16.60
C LYS A 291 -1.88 22.29 -17.97
N ALA A 292 -1.13 22.53 -19.03
CA ALA A 292 -1.64 22.43 -20.39
C ALA A 292 -2.10 21.02 -20.76
N ASN A 293 -1.49 20.00 -20.16
CA ASN A 293 -1.88 18.61 -20.40
C ASN A 293 -2.76 17.95 -19.33
N TRP A 294 -3.37 18.77 -18.47
CA TRP A 294 -4.08 18.29 -17.28
C TRP A 294 -5.24 17.37 -17.62
N LYS A 295 -6.00 17.72 -18.65
CA LYS A 295 -7.15 16.95 -19.07
C LYS A 295 -6.72 15.55 -19.47
N LYS A 296 -5.68 15.47 -20.29
CA LYS A 296 -5.12 14.20 -20.72
C LYS A 296 -4.60 13.39 -19.54
N ILE A 297 -3.84 14.02 -18.65
CA ILE A 297 -3.30 13.34 -17.45
C ILE A 297 -4.42 12.71 -16.61
N CYS A 298 -5.53 13.43 -16.50
CA CYS A 298 -6.68 13.02 -15.68
C CYS A 298 -7.75 12.17 -16.39
N ASP A 299 -7.57 11.91 -17.69
CA ASP A 299 -8.55 11.18 -18.51
C ASP A 299 -8.47 9.65 -18.32
N PHE A 300 -9.55 9.08 -17.77
CA PHE A 300 -9.58 7.65 -17.44
C PHE A 300 -10.04 6.69 -18.55
N GLU A 301 -10.35 7.23 -19.73
CA GLU A 301 -10.70 6.41 -20.88
C GLU A 301 -9.53 5.47 -21.23
N ASN A 302 -9.84 4.17 -21.33
CA ASN A 302 -8.83 3.12 -21.53
C ASN A 302 -7.73 3.05 -20.47
N ALA A 303 -8.09 3.41 -19.24
CA ALA A 303 -7.18 3.36 -18.09
C ALA A 303 -6.69 1.95 -17.90
N SER A 304 -5.43 1.79 -17.49
CA SER A 304 -4.92 0.46 -17.21
C SER A 304 -5.32 0.01 -15.81
N LYS A 305 -5.04 -1.27 -15.54
CA LYS A 305 -5.40 -1.91 -14.29
C LYS A 305 -4.16 -2.58 -13.66
N PRO A 306 -3.30 -1.76 -13.04
CA PRO A 306 -1.97 -2.20 -12.62
C PRO A 306 -1.99 -3.24 -11.50
N GLN A 307 -1.25 -4.33 -11.68
CA GLN A 307 -1.33 -5.45 -10.75
C GLN A 307 -0.23 -5.50 -9.70
N SER A 308 0.88 -4.79 -9.93
CA SER A 308 2.03 -4.85 -9.00
C SER A 308 2.95 -3.65 -9.18
N ILE A 309 3.85 -3.46 -8.22
CA ILE A 309 4.83 -2.38 -8.22
C ILE A 309 5.73 -2.45 -9.46
N GLN A 310 6.17 -3.66 -9.81
CA GLN A 310 6.98 -3.94 -11.00
C GLN A 310 6.35 -3.32 -12.23
N GLU A 311 5.05 -3.56 -12.39
CA GLU A 311 4.30 -3.12 -13.56
C GLU A 311 4.29 -1.60 -13.69
N SER A 312 4.00 -0.89 -12.59
CA SER A 312 3.98 0.58 -12.61
C SER A 312 5.38 1.15 -12.78
N THR A 313 6.28 0.73 -11.90
CA THR A 313 7.70 1.11 -11.92
C THR A 313 8.34 0.88 -13.28
N GLY A 314 8.15 -0.32 -13.82
CA GLY A 314 8.74 -0.72 -15.09
C GLY A 314 8.31 0.16 -16.24
N SER A 315 7.02 0.49 -16.29
CA SER A 315 6.52 1.29 -17.39
C SER A 315 6.96 2.77 -17.31
N ILE A 316 7.12 3.26 -16.08
CA ILE A 316 7.66 4.60 -15.83
C ILE A 316 9.13 4.71 -16.28
N ILE A 317 9.95 3.73 -15.90
CA ILE A 317 11.35 3.65 -16.35
C ILE A 317 11.45 3.61 -17.87
N GLU A 318 10.58 2.84 -18.50
CA GLU A 318 10.51 2.75 -19.95
C GLU A 318 10.26 4.10 -20.63
N VAL A 319 9.63 5.04 -19.91
CA VAL A 319 9.39 6.38 -20.50
C VAL A 319 10.69 7.13 -20.78
N LEU A 320 11.73 6.90 -19.97
CA LEU A 320 13.04 7.50 -20.21
C LEU A 320 13.56 7.23 -21.62
N SER A 321 13.58 5.95 -22.00
CA SER A 321 14.04 5.56 -23.33
C SER A 321 13.10 6.04 -24.44
N LYS A 322 11.80 6.10 -24.15
CA LYS A 322 10.81 6.62 -25.10
C LYS A 322 11.08 8.08 -25.49
N ILE A 323 11.46 8.89 -24.50
CA ILE A 323 11.82 10.30 -24.72
C ILE A 323 13.13 10.44 -25.53
N ASP A 324 14.12 9.62 -25.21
CA ASP A 324 15.40 9.55 -25.94
C ASP A 324 15.30 9.08 -27.39
N SER A 325 14.25 8.33 -27.70
CA SER A 325 14.12 7.70 -29.01
C SER A 325 13.68 8.69 -30.09
N SER B 24 0.42 32.41 -19.52
CA SER B 24 1.09 33.21 -18.45
C SER B 24 1.84 32.29 -17.45
N PRO B 25 3.11 32.63 -17.13
CA PRO B 25 3.91 31.75 -16.26
C PRO B 25 3.30 31.55 -14.86
N LEU B 26 3.43 30.34 -14.33
CA LEU B 26 2.89 30.04 -13.02
C LEU B 26 3.88 30.48 -11.92
N ARG B 27 3.52 31.56 -11.22
CA ARG B 27 4.42 32.17 -10.23
C ARG B 27 3.98 31.88 -8.79
N PHE B 28 4.90 32.13 -7.85
CA PHE B 28 4.64 31.92 -6.43
C PHE B 28 5.06 33.15 -5.62
N ASP B 29 5.17 34.29 -6.27
CA ASP B 29 5.64 35.51 -5.61
C ASP B 29 4.75 35.80 -4.39
N GLY B 30 5.40 35.99 -3.23
CA GLY B 30 4.67 36.26 -1.99
C GLY B 30 4.00 35.06 -1.30
N ARG B 31 4.26 33.84 -1.78
CA ARG B 31 3.69 32.64 -1.16
C ARG B 31 4.75 31.96 -0.32
N VAL B 32 4.39 31.70 0.94
CA VAL B 32 5.30 30.99 1.84
C VAL B 32 5.10 29.49 1.65
N VAL B 33 6.18 28.83 1.28
CA VAL B 33 6.14 27.45 0.88
C VAL B 33 7.06 26.72 1.83
N LEU B 34 6.52 25.74 2.55
CA LEU B 34 7.34 24.85 3.36
C LEU B 34 7.58 23.52 2.65
N VAL B 35 8.84 23.12 2.55
CA VAL B 35 9.14 21.78 2.06
C VAL B 35 9.92 21.05 3.16
N THR B 36 9.37 19.94 3.64
CA THR B 36 10.06 19.13 4.66
C THR B 36 11.01 18.17 3.96
N GLY B 37 12.13 17.86 4.59
CA GLY B 37 13.13 17.01 3.95
C GLY B 37 13.74 17.62 2.69
N ALA B 38 13.97 18.94 2.72
CA ALA B 38 14.41 19.68 1.52
C ALA B 38 15.93 19.76 1.32
N GLY B 39 16.67 19.04 2.15
CA GLY B 39 18.13 18.96 2.01
C GLY B 39 18.67 18.10 0.88
N ALA B 40 17.88 17.18 0.34
CA ALA B 40 18.34 16.30 -0.75
C ALA B 40 17.17 15.84 -1.60
N GLY B 41 17.50 15.18 -2.71
CA GLY B 41 16.52 14.42 -3.50
C GLY B 41 15.33 15.22 -3.97
N LEU B 42 14.14 14.67 -3.80
CA LEU B 42 12.93 15.30 -4.29
C LEU B 42 12.66 16.64 -3.61
N GLY B 43 12.86 16.71 -2.29
CA GLY B 43 12.55 17.93 -1.54
C GLY B 43 13.45 19.07 -1.98
N ARG B 44 14.73 18.75 -2.17
CA ARG B 44 15.67 19.72 -2.70
C ARG B 44 15.23 20.27 -4.06
N ALA B 45 14.89 19.39 -4.99
CA ALA B 45 14.33 19.79 -6.27
C ALA B 45 13.09 20.68 -6.11
N TYR B 46 12.17 20.32 -5.21
CA TYR B 46 10.98 21.15 -4.97
C TYR B 46 11.36 22.56 -4.50
N ALA B 47 12.28 22.63 -3.55
CA ALA B 47 12.58 23.88 -2.89
C ALA B 47 13.17 24.87 -3.88
N LEU B 48 14.07 24.37 -4.72
CA LEU B 48 14.70 25.16 -5.78
C LEU B 48 13.68 25.62 -6.80
N ALA B 49 12.80 24.73 -7.21
CA ALA B 49 11.85 25.04 -8.26
C ALA B 49 10.85 26.11 -7.76
N PHE B 50 10.37 25.99 -6.53
CA PHE B 50 9.51 27.02 -5.92
C PHE B 50 10.21 28.40 -5.80
N ALA B 51 11.45 28.41 -5.29
CA ALA B 51 12.18 29.66 -5.02
C ALA B 51 12.50 30.42 -6.31
N GLU B 52 12.74 29.66 -7.37
CA GLU B 52 12.98 30.21 -8.68
C GLU B 52 11.72 30.93 -9.22
N ARG B 53 10.52 30.53 -8.76
CA ARG B 53 9.26 31.18 -9.17
CA ARG B 53 9.29 31.20 -9.18
C ARG B 53 8.77 32.20 -8.13
N GLY B 54 9.67 32.61 -7.23
CA GLY B 54 9.42 33.73 -6.31
C GLY B 54 8.87 33.40 -4.93
N ALA B 55 8.74 32.11 -4.64
CA ALA B 55 8.25 31.66 -3.35
C ALA B 55 9.23 31.99 -2.21
N LEU B 56 8.68 32.38 -1.06
CA LEU B 56 9.44 32.47 0.17
C LEU B 56 9.50 31.07 0.75
N VAL B 57 10.68 30.47 0.73
CA VAL B 57 10.79 29.03 1.00
C VAL B 57 11.33 28.73 2.38
N VAL B 58 10.63 27.86 3.11
CA VAL B 58 11.23 27.26 4.31
C VAL B 58 11.81 25.91 3.97
N VAL B 59 13.13 25.81 4.11
CA VAL B 59 13.86 24.60 3.82
C VAL B 59 14.05 23.82 5.11
N ASN B 60 13.19 22.81 5.31
CA ASN B 60 13.34 21.95 6.45
C ASN B 60 14.21 20.72 6.16
N ASP B 61 15.12 20.43 7.07
CA ASP B 61 15.79 19.14 7.08
C ASP B 61 16.43 18.84 8.41
N LEU B 62 16.18 17.63 8.91
CA LEU B 62 16.87 17.16 10.13
C LEU B 62 18.36 17.01 9.91
N GLY B 63 18.73 16.66 8.68
CA GLY B 63 20.13 16.49 8.30
C GLY B 63 20.80 15.19 8.73
N GLY B 64 20.01 14.14 8.91
CA GLY B 64 20.51 12.80 9.23
C GLY B 64 20.55 11.90 8.02
N ASP B 65 20.82 10.61 8.22
CA ASP B 65 20.92 9.71 7.07
C ASP B 65 19.56 9.12 6.68
N PHE B 66 19.53 8.30 5.64
CA PHE B 66 18.23 7.84 5.09
C PHE B 66 17.60 6.67 5.88
N LYS B 67 18.29 6.26 6.93
CA LYS B 67 17.77 5.22 7.82
C LYS B 67 17.27 5.80 9.15
N GLY B 68 17.28 7.13 9.28
CA GLY B 68 16.79 7.79 10.48
C GLY B 68 17.81 7.95 11.59
N VAL B 69 19.09 7.91 11.24
CA VAL B 69 20.16 8.16 12.24
C VAL B 69 20.89 9.46 11.95
N GLY B 70 21.03 10.29 12.99
CA GLY B 70 21.83 11.51 12.93
C GLY B 70 21.02 12.78 12.74
N LYS B 71 21.72 13.91 12.78
CA LYS B 71 21.13 15.25 12.69
C LYS B 71 22.26 16.22 12.39
N GLY B 72 21.94 17.28 11.64
CA GLY B 72 22.93 18.30 11.30
C GLY B 72 22.29 19.49 10.59
N SER B 73 22.93 20.65 10.73
CA SER B 73 22.48 21.89 10.12
C SER B 73 22.87 21.97 8.65
N LEU B 74 23.91 21.20 8.28
CA LEU B 74 24.54 21.32 6.97
C LEU B 74 23.60 21.09 5.81
N ALA B 75 22.79 20.03 5.90
CA ALA B 75 21.88 19.65 4.84
C ALA B 75 20.87 20.77 4.44
N ALA B 76 20.17 21.35 5.41
CA ALA B 76 19.29 22.48 5.11
C ALA B 76 20.04 23.77 4.71
N ASP B 77 21.16 24.05 5.36
CA ASP B 77 21.97 25.26 5.11
C ASP B 77 22.55 25.32 3.68
N LYS B 78 23.00 24.19 3.15
CA LYS B 78 23.49 24.10 1.77
C LYS B 78 22.41 24.46 0.75
N VAL B 79 21.17 24.08 1.05
CA VAL B 79 20.07 24.37 0.09
C VAL B 79 19.61 25.83 0.16
N VAL B 80 19.51 26.36 1.38
CA VAL B 80 19.23 27.78 1.58
C VAL B 80 20.26 28.64 0.83
N GLU B 81 21.55 28.30 0.96
CA GLU B 81 22.62 28.98 0.25
C GLU B 81 22.45 28.93 -1.27
N GLU B 82 22.18 27.74 -1.81
CA GLU B 82 21.95 27.58 -3.24
C GLU B 82 20.81 28.46 -3.72
N ILE B 83 19.69 28.45 -2.98
CA ILE B 83 18.53 29.29 -3.30
C ILE B 83 18.88 30.79 -3.35
N ARG B 84 19.60 31.26 -2.34
CA ARG B 84 19.98 32.67 -2.24
C ARG B 84 20.98 33.06 -3.33
N ARG B 85 21.93 32.18 -3.63
CA ARG B 85 22.87 32.36 -4.73
C ARG B 85 22.13 32.54 -6.07
N ARG B 86 21.04 31.81 -6.24
CA ARG B 86 20.21 31.89 -7.44
C ARG B 86 19.20 33.03 -7.38
N GLY B 87 19.30 33.86 -6.34
CA GLY B 87 18.51 35.08 -6.24
C GLY B 87 17.13 34.90 -5.67
N GLY B 88 16.89 33.76 -5.00
CA GLY B 88 15.63 33.51 -4.33
C GLY B 88 15.67 33.84 -2.85
N LYS B 89 14.53 33.69 -2.19
CA LYS B 89 14.41 33.91 -0.74
C LYS B 89 14.10 32.61 -0.02
N ALA B 90 14.86 32.32 1.04
CA ALA B 90 14.72 31.07 1.81
C ALA B 90 15.26 31.23 3.21
N VAL B 91 14.70 30.47 4.15
CA VAL B 91 15.31 30.29 5.50
C VAL B 91 15.31 28.83 5.82
N ALA B 92 16.21 28.43 6.73
CA ALA B 92 16.38 27.05 7.10
C ALA B 92 15.60 26.69 8.40
N ASN B 93 15.08 25.46 8.43
CA ASN B 93 14.62 24.88 9.68
C ASN B 93 15.29 23.53 9.92
N TYR B 94 15.75 23.30 11.15
CA TYR B 94 16.53 22.10 11.46
C TYR B 94 15.80 21.03 12.29
N ASP B 95 14.53 21.26 12.61
CA ASP B 95 13.80 20.32 13.46
C ASP B 95 13.30 19.08 12.69
N SER B 96 13.12 17.99 13.40
CA SER B 96 12.47 16.82 12.82
C SER B 96 11.00 17.12 12.65
N VAL B 97 10.41 16.61 11.58
CA VAL B 97 8.97 16.72 11.33
C VAL B 97 8.11 16.15 12.47
N GLU B 98 8.73 15.36 13.33
CA GLU B 98 8.09 14.90 14.57
C GLU B 98 7.69 16.09 15.44
N GLU B 99 8.48 17.17 15.36
CA GLU B 99 8.19 18.44 16.04
C GLU B 99 7.56 19.40 15.03
N GLY B 100 6.46 18.98 14.40
CA GLY B 100 5.84 19.74 13.31
C GLY B 100 5.46 21.17 13.59
N GLU B 101 4.99 21.42 14.81
CA GLU B 101 4.72 22.78 15.29
C GLU B 101 5.97 23.69 15.17
N LYS B 102 7.14 23.20 15.58
CA LYS B 102 8.39 23.97 15.50
C LYS B 102 8.77 24.26 14.05
N VAL B 103 8.54 23.28 13.17
CA VAL B 103 8.82 23.43 11.76
C VAL B 103 7.98 24.57 11.14
N VAL B 104 6.70 24.59 11.45
CA VAL B 104 5.81 25.60 10.89
C VAL B 104 6.08 26.97 11.56
N LYS B 105 6.57 26.95 12.80
CA LYS B 105 6.96 28.18 13.51
C LYS B 105 7.98 29.01 12.74
N THR B 106 8.93 28.34 12.09
CA THR B 106 9.95 29.02 11.29
C THR B 106 9.33 29.86 10.17
N ALA B 107 8.31 29.31 9.52
CA ALA B 107 7.58 30.06 8.48
C ALA B 107 6.90 31.28 9.06
N LEU B 108 6.27 31.11 10.22
CA LEU B 108 5.56 32.21 10.88
C LEU B 108 6.53 33.27 11.36
N ASP B 109 7.69 32.86 11.91
CA ASP B 109 8.70 33.81 12.38
C ASP B 109 9.40 34.56 11.25
N ALA B 110 9.82 33.83 10.23
CA ALA B 110 10.55 34.43 9.12
C ALA B 110 9.63 35.24 8.21
N PHE B 111 8.47 34.71 7.87
CA PHE B 111 7.65 35.32 6.82
C PHE B 111 6.25 35.76 7.27
N GLY B 112 5.82 35.32 8.45
CA GLY B 112 4.57 35.78 9.03
C GLY B 112 3.32 35.06 8.57
N ARG B 113 3.49 33.97 7.82
CA ARG B 113 2.37 33.19 7.28
C ARG B 113 2.90 31.85 6.74
N ILE B 114 1.97 30.93 6.44
CA ILE B 114 2.30 29.68 5.76
C ILE B 114 1.17 29.37 4.78
N ASP B 115 1.53 29.15 3.52
CA ASP B 115 0.57 29.04 2.41
C ASP B 115 0.58 27.66 1.75
N VAL B 116 1.78 27.08 1.66
CA VAL B 116 2.02 25.78 0.98
C VAL B 116 2.85 24.85 1.84
N VAL B 117 2.37 23.63 2.04
CA VAL B 117 3.11 22.61 2.78
C VAL B 117 3.35 21.38 1.92
N VAL B 118 4.62 21.07 1.69
CA VAL B 118 4.95 19.86 0.94
C VAL B 118 5.58 18.88 1.89
N ASN B 119 4.82 17.84 2.22
CA ASN B 119 5.27 16.84 3.13
C ASN B 119 6.08 15.82 2.41
N ASN B 120 7.39 15.89 2.58
CA ASN B 120 8.27 15.07 1.77
C ASN B 120 9.26 14.27 2.60
N ALA B 121 9.58 14.74 3.80
CA ALA B 121 10.55 14.07 4.66
C ALA B 121 10.24 12.58 4.82
N GLY B 122 11.28 11.75 4.72
CA GLY B 122 11.13 10.32 4.81
C GLY B 122 12.44 9.60 4.96
N ILE B 123 12.36 8.37 5.47
CA ILE B 123 13.49 7.45 5.69
C ILE B 123 13.04 6.03 5.33
N LEU B 124 13.98 5.08 5.34
CA LEU B 124 13.72 3.67 4.99
C LEU B 124 14.22 2.72 6.07
N ARG B 125 13.40 1.71 6.38
CA ARG B 125 13.79 0.60 7.23
C ARG B 125 13.37 -0.74 6.62
N ASP B 126 13.90 -1.06 5.43
CA ASP B 126 13.50 -2.28 4.73
C ASP B 126 13.91 -3.52 5.51
N ARG B 127 12.95 -4.45 5.64
CA ARG B 127 13.13 -5.72 6.33
C ARG B 127 11.93 -6.62 6.05
N SER B 128 12.18 -7.92 5.94
CA SER B 128 11.10 -8.88 5.78
C SER B 128 10.25 -8.86 7.05
N PHE B 129 8.97 -9.22 6.93
CA PHE B 129 7.98 -8.90 7.97
C PHE B 129 8.31 -9.34 9.38
N ALA B 130 8.66 -10.60 9.59
CA ALA B 130 8.99 -11.12 10.91
C ALA B 130 10.18 -10.40 11.52
N ARG B 131 10.98 -9.75 10.67
CA ARG B 131 12.25 -9.14 11.10
C ARG B 131 12.11 -7.65 11.43
N ILE B 132 10.94 -7.07 11.13
CA ILE B 132 10.66 -5.67 11.49
C ILE B 132 10.56 -5.51 13.02
N SER B 133 11.52 -4.80 13.62
CA SER B 133 11.50 -4.55 15.07
C SER B 133 10.46 -3.49 15.41
N ASP B 134 10.17 -3.32 16.70
CA ASP B 134 9.29 -2.27 17.19
C ASP B 134 9.82 -0.89 16.77
N GLU B 135 11.12 -0.69 16.92
CA GLU B 135 11.79 0.55 16.51
C GLU B 135 11.70 0.81 15.01
N ASP B 136 11.91 -0.23 14.20
CA ASP B 136 11.75 -0.11 12.74
C ASP B 136 10.35 0.40 12.36
N TRP B 137 9.33 -0.10 13.04
CA TRP B 137 7.94 0.31 12.76
C TRP B 137 7.72 1.74 13.22
N ASP B 138 8.00 2.00 14.50
CA ASP B 138 7.70 3.29 15.14
C ASP B 138 8.40 4.45 14.45
N ILE B 139 9.69 4.31 14.14
CA ILE B 139 10.43 5.40 13.49
C ILE B 139 9.91 5.73 12.09
N ILE B 140 9.55 4.71 11.33
CA ILE B 140 8.94 4.93 10.00
C ILE B 140 7.64 5.67 10.14
N HIS B 141 6.81 5.23 11.07
CA HIS B 141 5.51 5.85 11.29
C HIS B 141 5.53 7.22 11.94
N ARG B 142 6.48 7.46 12.86
CA ARG B 142 6.66 8.79 13.45
C ARG B 142 7.11 9.83 12.42
N VAL B 143 7.98 9.43 11.49
CA VAL B 143 8.53 10.37 10.51
C VAL B 143 7.57 10.59 9.34
N HIS B 144 7.17 9.50 8.70
CA HIS B 144 6.36 9.56 7.50
C HIS B 144 4.97 10.09 7.83
N LEU B 145 4.26 9.39 8.69
CA LEU B 145 2.82 9.53 8.85
C LEU B 145 2.45 10.50 9.98
N ARG B 146 2.97 10.26 11.18
CA ARG B 146 2.78 11.16 12.30
C ARG B 146 3.44 12.51 12.05
N GLY B 147 4.58 12.49 11.34
CA GLY B 147 5.32 13.71 11.00
C GLY B 147 4.53 14.63 10.07
N SER B 148 4.06 14.07 8.97
CA SER B 148 3.16 14.80 8.07
C SER B 148 1.92 15.36 8.79
N PHE B 149 1.33 14.55 9.69
CA PHE B 149 0.20 14.98 10.52
C PHE B 149 0.56 16.20 11.35
N GLN B 150 1.69 16.12 12.06
CA GLN B 150 2.14 17.16 12.96
C GLN B 150 2.34 18.46 12.23
N VAL B 151 3.10 18.39 11.13
CA VAL B 151 3.36 19.55 10.29
C VAL B 151 2.05 20.15 9.78
N THR B 152 1.17 19.32 9.23
CA THR B 152 -0.03 19.79 8.57
C THR B 152 -1.02 20.37 9.59
N ARG B 153 -1.14 19.72 10.76
CA ARG B 153 -2.01 20.22 11.80
C ARG B 153 -1.54 21.59 12.25
N ALA B 154 -0.22 21.76 12.36
CA ALA B 154 0.35 23.06 12.75
C ALA B 154 -0.01 24.17 11.74
N ALA B 155 -0.03 23.85 10.45
CA ALA B 155 -0.36 24.86 9.44
C ALA B 155 -1.86 25.12 9.28
N TRP B 156 -2.69 24.17 9.69
CA TRP B 156 -4.08 24.08 9.26
C TRP B 156 -4.96 25.28 9.60
N GLU B 157 -4.94 25.73 10.86
CA GLU B 157 -5.77 26.86 11.28
C GLU B 157 -5.34 28.20 10.67
N HIS B 158 -4.05 28.31 10.39
CA HIS B 158 -3.54 29.46 9.65
C HIS B 158 -4.10 29.47 8.23
N MET B 159 -4.15 28.29 7.60
CA MET B 159 -4.67 28.19 6.24
C MET B 159 -6.18 28.47 6.18
N LYS B 160 -6.93 27.99 7.18
CA LYS B 160 -8.36 28.24 7.28
C LYS B 160 -8.70 29.72 7.49
N LYS B 161 -7.93 30.41 8.34
CA LYS B 161 -8.20 31.83 8.61
C LYS B 161 -7.88 32.70 7.41
N GLN B 162 -6.79 32.37 6.70
CA GLN B 162 -6.40 32.99 5.42
C GLN B 162 -7.34 32.62 4.27
N LYS B 163 -8.00 31.46 4.41
CA LYS B 163 -8.79 30.85 3.34
C LYS B 163 -7.93 30.55 2.10
N TYR B 164 -6.76 29.97 2.37
CA TYR B 164 -5.88 29.48 1.33
C TYR B 164 -4.87 28.49 1.88
N GLY B 165 -4.75 27.37 1.17
CA GLY B 165 -3.76 26.35 1.49
C GLY B 165 -3.58 25.40 0.34
N ARG B 166 -2.36 24.85 0.25
CA ARG B 166 -2.04 23.82 -0.73
C ARG B 166 -1.08 22.84 -0.04
N ILE B 167 -1.46 21.58 -0.01
CA ILE B 167 -0.73 20.58 0.73
C ILE B 167 -0.49 19.40 -0.18
N ILE B 168 0.68 18.80 -0.04
CA ILE B 168 1.04 17.60 -0.75
C ILE B 168 1.48 16.54 0.27
N MET B 169 0.93 15.33 0.13
CA MET B 169 1.42 14.15 0.85
C MET B 169 2.24 13.34 -0.14
N THR B 170 3.33 12.75 0.33
CA THR B 170 4.15 11.85 -0.48
C THR B 170 3.90 10.37 -0.10
N SER B 171 3.09 9.69 -0.91
CA SER B 171 2.90 8.24 -0.78
C SER B 171 3.99 7.52 -1.60
N SER B 172 3.72 6.29 -2.02
CA SER B 172 4.64 5.54 -2.87
C SER B 172 3.91 4.36 -3.52
N ALA B 173 4.48 3.90 -4.62
CA ALA B 173 4.03 2.70 -5.31
C ALA B 173 4.00 1.48 -4.36
N SER B 174 4.95 1.40 -3.45
CA SER B 174 4.99 0.31 -2.51
C SER B 174 3.77 0.34 -1.56
N GLY B 175 3.34 1.51 -1.16
CA GLY B 175 2.06 1.64 -0.44
C GLY B 175 0.86 1.23 -1.29
N ILE B 176 0.80 1.75 -2.51
CA ILE B 176 -0.33 1.50 -3.41
C ILE B 176 -0.43 0.05 -3.85
N TYR B 177 0.70 -0.62 -4.07
CA TYR B 177 0.70 -1.96 -4.66
C TYR B 177 1.22 -3.01 -3.71
N GLY B 178 2.00 -2.59 -2.74
CA GLY B 178 2.67 -3.52 -1.85
C GLY B 178 4.03 -3.84 -2.42
N ASN B 179 4.97 -4.20 -1.54
CA ASN B 179 6.29 -4.55 -1.95
C ASN B 179 6.97 -5.45 -0.93
N PHE B 180 7.54 -6.56 -1.39
CA PHE B 180 8.29 -7.43 -0.51
C PHE B 180 9.34 -6.64 0.31
N GLY B 181 9.42 -6.91 1.61
CA GLY B 181 10.41 -6.28 2.49
C GLY B 181 10.11 -4.84 2.92
N GLN B 182 8.89 -4.34 2.66
CA GLN B 182 8.56 -2.94 2.98
C GLN B 182 7.18 -2.76 3.60
N ALA B 183 6.75 -3.71 4.43
CA ALA B 183 5.44 -3.67 5.08
C ALA B 183 5.26 -2.45 6.00
N ASN B 184 6.31 -2.12 6.78
CA ASN B 184 6.26 -0.91 7.62
C ASN B 184 6.05 0.36 6.80
N TYR B 185 6.93 0.56 5.83
CA TYR B 185 6.95 1.69 4.93
C TYR B 185 5.65 1.77 4.13
N SER B 186 5.22 0.65 3.57
CA SER B 186 4.00 0.69 2.74
C SER B 186 2.75 1.00 3.55
N ALA B 187 2.71 0.52 4.78
CA ALA B 187 1.63 0.89 5.71
C ALA B 187 1.64 2.41 5.98
N ALA B 188 2.82 2.96 6.34
CA ALA B 188 2.93 4.41 6.54
C ALA B 188 2.56 5.20 5.28
N LYS B 189 3.03 4.76 4.11
CA LYS B 189 2.78 5.49 2.87
C LYS B 189 1.31 5.51 2.44
N LEU B 190 0.60 4.39 2.59
CA LEU B 190 -0.83 4.39 2.26
C LEU B 190 -1.68 5.07 3.35
N GLY B 191 -1.19 5.03 4.59
CA GLY B 191 -1.76 5.85 5.68
C GLY B 191 -1.82 7.32 5.31
N LEU B 192 -0.72 7.81 4.70
CA LEU B 192 -0.67 9.20 4.23
C LEU B 192 -1.77 9.53 3.25
N LEU B 193 -2.04 8.60 2.32
CA LEU B 193 -3.13 8.78 1.39
C LEU B 193 -4.45 8.87 2.15
N GLY B 194 -4.62 8.01 3.16
CA GLY B 194 -5.82 7.99 4.00
C GLY B 194 -6.04 9.34 4.65
N LEU B 195 -4.96 9.90 5.19
CA LEU B 195 -4.96 11.26 5.73
C LEU B 195 -5.41 12.29 4.69
N ALA B 196 -4.80 12.22 3.50
CA ALA B 196 -5.10 13.14 2.42
C ALA B 196 -6.55 13.07 1.96
N ASN B 197 -7.14 11.88 1.99
CA ASN B 197 -8.52 11.72 1.57
C ASN B 197 -9.44 12.58 2.42
N SER B 198 -9.17 12.60 3.73
CA SER B 198 -10.01 13.35 4.65
C SER B 198 -9.72 14.88 4.65
N LEU B 199 -8.44 15.24 4.53
CA LEU B 199 -8.05 16.69 4.44
C LEU B 199 -8.68 17.40 3.23
N ALA B 200 -8.67 16.71 2.08
CA ALA B 200 -9.32 17.26 0.89
C ALA B 200 -10.77 17.64 1.17
N ILE B 201 -11.47 16.78 1.91
CA ILE B 201 -12.86 17.06 2.29
C ILE B 201 -12.97 18.24 3.25
N GLU B 202 -12.15 18.24 4.30
CA GLU B 202 -12.27 19.28 5.32
C GLU B 202 -11.76 20.65 4.85
N GLY B 203 -10.77 20.65 3.94
CA GLY B 203 -10.20 21.89 3.42
C GLY B 203 -10.94 22.60 2.30
N ARG B 204 -11.73 21.86 1.52
CA ARG B 204 -12.39 22.37 0.29
C ARG B 204 -13.04 23.74 0.39
N LYS B 205 -13.98 23.90 1.32
CA LYS B 205 -14.77 25.12 1.37
C LYS B 205 -13.88 26.30 1.77
N SER B 206 -12.68 26.00 2.26
CA SER B 206 -11.77 27.04 2.70
C SER B 206 -10.66 27.35 1.69
N ASN B 207 -10.80 26.82 0.47
CA ASN B 207 -9.74 26.90 -0.56
C ASN B 207 -8.41 26.29 -0.07
N ILE B 208 -8.51 25.24 0.73
CA ILE B 208 -7.34 24.41 1.04
C ILE B 208 -7.43 23.10 0.28
N HIS B 209 -6.44 22.84 -0.57
CA HIS B 209 -6.39 21.59 -1.33
C HIS B 209 -5.32 20.66 -0.77
N CYS B 210 -5.62 19.35 -0.79
CA CYS B 210 -4.62 18.32 -0.46
C CYS B 210 -4.56 17.27 -1.55
N ASN B 211 -3.36 16.99 -2.03
CA ASN B 211 -3.20 16.00 -3.07
C ASN B 211 -2.02 15.11 -2.69
N THR B 212 -1.97 13.93 -3.32
CA THR B 212 -0.98 12.92 -2.97
C THR B 212 -0.20 12.50 -4.21
N ILE B 213 1.10 12.31 -4.04
CA ILE B 213 1.93 11.88 -5.15
C ILE B 213 2.64 10.59 -4.79
N ALA B 214 2.88 9.77 -5.80
CA ALA B 214 3.72 8.57 -5.67
C ALA B 214 4.86 8.72 -6.70
N PRO B 215 5.97 9.36 -6.25
CA PRO B 215 7.08 9.74 -7.11
C PRO B 215 8.07 8.61 -7.41
N ASN B 216 8.86 8.82 -8.46
CA ASN B 216 9.92 7.92 -8.87
C ASN B 216 11.13 8.79 -9.20
N ALA B 217 12.19 8.68 -8.40
CA ALA B 217 13.38 9.49 -8.61
C ALA B 217 14.64 8.82 -8.06
N GLY B 218 15.77 9.04 -8.73
CA GLY B 218 17.07 8.59 -8.23
C GLY B 218 17.51 9.49 -7.08
N SER B 219 17.83 8.87 -5.95
CA SER B 219 18.27 9.58 -4.74
C SER B 219 19.05 8.61 -3.88
N ARG B 220 19.52 9.08 -2.72
CA ARG B 220 20.26 8.22 -1.78
C ARG B 220 19.35 7.08 -1.29
N MET B 221 18.05 7.34 -1.25
CA MET B 221 17.09 6.33 -0.84
C MET B 221 16.94 5.20 -1.87
N THR B 222 17.06 5.53 -3.15
CA THR B 222 16.79 4.55 -4.21
C THR B 222 18.07 3.94 -4.81
N GLN B 223 19.23 4.47 -4.43
CA GLN B 223 20.55 3.96 -4.83
C GLN B 223 20.71 2.45 -4.63
N THR B 224 20.14 1.94 -3.55
CA THR B 224 20.28 0.52 -3.20
C THR B 224 19.54 -0.40 -4.17
N VAL B 225 18.43 0.09 -4.74
CA VAL B 225 17.56 -0.74 -5.60
C VAL B 225 17.74 -0.47 -7.11
N MET B 226 18.30 0.68 -7.47
CA MET B 226 18.47 1.05 -8.87
C MET B 226 19.93 1.07 -9.27
N PRO B 227 20.24 0.63 -10.52
CA PRO B 227 21.56 0.83 -11.14
C PRO B 227 21.93 2.30 -11.26
N GLU B 228 23.24 2.59 -11.16
CA GLU B 228 23.76 3.95 -11.13
C GLU B 228 23.28 4.86 -12.27
N ASP B 229 23.18 4.28 -13.47
CA ASP B 229 22.76 5.03 -14.65
C ASP B 229 21.28 5.41 -14.59
N LEU B 230 20.48 4.55 -13.95
CA LEU B 230 19.07 4.85 -13.71
C LEU B 230 18.87 5.95 -12.65
N VAL B 231 19.62 5.86 -11.56
CA VAL B 231 19.64 6.89 -10.51
C VAL B 231 19.85 8.28 -11.11
N GLU B 232 20.80 8.38 -12.04
CA GLU B 232 21.12 9.63 -12.71
C GLU B 232 20.01 10.06 -13.68
N ALA B 233 19.40 9.10 -14.38
CA ALA B 233 18.40 9.40 -15.39
C ALA B 233 17.03 9.78 -14.83
N LEU B 234 16.59 9.10 -13.77
CA LEU B 234 15.31 9.42 -13.13
C LEU B 234 15.41 10.64 -12.23
N LYS B 235 15.43 11.83 -12.85
CA LYS B 235 15.68 13.07 -12.12
C LYS B 235 14.49 13.53 -11.30
N PRO B 236 14.75 13.92 -10.03
CA PRO B 236 13.72 14.56 -9.20
C PRO B 236 13.12 15.82 -9.81
N GLU B 237 13.85 16.49 -10.71
CA GLU B 237 13.29 17.64 -11.40
C GLU B 237 12.22 17.25 -12.44
N TYR B 238 12.03 15.95 -12.63
CA TYR B 238 10.91 15.45 -13.41
C TYR B 238 9.63 15.34 -12.58
N VAL B 239 9.75 15.46 -11.26
CA VAL B 239 8.60 15.40 -10.37
C VAL B 239 8.16 16.81 -9.94
N ALA B 240 9.14 17.69 -9.73
CA ALA B 240 8.91 19.06 -9.26
C ALA B 240 7.79 19.82 -10.00
N PRO B 241 7.76 19.78 -11.36
CA PRO B 241 6.68 20.47 -12.08
C PRO B 241 5.26 20.05 -11.69
N LEU B 242 5.06 18.78 -11.31
CA LEU B 242 3.76 18.34 -10.81
C LEU B 242 3.44 18.96 -9.45
N VAL B 243 4.39 18.88 -8.55
CA VAL B 243 4.23 19.49 -7.24
C VAL B 243 3.92 20.98 -7.33
N LEU B 244 4.64 21.70 -8.19
CA LEU B 244 4.41 23.14 -8.37
C LEU B 244 3.00 23.40 -8.90
N TRP B 245 2.57 22.63 -9.89
CA TRP B 245 1.20 22.82 -10.40
C TRP B 245 0.13 22.54 -9.33
N LEU B 246 0.25 21.42 -8.61
CA LEU B 246 -0.73 21.04 -7.58
C LEU B 246 -0.76 22.02 -6.41
N CYS B 247 0.31 22.80 -6.26
CA CYS B 247 0.45 23.80 -5.20
C CYS B 247 0.18 25.24 -5.68
N HIS B 248 -0.27 25.40 -6.92
CA HIS B 248 -0.49 26.74 -7.44
C HIS B 248 -1.88 27.24 -7.11
N GLU B 249 -2.02 28.56 -6.96
CA GLU B 249 -3.31 29.19 -6.67
C GLU B 249 -4.39 28.84 -7.68
N SER B 250 -4.00 28.68 -8.95
CA SER B 250 -4.96 28.47 -10.04
C SER B 250 -5.39 27.00 -10.18
N CYS B 251 -4.70 26.11 -9.46
CA CYS B 251 -5.04 24.70 -9.48
C CYS B 251 -6.33 24.43 -8.71
N GLU B 252 -7.20 23.64 -9.31
CA GLU B 252 -8.46 23.23 -8.66
C GLU B 252 -8.44 21.76 -8.23
N GLU B 253 -7.43 21.01 -8.65
CA GLU B 253 -7.33 19.60 -8.26
C GLU B 253 -7.27 19.49 -6.72
N ASN B 254 -8.11 18.63 -6.18
CA ASN B 254 -8.18 18.41 -4.75
C ASN B 254 -8.48 16.93 -4.48
N GLY B 255 -7.67 16.28 -3.63
CA GLY B 255 -7.91 14.89 -3.24
C GLY B 255 -7.51 13.87 -4.31
N GLY B 256 -6.61 14.27 -5.21
CA GLY B 256 -6.11 13.38 -6.24
C GLY B 256 -4.87 12.61 -5.81
N LEU B 257 -4.68 11.47 -6.47
CA LEU B 257 -3.51 10.64 -6.28
C LEU B 257 -2.81 10.45 -7.63
N PHE B 258 -1.53 10.82 -7.66
CA PHE B 258 -0.77 10.85 -8.93
C PHE B 258 0.50 10.00 -8.85
N GLU B 259 0.74 9.20 -9.88
CA GLU B 259 2.04 8.55 -10.07
C GLU B 259 2.85 9.41 -11.07
N VAL B 260 4.13 9.55 -10.78
CA VAL B 260 4.96 10.55 -11.48
C VAL B 260 6.44 10.13 -11.49
N GLY B 261 7.03 10.25 -12.68
CA GLY B 261 8.44 9.97 -12.90
C GLY B 261 8.79 10.04 -14.38
N ALA B 262 10.09 10.27 -14.63
CA ALA B 262 10.69 10.23 -15.97
C ALA B 262 10.21 11.29 -16.94
N GLY B 263 9.22 12.09 -16.54
CA GLY B 263 8.60 13.06 -17.46
C GLY B 263 7.14 12.75 -17.72
N TRP B 264 6.65 11.64 -17.15
CA TRP B 264 5.25 11.20 -17.28
C TRP B 264 4.48 11.45 -15.98
N ILE B 265 3.18 11.68 -16.10
CA ILE B 265 2.26 11.79 -14.98
C ILE B 265 0.97 11.04 -15.31
N GLY B 266 0.46 10.27 -14.34
CA GLY B 266 -0.88 9.67 -14.43
C GLY B 266 -1.67 9.80 -13.14
N LYS B 267 -2.96 9.50 -13.19
CA LYS B 267 -3.84 9.65 -12.04
C LYS B 267 -4.48 8.29 -11.70
N LEU B 268 -4.67 8.03 -10.41
CA LEU B 268 -5.29 6.78 -9.92
C LEU B 268 -6.66 7.03 -9.32
N ARG B 269 -7.56 6.06 -9.48
CA ARG B 269 -8.81 6.06 -8.74
C ARG B 269 -9.31 4.65 -8.50
N TRP B 270 -10.18 4.52 -7.50
CA TRP B 270 -10.81 3.26 -7.20
C TRP B 270 -11.91 2.94 -8.21
N GLU B 271 -11.94 1.69 -8.68
CA GLU B 271 -13.18 1.20 -9.30
C GLU B 271 -13.71 0.03 -8.46
N ARG B 272 -15.02 -0.16 -8.54
CA ARG B 272 -15.74 -1.02 -7.60
C ARG B 272 -16.67 -1.92 -8.37
N THR B 273 -16.56 -3.24 -8.15
CA THR B 273 -17.44 -4.18 -8.87
C THR B 273 -18.92 -3.91 -8.57
N LEU B 274 -19.78 -4.15 -9.55
CA LEU B 274 -21.22 -4.17 -9.29
C LEU B 274 -21.55 -5.14 -8.13
N GLY B 275 -20.74 -6.20 -8.02
CA GLY B 275 -20.82 -7.11 -6.88
C GLY B 275 -21.99 -8.06 -6.94
N ALA B 276 -22.27 -8.69 -5.80
CA ALA B 276 -23.41 -9.60 -5.70
C ALA B 276 -24.14 -9.43 -4.38
N ILE B 277 -25.46 -9.40 -4.49
CA ILE B 277 -26.34 -9.54 -3.33
C ILE B 277 -26.50 -11.05 -3.10
N VAL B 278 -25.81 -11.57 -2.08
CA VAL B 278 -25.78 -13.01 -1.81
C VAL B 278 -26.89 -13.44 -0.85
N ARG B 279 -27.32 -12.52 0.00
CA ARG B 279 -28.33 -12.82 0.99
C ARG B 279 -29.72 -12.78 0.35
N GLN B 280 -30.54 -13.76 0.70
CA GLN B 280 -31.93 -13.83 0.25
C GLN B 280 -32.84 -13.68 1.47
N LYS B 281 -34.00 -13.06 1.24
CA LYS B 281 -35.03 -12.87 2.27
C LYS B 281 -35.38 -14.18 2.95
N ASN B 282 -35.42 -14.14 4.28
CA ASN B 282 -35.72 -15.28 5.16
C ASN B 282 -34.70 -16.43 5.20
N HIS B 283 -33.57 -16.30 4.52
CA HIS B 283 -32.56 -17.36 4.49
C HIS B 283 -31.27 -16.86 5.09
N PRO B 284 -30.60 -17.68 5.92
CA PRO B 284 -29.33 -17.28 6.50
C PRO B 284 -28.30 -17.03 5.40
N MET B 285 -27.53 -15.94 5.50
CA MET B 285 -26.41 -15.75 4.58
C MET B 285 -25.25 -16.66 5.01
N THR B 286 -24.72 -17.43 4.06
CA THR B 286 -23.67 -18.41 4.37
C THR B 286 -22.38 -18.14 3.61
N PRO B 287 -21.22 -18.58 4.15
CA PRO B 287 -20.03 -18.50 3.31
C PRO B 287 -20.09 -19.37 2.03
N GLU B 288 -20.92 -20.41 2.03
CA GLU B 288 -21.14 -21.22 0.82
C GLU B 288 -21.74 -20.38 -0.32
N ALA B 289 -22.64 -19.46 0.02
CA ALA B 289 -23.25 -18.61 -1.01
C ALA B 289 -22.24 -17.57 -1.51
N VAL B 290 -21.38 -17.09 -0.61
CA VAL B 290 -20.28 -16.19 -1.00
C VAL B 290 -19.38 -16.90 -2.02
N LYS B 291 -18.92 -18.10 -1.68
CA LYS B 291 -18.06 -18.92 -2.54
C LYS B 291 -18.71 -19.19 -3.91
N ALA B 292 -19.99 -19.57 -3.89
CA ALA B 292 -20.76 -19.80 -5.11
C ALA B 292 -20.87 -18.54 -6.00
N ASN B 293 -20.86 -17.37 -5.38
CA ASN B 293 -20.99 -16.10 -6.10
C ASN B 293 -19.69 -15.35 -6.33
N TRP B 294 -18.57 -16.04 -6.11
CA TRP B 294 -17.28 -15.38 -6.09
C TRP B 294 -16.88 -14.72 -7.41
N LYS B 295 -17.13 -15.40 -8.53
CA LYS B 295 -16.77 -14.84 -9.82
C LYS B 295 -17.53 -13.55 -10.08
N LYS B 296 -18.84 -13.54 -9.78
CA LYS B 296 -19.66 -12.34 -9.92
C LYS B 296 -19.20 -11.21 -8.99
N ILE B 297 -18.98 -11.52 -7.72
CA ILE B 297 -18.42 -10.56 -6.75
C ILE B 297 -17.14 -9.89 -7.27
N CYS B 298 -16.28 -10.66 -7.93
CA CYS B 298 -14.96 -10.16 -8.39
C CYS B 298 -14.92 -9.66 -9.84
N ASP B 299 -16.05 -9.72 -10.54
CA ASP B 299 -16.13 -9.31 -11.96
C ASP B 299 -16.19 -7.79 -12.11
N PHE B 300 -15.16 -7.21 -12.73
CA PHE B 300 -15.09 -5.75 -12.92
C PHE B 300 -15.76 -5.17 -14.17
N GLU B 301 -16.37 -6.02 -14.99
CA GLU B 301 -17.14 -5.50 -16.15
C GLU B 301 -18.25 -4.55 -15.65
N ASN B 302 -18.24 -3.34 -16.23
CA ASN B 302 -19.15 -2.25 -15.84
C ASN B 302 -19.03 -1.79 -14.37
N ALA B 303 -17.85 -1.97 -13.79
CA ALA B 303 -17.55 -1.52 -12.43
C ALA B 303 -17.90 -0.04 -12.28
N SER B 304 -18.36 0.34 -11.09
CA SER B 304 -18.66 1.74 -10.80
C SER B 304 -17.38 2.48 -10.41
N LYS B 305 -17.48 3.81 -10.38
CA LYS B 305 -16.36 4.71 -10.06
C LYS B 305 -16.76 5.60 -8.87
N PRO B 306 -16.69 5.05 -7.65
CA PRO B 306 -17.28 5.70 -6.48
C PRO B 306 -16.53 6.97 -6.10
N GLN B 307 -17.29 8.04 -5.88
CA GLN B 307 -16.73 9.38 -5.65
C GLN B 307 -16.57 9.79 -4.18
N SER B 308 -17.29 9.14 -3.27
CA SER B 308 -17.36 9.55 -1.86
C SER B 308 -17.91 8.44 -0.98
N ILE B 309 -17.66 8.56 0.33
CA ILE B 309 -18.24 7.66 1.34
C ILE B 309 -19.80 7.59 1.25
N GLN B 310 -20.46 8.74 1.15
CA GLN B 310 -21.91 8.79 0.98
C GLN B 310 -22.38 7.87 -0.11
N GLU B 311 -21.67 7.89 -1.25
CA GLU B 311 -22.06 7.12 -2.42
C GLU B 311 -22.00 5.61 -2.18
N SER B 312 -20.91 5.12 -1.59
CA SER B 312 -20.78 3.68 -1.29
C SER B 312 -21.72 3.28 -0.16
N THR B 313 -21.63 4.00 0.95
CA THR B 313 -22.42 3.73 2.14
C THR B 313 -23.93 3.78 1.82
N GLY B 314 -24.36 4.78 1.06
CA GLY B 314 -25.76 4.92 0.66
C GLY B 314 -26.30 3.77 -0.15
N SER B 315 -25.49 3.28 -1.09
CA SER B 315 -25.95 2.19 -1.98
C SER B 315 -26.03 0.87 -1.21
N ILE B 316 -25.11 0.66 -0.24
CA ILE B 316 -25.13 -0.54 0.62
C ILE B 316 -26.38 -0.58 1.47
N ILE B 317 -26.67 0.54 2.12
CA ILE B 317 -27.89 0.66 2.91
C ILE B 317 -29.15 0.41 2.06
N GLU B 318 -29.17 0.89 0.82
CA GLU B 318 -30.34 0.63 -0.02
C GLU B 318 -30.50 -0.85 -0.41
N VAL B 319 -29.45 -1.65 -0.19
CA VAL B 319 -29.54 -3.11 -0.40
C VAL B 319 -30.53 -3.77 0.55
N LEU B 320 -30.58 -3.27 1.79
CA LEU B 320 -31.56 -3.75 2.79
C LEU B 320 -33.01 -3.74 2.26
N SER B 321 -33.45 -2.59 1.74
CA SER B 321 -34.79 -2.47 1.19
C SER B 321 -34.98 -3.30 -0.09
N LYS B 322 -33.92 -3.45 -0.89
CA LYS B 322 -34.00 -4.28 -2.09
C LYS B 322 -34.28 -5.73 -1.76
N ILE B 323 -33.63 -6.25 -0.71
CA ILE B 323 -33.91 -7.62 -0.27
C ILE B 323 -35.35 -7.78 0.25
N ASP B 324 -35.83 -6.79 1.01
CA ASP B 324 -37.19 -6.87 1.55
C ASP B 324 -38.31 -6.63 0.54
N SER B 325 -37.96 -6.11 -0.63
CA SER B 325 -38.93 -5.83 -1.71
C SER B 325 -39.40 -7.10 -2.42
N SER C 24 9.83 -72.28 69.24
CA SER C 24 8.34 -72.13 69.27
C SER C 24 7.83 -71.55 67.94
N PRO C 25 6.70 -72.09 67.42
CA PRO C 25 6.24 -71.65 66.11
C PRO C 25 5.78 -70.19 66.09
N LEU C 26 6.07 -69.50 64.99
CA LEU C 26 5.71 -68.10 64.81
C LEU C 26 4.22 -67.99 64.42
N ARG C 27 3.39 -67.54 65.35
CA ARG C 27 1.95 -67.49 65.11
C ARG C 27 1.46 -66.07 64.94
N PHE C 28 0.22 -65.93 64.46
CA PHE C 28 -0.42 -64.66 64.20
C PHE C 28 -1.83 -64.61 64.78
N ASP C 29 -2.11 -65.52 65.72
CA ASP C 29 -3.44 -65.64 66.33
C ASP C 29 -3.86 -64.28 66.90
N GLY C 30 -5.04 -63.82 66.45
CA GLY C 30 -5.59 -62.55 66.90
C GLY C 30 -5.00 -61.28 66.30
N ARG C 31 -4.17 -61.44 65.28
CA ARG C 31 -3.58 -60.29 64.58
C ARG C 31 -4.33 -60.04 63.27
N VAL C 32 -4.78 -58.81 63.08
CA VAL C 32 -5.47 -58.43 61.85
C VAL C 32 -4.42 -58.02 60.80
N VAL C 33 -4.39 -58.75 59.69
CA VAL C 33 -3.35 -58.62 58.69
C VAL C 33 -4.01 -58.25 57.37
N LEU C 34 -3.67 -57.07 56.85
CA LEU C 34 -4.14 -56.68 55.54
C LEU C 34 -3.09 -56.89 54.45
N VAL C 35 -3.49 -57.59 53.39
CA VAL C 35 -2.64 -57.81 52.23
C VAL C 35 -3.35 -57.20 51.02
N THR C 36 -2.74 -56.18 50.43
CA THR C 36 -3.30 -55.56 49.22
C THR C 36 -2.81 -56.37 48.02
N GLY C 37 -3.65 -56.43 46.99
CA GLY C 37 -3.37 -57.27 45.83
C GLY C 37 -3.26 -58.76 46.14
N ALA C 38 -4.10 -59.26 47.05
CA ALA C 38 -4.01 -60.63 47.53
C ALA C 38 -4.71 -61.70 46.66
N GLY C 39 -5.27 -61.27 45.53
CA GLY C 39 -5.98 -62.15 44.59
C GLY C 39 -5.12 -63.12 43.77
N ALA C 40 -3.85 -62.81 43.60
CA ALA C 40 -2.93 -63.66 42.83
C ALA C 40 -1.47 -63.47 43.27
N GLY C 41 -0.59 -64.29 42.71
CA GLY C 41 0.85 -64.15 42.84
C GLY C 41 1.33 -64.09 44.28
N LEU C 42 2.17 -63.12 44.55
CA LEU C 42 2.79 -62.94 45.85
C LEU C 42 1.78 -62.70 46.98
N GLY C 43 0.81 -61.81 46.74
CA GLY C 43 -0.15 -61.40 47.78
C GLY C 43 -1.06 -62.51 48.26
N ARG C 44 -1.63 -63.25 47.31
CA ARG C 44 -2.24 -64.54 47.60
C ARG C 44 -1.37 -65.47 48.46
N ALA C 45 -0.11 -65.70 48.08
CA ALA C 45 0.76 -66.55 48.92
C ALA C 45 0.88 -65.97 50.33
N TYR C 46 1.05 -64.65 50.45
CA TYR C 46 1.11 -64.01 51.77
C TYR C 46 -0.18 -64.28 52.57
N ALA C 47 -1.31 -64.07 51.92
CA ALA C 47 -2.59 -64.15 52.59
C ALA C 47 -2.83 -65.56 53.17
N LEU C 48 -2.54 -66.57 52.37
CA LEU C 48 -2.70 -67.97 52.77
C LEU C 48 -1.72 -68.32 53.88
N ALA C 49 -0.48 -67.83 53.78
CA ALA C 49 0.53 -68.19 54.79
C ALA C 49 0.17 -67.55 56.15
N PHE C 50 -0.26 -66.28 56.15
CA PHE C 50 -0.76 -65.59 57.36
C PHE C 50 -1.95 -66.33 58.02
N ALA C 51 -2.94 -66.69 57.21
CA ALA C 51 -4.21 -67.28 57.70
C ALA C 51 -3.99 -68.68 58.29
N GLU C 52 -3.02 -69.39 57.72
CA GLU C 52 -2.59 -70.70 58.19
C GLU C 52 -1.99 -70.59 59.60
N ARG C 53 -1.40 -69.44 59.95
CA ARG C 53 -0.87 -69.22 61.30
C ARG C 53 -1.80 -68.40 62.21
N GLY C 54 -3.07 -68.29 61.80
CA GLY C 54 -4.11 -67.82 62.71
C GLY C 54 -4.48 -66.37 62.59
N ALA C 55 -3.92 -65.69 61.60
CA ALA C 55 -4.22 -64.29 61.35
C ALA C 55 -5.64 -64.08 60.84
N LEU C 56 -6.24 -62.97 61.25
CA LEU C 56 -7.50 -62.52 60.69
C LEU C 56 -7.12 -61.68 59.48
N VAL C 57 -7.38 -62.21 58.29
CA VAL C 57 -6.80 -61.64 57.08
C VAL C 57 -7.83 -60.83 56.27
N VAL C 58 -7.44 -59.61 55.88
CA VAL C 58 -8.22 -58.89 54.89
C VAL C 58 -7.57 -59.10 53.54
N VAL C 59 -8.34 -59.68 52.63
CA VAL C 59 -7.86 -59.99 51.30
C VAL C 59 -8.36 -58.91 50.37
N ASN C 60 -7.47 -57.96 50.07
CA ASN C 60 -7.81 -56.90 49.14
C ASN C 60 -7.40 -57.24 47.71
N ASP C 61 -8.29 -56.98 46.77
CA ASP C 61 -7.95 -57.04 45.36
C ASP C 61 -8.98 -56.31 44.54
N LEU C 62 -8.49 -55.42 43.68
CA LEU C 62 -9.35 -54.71 42.71
C LEU C 62 -9.93 -55.69 41.70
N GLY C 63 -9.18 -56.75 41.42
CA GLY C 63 -9.64 -57.79 40.49
C GLY C 63 -9.57 -57.49 39.00
N GLY C 64 -8.66 -56.60 38.62
CA GLY C 64 -8.41 -56.25 37.21
C GLY C 64 -7.18 -56.95 36.68
N ASP C 65 -6.77 -56.58 35.47
CA ASP C 65 -5.60 -57.21 34.83
C ASP C 65 -4.29 -56.57 35.30
N PHE C 66 -3.15 -57.09 34.83
CA PHE C 66 -1.86 -56.69 35.40
C PHE C 66 -1.34 -55.40 34.79
N LYS C 67 -2.11 -54.84 33.84
CA LYS C 67 -1.81 -53.55 33.25
C LYS C 67 -2.73 -52.43 33.77
N GLY C 68 -3.54 -52.73 34.79
CA GLY C 68 -4.39 -51.73 35.41
C GLY C 68 -5.71 -51.49 34.71
N VAL C 69 -6.20 -52.51 34.00
CA VAL C 69 -7.53 -52.44 33.32
C VAL C 69 -8.52 -53.44 33.94
N GLY C 70 -9.68 -52.93 34.35
CA GLY C 70 -10.78 -53.78 34.83
C GLY C 70 -10.90 -53.86 36.34
N LYS C 71 -11.94 -54.55 36.79
CA LYS C 71 -12.21 -54.72 38.21
C LYS C 71 -13.27 -55.82 38.36
N GLY C 72 -13.24 -56.50 39.51
CA GLY C 72 -14.11 -57.64 39.79
C GLY C 72 -13.95 -58.19 41.20
N SER C 73 -15.01 -58.83 41.69
CA SER C 73 -15.08 -59.40 43.02
C SER C 73 -14.44 -60.77 43.08
N LEU C 74 -14.35 -61.44 41.93
CA LEU C 74 -13.94 -62.84 41.92
C LEU C 74 -12.53 -63.07 42.45
N ALA C 75 -11.61 -62.19 42.12
CA ALA C 75 -10.22 -62.37 42.48
C ALA C 75 -10.02 -62.46 44.02
N ALA C 76 -10.62 -61.53 44.75
CA ALA C 76 -10.56 -61.53 46.22
C ALA C 76 -11.40 -62.69 46.80
N ASP C 77 -12.61 -62.89 46.25
CA ASP C 77 -13.54 -63.94 46.73
C ASP C 77 -12.97 -65.35 46.67
N LYS C 78 -12.25 -65.68 45.59
CA LYS C 78 -11.58 -66.98 45.46
C LYS C 78 -10.58 -67.22 46.60
N VAL C 79 -9.86 -66.18 46.99
CA VAL C 79 -8.79 -66.32 47.99
C VAL C 79 -9.38 -66.42 49.40
N VAL C 80 -10.40 -65.60 49.67
CA VAL C 80 -11.18 -65.71 50.90
C VAL C 80 -11.76 -67.14 51.09
N GLU C 81 -12.38 -67.68 50.03
CA GLU C 81 -12.89 -69.06 50.03
C GLU C 81 -11.80 -70.09 50.31
N GLU C 82 -10.67 -69.98 49.62
CA GLU C 82 -9.52 -70.86 49.87
C GLU C 82 -9.12 -70.87 51.34
N ILE C 83 -8.99 -69.66 51.91
CA ILE C 83 -8.58 -69.49 53.31
C ILE C 83 -9.56 -70.17 54.28
N ARG C 84 -10.85 -69.96 54.04
CA ARG C 84 -11.91 -70.49 54.87
C ARG C 84 -12.00 -72.01 54.75
N ARG C 85 -11.80 -72.52 53.54
CA ARG C 85 -11.78 -73.96 53.29
C ARG C 85 -10.64 -74.62 54.05
N ARG C 86 -9.53 -73.91 54.20
CA ARG C 86 -8.37 -74.42 54.94
C ARG C 86 -8.46 -74.11 56.43
N GLY C 87 -9.61 -73.59 56.86
CA GLY C 87 -9.90 -73.42 58.28
C GLY C 87 -9.39 -72.13 58.90
N GLY C 88 -9.08 -71.14 58.06
CA GLY C 88 -8.64 -69.84 58.54
C GLY C 88 -9.77 -68.82 58.53
N LYS C 89 -9.44 -67.60 58.96
CA LYS C 89 -10.41 -66.50 59.02
C LYS C 89 -9.99 -65.36 58.07
N ALA C 90 -10.92 -64.92 57.22
CA ALA C 90 -10.64 -63.91 56.22
C ALA C 90 -11.91 -63.21 55.75
N VAL C 91 -11.74 -61.96 55.31
CA VAL C 91 -12.84 -61.23 54.67
C VAL C 91 -12.26 -60.52 53.44
N ALA C 92 -13.13 -60.24 52.47
CA ALA C 92 -12.73 -59.62 51.21
C ALA C 92 -12.86 -58.10 51.20
N ASN C 93 -11.95 -57.43 50.52
CA ASN C 93 -12.14 -56.02 50.14
C ASN C 93 -11.89 -55.83 48.65
N TYR C 94 -12.78 -55.09 48.00
CA TYR C 94 -12.75 -54.95 46.54
C TYR C 94 -12.31 -53.58 46.03
N ASP C 95 -11.93 -52.68 46.93
CA ASP C 95 -11.51 -51.34 46.52
C ASP C 95 -10.07 -51.28 45.96
N SER C 96 -9.82 -50.31 45.09
CA SER C 96 -8.47 -50.03 44.66
C SER C 96 -7.72 -49.45 45.85
N VAL C 97 -6.42 -49.77 45.95
CA VAL C 97 -5.57 -49.17 46.98
C VAL C 97 -5.46 -47.64 46.83
N GLU C 98 -5.89 -47.11 45.69
CA GLU C 98 -6.06 -45.67 45.51
C GLU C 98 -7.02 -45.12 46.58
N GLU C 99 -8.03 -45.92 46.94
CA GLU C 99 -8.99 -45.57 47.99
C GLU C 99 -8.56 -46.29 49.29
N GLY C 100 -7.35 -46.00 49.76
CA GLY C 100 -6.72 -46.73 50.87
C GLY C 100 -7.49 -46.69 52.18
N GLU C 101 -8.15 -45.59 52.44
CA GLU C 101 -9.05 -45.44 53.57
C GLU C 101 -10.16 -46.51 53.56
N LYS C 102 -10.77 -46.74 52.39
CA LYS C 102 -11.82 -47.74 52.24
C LYS C 102 -11.30 -49.16 52.49
N VAL C 103 -10.09 -49.43 52.03
CA VAL C 103 -9.42 -50.72 52.21
C VAL C 103 -9.19 -51.03 53.70
N VAL C 104 -8.66 -50.08 54.44
CA VAL C 104 -8.45 -50.26 55.88
C VAL C 104 -9.79 -50.30 56.66
N LYS C 105 -10.80 -49.59 56.18
CA LYS C 105 -12.12 -49.61 56.78
C LYS C 105 -12.70 -51.02 56.92
N THR C 106 -12.44 -51.88 55.93
CA THR C 106 -12.88 -53.27 56.00
C THR C 106 -12.27 -54.00 57.19
N ALA C 107 -10.98 -53.77 57.46
CA ALA C 107 -10.33 -54.37 58.62
C ALA C 107 -10.96 -53.88 59.93
N LEU C 108 -11.29 -52.60 59.97
CA LEU C 108 -11.93 -52.01 61.14
C LEU C 108 -13.37 -52.49 61.33
N ASP C 109 -14.12 -52.62 60.23
CA ASP C 109 -15.50 -53.12 60.28
C ASP C 109 -15.57 -54.60 60.63
N ALA C 110 -14.75 -55.42 59.95
CA ALA C 110 -14.78 -56.88 60.17
C ALA C 110 -14.16 -57.29 61.50
N PHE C 111 -13.00 -56.74 61.84
CA PHE C 111 -12.27 -57.24 63.01
C PHE C 111 -11.98 -56.20 64.08
N GLY C 112 -12.26 -54.94 63.81
CA GLY C 112 -12.19 -53.91 64.83
C GLY C 112 -10.82 -53.30 65.12
N ARG C 113 -9.84 -53.69 64.31
CA ARG C 113 -8.46 -53.19 64.44
C ARG C 113 -7.69 -53.52 63.16
N ILE C 114 -6.48 -52.98 63.06
CA ILE C 114 -5.55 -53.27 61.99
C ILE C 114 -4.14 -53.32 62.60
N ASP C 115 -3.43 -54.42 62.40
CA ASP C 115 -2.14 -54.67 63.08
C ASP C 115 -0.99 -54.80 62.08
N VAL C 116 -1.26 -55.41 60.92
CA VAL C 116 -0.25 -55.64 59.88
C VAL C 116 -0.75 -55.21 58.50
N VAL C 117 0.06 -54.40 57.80
CA VAL C 117 -0.22 -53.99 56.43
C VAL C 117 0.88 -54.44 55.46
N VAL C 118 0.53 -55.31 54.53
CA VAL C 118 1.47 -55.70 53.48
C VAL C 118 1.05 -55.05 52.17
N ASN C 119 1.81 -54.04 51.76
CA ASN C 119 1.56 -53.31 50.53
C ASN C 119 2.15 -54.04 49.35
N ASN C 120 1.29 -54.70 48.61
CA ASN C 120 1.73 -55.62 47.58
C ASN C 120 1.11 -55.29 46.21
N ALA C 121 -0.10 -54.72 46.19
CA ALA C 121 -0.78 -54.34 44.95
C ALA C 121 0.12 -53.61 43.97
N GLY C 122 0.09 -54.10 42.72
CA GLY C 122 0.93 -53.58 41.66
C GLY C 122 0.47 -53.99 40.27
N ILE C 123 0.87 -53.17 39.29
CA ILE C 123 0.63 -53.38 37.86
C ILE C 123 1.90 -53.03 37.06
N LEU C 124 1.92 -53.37 35.76
CA LEU C 124 3.01 -53.01 34.83
C LEU C 124 2.58 -52.15 33.64
N ARG C 125 3.40 -51.15 33.32
CA ARG C 125 3.30 -50.40 32.07
C ARG C 125 4.67 -50.24 31.42
N ASP C 126 5.28 -51.35 31.00
CA ASP C 126 6.61 -51.29 30.37
C ASP C 126 6.57 -50.57 29.05
N ARG C 127 7.55 -49.70 28.84
CA ARG C 127 7.63 -48.87 27.65
C ARG C 127 8.96 -48.15 27.74
N SER C 128 9.62 -47.98 26.59
CA SER C 128 10.85 -47.18 26.51
C SER C 128 10.55 -45.72 26.85
N PHE C 129 11.54 -45.00 27.36
CA PHE C 129 11.31 -43.71 28.03
C PHE C 129 10.44 -42.68 27.29
N ALA C 130 10.80 -42.38 26.04
CA ALA C 130 10.07 -41.41 25.21
C ALA C 130 8.64 -41.84 24.96
N ARG C 131 8.38 -43.14 25.16
CA ARG C 131 7.08 -43.74 24.81
C ARG C 131 6.12 -43.85 26.00
N ILE C 132 6.58 -43.52 27.20
CA ILE C 132 5.75 -43.49 28.41
C ILE C 132 4.77 -42.32 28.33
N SER C 133 3.47 -42.64 28.27
CA SER C 133 2.42 -41.60 28.20
C SER C 133 2.20 -41.02 29.59
N ASP C 134 1.41 -39.94 29.67
CA ASP C 134 1.06 -39.34 30.97
C ASP C 134 0.29 -40.38 31.77
N GLU C 135 -0.63 -41.07 31.10
CA GLU C 135 -1.43 -42.13 31.74
C GLU C 135 -0.58 -43.31 32.23
N ASP C 136 0.39 -43.75 31.45
CA ASP C 136 1.30 -44.82 31.90
C ASP C 136 2.01 -44.43 33.20
N TRP C 137 2.40 -43.16 33.32
CA TRP C 137 3.14 -42.69 34.50
C TRP C 137 2.18 -42.59 35.69
N ASP C 138 1.09 -41.85 35.51
CA ASP C 138 0.11 -41.60 36.56
C ASP C 138 -0.49 -42.88 37.16
N ILE C 139 -0.92 -43.83 36.33
CA ILE C 139 -1.49 -45.06 36.87
C ILE C 139 -0.45 -45.91 37.64
N ILE C 140 0.79 -45.96 37.19
CA ILE C 140 1.81 -46.70 37.93
C ILE C 140 2.03 -46.06 39.28
N HIS C 141 2.17 -44.74 39.30
CA HIS C 141 2.41 -44.03 40.54
C HIS C 141 1.23 -43.96 41.50
N ARG C 142 0.01 -43.84 40.96
CA ARG C 142 -1.21 -43.90 41.77
C ARG C 142 -1.38 -45.25 42.48
N VAL C 143 -1.08 -46.35 41.78
CA VAL C 143 -1.29 -47.69 42.36
C VAL C 143 -0.13 -48.08 43.30
N HIS C 144 1.10 -48.01 42.81
CA HIS C 144 2.22 -48.51 43.60
C HIS C 144 2.52 -47.60 44.78
N LEU C 145 2.75 -46.33 44.49
CA LEU C 145 3.35 -45.39 45.45
C LEU C 145 2.28 -44.61 46.24
N ARG C 146 1.40 -43.91 45.54
CA ARG C 146 0.28 -43.21 46.17
C ARG C 146 -0.64 -44.20 46.88
N GLY C 147 -0.82 -45.38 46.26
CA GLY C 147 -1.66 -46.42 46.84
C GLY C 147 -1.14 -46.88 48.19
N SER C 148 0.10 -47.35 48.23
CA SER C 148 0.76 -47.74 49.47
C SER C 148 0.70 -46.63 50.52
N PHE C 149 0.89 -45.38 50.09
CA PHE C 149 0.74 -44.23 50.98
C PHE C 149 -0.67 -44.13 51.57
N GLN C 150 -1.69 -44.21 50.71
CA GLN C 150 -3.09 -44.07 51.14
C GLN C 150 -3.45 -45.16 52.17
N VAL C 151 -3.11 -46.41 51.85
CA VAL C 151 -3.40 -47.51 52.73
C VAL C 151 -2.65 -47.34 54.06
N THR C 152 -1.39 -46.96 53.99
CA THR C 152 -0.56 -46.96 55.19
C THR C 152 -0.93 -45.78 56.07
N ARG C 153 -1.25 -44.65 55.46
CA ARG C 153 -1.70 -43.49 56.21
C ARG C 153 -2.98 -43.82 56.95
N ALA C 154 -3.90 -44.53 56.28
CA ALA C 154 -5.17 -44.93 56.88
C ALA C 154 -4.98 -45.81 58.13
N ALA C 155 -3.96 -46.67 58.12
CA ALA C 155 -3.71 -47.57 59.23
C ALA C 155 -2.94 -46.92 60.36
N TRP C 156 -2.22 -45.85 60.03
CA TRP C 156 -1.15 -45.33 60.88
C TRP C 156 -1.55 -44.93 62.30
N GLU C 157 -2.59 -44.11 62.44
CA GLU C 157 -2.99 -43.61 63.76
C GLU C 157 -3.58 -44.71 64.64
N HIS C 158 -4.19 -45.71 64.01
CA HIS C 158 -4.63 -46.92 64.69
C HIS C 158 -3.44 -47.68 65.27
N MET C 159 -2.38 -47.79 64.49
CA MET C 159 -1.18 -48.48 64.92
C MET C 159 -0.47 -47.76 66.06
N LYS C 160 -0.41 -46.43 65.99
CA LYS C 160 0.20 -45.61 67.03
C LYS C 160 -0.58 -45.66 68.36
N LYS C 161 -1.90 -45.64 68.27
CA LYS C 161 -2.76 -45.72 69.46
C LYS C 161 -2.62 -47.05 70.17
N GLN C 162 -2.57 -48.15 69.41
CA GLN C 162 -2.36 -49.50 69.95
C GLN C 162 -0.91 -49.73 70.34
N LYS C 163 -0.02 -48.89 69.83
CA LYS C 163 1.44 -49.09 69.98
C LYS C 163 1.89 -50.46 69.41
N TYR C 164 1.44 -50.73 68.18
CA TYR C 164 1.86 -51.92 67.42
C TYR C 164 1.53 -51.76 65.94
N GLY C 165 2.52 -52.05 65.10
CA GLY C 165 2.32 -52.06 63.67
C GLY C 165 3.45 -52.81 63.00
N ARG C 166 3.13 -53.48 61.90
CA ARG C 166 4.14 -54.09 61.06
C ARG C 166 3.72 -53.81 59.62
N ILE C 167 4.62 -53.16 58.87
CA ILE C 167 4.34 -52.74 57.49
C ILE C 167 5.41 -53.26 56.53
N ILE C 168 4.96 -53.73 55.38
CA ILE C 168 5.87 -54.11 54.32
C ILE C 168 5.60 -53.22 53.09
N MET C 169 6.66 -52.64 52.52
CA MET C 169 6.58 -52.05 51.17
C MET C 169 7.19 -53.04 50.18
N THR C 170 6.61 -53.11 48.99
CA THR C 170 7.21 -53.94 47.95
C THR C 170 7.89 -53.08 46.87
N SER C 171 9.22 -53.11 46.90
CA SER C 171 10.05 -52.45 45.88
C SER C 171 10.37 -53.48 44.79
N SER C 172 11.46 -53.26 44.05
CA SER C 172 11.92 -54.23 43.06
C SER C 172 13.36 -53.98 42.69
N ALA C 173 13.98 -55.02 42.13
CA ALA C 173 15.31 -54.91 41.60
C ALA C 173 15.40 -53.83 40.53
N SER C 174 14.36 -53.68 39.70
CA SER C 174 14.37 -52.64 38.69
C SER C 174 14.43 -51.24 39.28
N GLY C 175 13.78 -51.00 40.40
CA GLY C 175 13.96 -49.75 41.16
C GLY C 175 15.38 -49.60 41.71
N ILE C 176 15.90 -50.65 42.33
CA ILE C 176 17.23 -50.62 42.97
C ILE C 176 18.36 -50.47 41.98
N TYR C 177 18.28 -51.15 40.85
CA TYR C 177 19.37 -51.17 39.87
C TYR C 177 19.06 -50.43 38.57
N GLY C 178 17.79 -50.24 38.28
CA GLY C 178 17.39 -49.66 36.99
C GLY C 178 17.18 -50.82 36.02
N ASN C 179 16.33 -50.58 35.02
CA ASN C 179 16.04 -51.57 34.01
C ASN C 179 15.47 -50.92 32.76
N PHE C 180 16.02 -51.31 31.61
CA PHE C 180 15.59 -50.77 30.35
C PHE C 180 14.08 -51.00 30.18
N GLY C 181 13.36 -49.96 29.76
CA GLY C 181 11.93 -50.06 29.47
C GLY C 181 11.01 -49.98 30.69
N GLN C 182 11.55 -49.64 31.86
CA GLN C 182 10.77 -49.59 33.10
C GLN C 182 11.08 -48.37 33.99
N ALA C 183 11.32 -47.21 33.37
CA ALA C 183 11.65 -46.01 34.13
C ALA C 183 10.48 -45.54 35.01
N ASN C 184 9.24 -45.67 34.52
CA ASN C 184 8.07 -45.33 35.32
CA ASN C 184 8.04 -45.38 35.28
C ASN C 184 7.97 -46.22 36.57
N TYR C 185 7.98 -47.53 36.37
CA TYR C 185 7.85 -48.49 37.42
C TYR C 185 9.06 -48.47 38.38
N SER C 186 10.26 -48.30 37.84
CA SER C 186 11.42 -48.26 38.75
C SER C 186 11.46 -46.97 39.61
N ALA C 187 10.90 -45.87 39.10
CA ALA C 187 10.75 -44.64 39.87
C ALA C 187 9.76 -44.84 41.03
N ALA C 188 8.63 -45.48 40.74
CA ALA C 188 7.64 -45.78 41.78
C ALA C 188 8.17 -46.76 42.82
N LYS C 189 8.81 -47.84 42.36
CA LYS C 189 9.34 -48.81 43.27
C LYS C 189 10.40 -48.30 44.23
N LEU C 190 11.32 -47.43 43.77
CA LEU C 190 12.33 -46.88 44.69
C LEU C 190 11.75 -45.73 45.54
N GLY C 191 10.69 -45.09 45.03
CA GLY C 191 9.93 -44.13 45.83
C GLY C 191 9.38 -44.83 47.07
N LEU C 192 8.89 -46.06 46.90
CA LEU C 192 8.38 -46.84 48.03
C LEU C 192 9.44 -47.07 49.09
N LEU C 193 10.69 -47.31 48.67
CA LEU C 193 11.77 -47.43 49.65
C LEU C 193 11.94 -46.09 50.37
N GLY C 194 11.84 -44.99 49.63
CA GLY C 194 11.98 -43.64 50.20
C GLY C 194 10.94 -43.39 51.29
N LEU C 195 9.71 -43.81 51.01
CA LEU C 195 8.61 -43.79 51.96
C LEU C 195 8.94 -44.65 53.20
N ALA C 196 9.36 -45.88 52.97
CA ALA C 196 9.76 -46.79 54.05
C ALA C 196 10.89 -46.26 54.93
N ASN C 197 11.87 -45.60 54.34
CA ASN C 197 12.99 -45.07 55.11
C ASN C 197 12.48 -44.14 56.20
N SER C 198 11.46 -43.34 55.87
CA SER C 198 10.97 -42.35 56.82
C SER C 198 9.95 -42.94 57.83
N LEU C 199 9.11 -43.86 57.37
CA LEU C 199 8.15 -44.52 58.27
C LEU C 199 8.87 -45.33 59.35
N ALA C 200 9.93 -46.03 58.99
CA ALA C 200 10.79 -46.72 59.97
C ALA C 200 11.17 -45.80 61.11
N ILE C 201 11.57 -44.56 60.77
CA ILE C 201 11.98 -43.55 61.77
C ILE C 201 10.79 -43.08 62.61
N GLU C 202 9.68 -42.74 61.96
CA GLU C 202 8.52 -42.22 62.70
C GLU C 202 7.76 -43.29 63.53
N GLY C 203 7.77 -44.54 63.07
CA GLY C 203 7.09 -45.62 63.78
C GLY C 203 7.81 -46.25 64.96
N ARG C 204 9.14 -46.17 64.98
CA ARG C 204 9.97 -46.97 65.89
C ARG C 204 9.59 -46.87 67.39
N LYS C 205 9.42 -45.66 67.92
CA LYS C 205 9.12 -45.51 69.36
C LYS C 205 7.71 -46.02 69.72
N SER C 206 6.90 -46.27 68.69
CA SER C 206 5.54 -46.79 68.85
C SER C 206 5.42 -48.28 68.56
N ASN C 207 6.56 -48.98 68.50
CA ASN C 207 6.61 -50.40 68.07
C ASN C 207 5.92 -50.63 66.71
N ILE C 208 6.07 -49.66 65.82
CA ILE C 208 5.65 -49.81 64.43
C ILE C 208 6.90 -49.98 63.55
N HIS C 209 6.98 -51.10 62.84
CA HIS C 209 8.11 -51.37 61.98
C HIS C 209 7.71 -51.33 60.52
N CYS C 210 8.59 -50.77 59.69
CA CYS C 210 8.43 -50.77 58.24
C CYS C 210 9.65 -51.34 57.59
N ASN C 211 9.45 -52.29 56.70
CA ASN C 211 10.53 -52.95 55.98
C ASN C 211 10.15 -53.07 54.50
N THR C 212 11.17 -53.16 53.64
CA THR C 212 10.99 -53.20 52.21
C THR C 212 11.59 -54.49 51.64
N ILE C 213 10.84 -55.09 50.72
CA ILE C 213 11.33 -56.27 50.03
C ILE C 213 11.42 -56.00 48.54
N ALA C 214 12.33 -56.70 47.89
CA ALA C 214 12.42 -56.74 46.43
C ALA C 214 12.41 -58.22 46.08
N PRO C 215 11.21 -58.73 45.79
CA PRO C 215 10.97 -60.14 45.56
C PRO C 215 11.21 -60.59 44.11
N ASN C 216 11.21 -61.91 43.92
CA ASN C 216 11.41 -62.57 42.65
C ASN C 216 10.50 -63.80 42.63
N ALA C 217 9.44 -63.74 41.83
CA ALA C 217 8.50 -64.86 41.77
C ALA C 217 7.84 -64.97 40.42
N GLY C 218 7.54 -66.20 40.00
CA GLY C 218 6.72 -66.43 38.81
C GLY C 218 5.28 -66.05 39.06
N SER C 219 4.70 -65.22 38.17
CA SER C 219 3.34 -64.71 38.30
C SER C 219 2.86 -64.23 36.93
N ARG C 220 1.63 -63.74 36.83
CA ARG C 220 1.14 -63.20 35.57
C ARG C 220 1.96 -61.99 35.09
N MET C 221 2.49 -61.23 36.05
CA MET C 221 3.33 -60.06 35.79
C MET C 221 4.67 -60.45 35.20
N THR C 222 5.17 -61.62 35.58
CA THR C 222 6.52 -61.97 35.20
C THR C 222 6.59 -62.98 34.04
N GLN C 223 5.42 -63.50 33.66
CA GLN C 223 5.25 -64.44 32.55
C GLN C 223 5.84 -63.97 31.22
N THR C 224 5.76 -62.66 30.98
CA THR C 224 6.28 -62.13 29.72
C THR C 224 7.80 -62.11 29.63
N VAL C 225 8.49 -62.03 30.76
CA VAL C 225 9.95 -61.96 30.77
C VAL C 225 10.66 -63.27 31.14
N MET C 226 9.96 -64.20 31.80
CA MET C 226 10.58 -65.49 32.11
C MET C 226 9.95 -66.69 31.38
N PRO C 227 10.80 -67.69 31.03
CA PRO C 227 10.38 -68.98 30.50
C PRO C 227 9.41 -69.70 31.43
N GLU C 228 8.48 -70.44 30.83
CA GLU C 228 7.42 -71.15 31.56
C GLU C 228 7.94 -71.97 32.77
N ASP C 229 9.05 -72.69 32.57
CA ASP C 229 9.60 -73.56 33.61
C ASP C 229 10.14 -72.75 34.79
N LEU C 230 10.66 -71.57 34.49
CA LEU C 230 11.13 -70.65 35.52
C LEU C 230 9.97 -70.07 36.32
N VAL C 231 8.92 -69.61 35.63
CA VAL C 231 7.68 -69.14 36.28
C VAL C 231 7.21 -70.13 37.34
N GLU C 232 7.14 -71.40 36.97
CA GLU C 232 6.71 -72.46 37.87
C GLU C 232 7.71 -72.70 39.02
N ALA C 233 9.01 -72.61 38.74
CA ALA C 233 10.00 -72.90 39.78
C ALA C 233 10.22 -71.77 40.77
N LEU C 234 10.10 -70.51 40.33
CA LEU C 234 10.26 -69.36 41.24
C LEU C 234 8.99 -69.07 42.02
N LYS C 235 8.72 -69.90 43.02
CA LYS C 235 7.44 -69.84 43.73
C LYS C 235 7.35 -68.66 44.67
N PRO C 236 6.20 -67.96 44.66
CA PRO C 236 5.89 -66.91 45.60
C PRO C 236 5.92 -67.40 47.06
N GLU C 237 5.68 -68.69 47.28
CA GLU C 237 5.82 -69.27 48.62
C GLU C 237 7.26 -69.27 49.13
N TYR C 238 8.22 -68.88 48.28
CA TYR C 238 9.60 -68.75 48.73
C TYR C 238 9.87 -67.33 49.26
N VAL C 239 8.89 -66.45 49.06
CA VAL C 239 8.96 -65.06 49.56
C VAL C 239 8.18 -64.90 50.87
N ALA C 240 6.99 -65.54 50.92
CA ALA C 240 6.08 -65.46 52.07
C ALA C 240 6.78 -65.63 53.44
N PRO C 241 7.65 -66.65 53.60
CA PRO C 241 8.34 -66.80 54.90
C PRO C 241 9.07 -65.56 55.40
N LEU C 242 9.70 -64.79 54.52
CA LEU C 242 10.32 -63.53 54.90
C LEU C 242 9.27 -62.50 55.34
N VAL C 243 8.22 -62.35 54.54
CA VAL C 243 7.15 -61.43 54.85
C VAL C 243 6.54 -61.74 56.23
N LEU C 244 6.29 -63.01 56.51
CA LEU C 244 5.77 -63.41 57.80
C LEU C 244 6.73 -63.08 58.95
N TRP C 245 8.02 -63.39 58.79
CA TRP C 245 9.00 -63.04 59.84
C TRP C 245 9.06 -61.54 60.09
N LEU C 246 9.18 -60.74 59.03
CA LEU C 246 9.27 -59.28 59.21
C LEU C 246 7.98 -58.66 59.79
N CYS C 247 6.88 -59.38 59.70
CA CYS C 247 5.60 -58.92 60.22
C CYS C 247 5.26 -59.53 61.59
N HIS C 248 6.18 -60.31 62.16
CA HIS C 248 5.93 -60.97 63.44
C HIS C 248 6.18 -60.02 64.60
N GLU C 249 5.44 -60.22 65.69
CA GLU C 249 5.62 -59.40 66.90
C GLU C 249 7.04 -59.49 67.47
N SER C 250 7.70 -60.63 67.31
CA SER C 250 9.02 -60.84 67.89
C SER C 250 10.16 -60.32 67.03
N CYS C 251 9.83 -59.88 65.82
CA CYS C 251 10.81 -59.28 64.93
C CYS C 251 11.16 -57.85 65.31
N GLU C 252 12.47 -57.60 65.36
CA GLU C 252 13.07 -56.30 65.74
C GLU C 252 13.50 -55.52 64.50
N GLU C 253 13.54 -56.17 63.34
CA GLU C 253 14.03 -55.54 62.11
C GLU C 253 13.13 -54.38 61.70
N ASN C 254 13.76 -53.22 61.49
CA ASN C 254 13.07 -52.02 61.13
C ASN C 254 13.90 -51.24 60.11
N GLY C 255 13.28 -50.80 59.04
CA GLY C 255 13.97 -49.98 58.05
C GLY C 255 14.88 -50.76 57.13
N GLY C 256 14.70 -52.08 57.05
CA GLY C 256 15.57 -52.90 56.21
C GLY C 256 15.09 -53.04 54.78
N LEU C 257 16.03 -53.38 53.90
CA LEU C 257 15.75 -53.67 52.52
C LEU C 257 16.33 -55.05 52.19
N PHE C 258 15.46 -55.93 51.69
CA PHE C 258 15.80 -57.34 51.44
C PHE C 258 15.47 -57.72 50.02
N GLU C 259 16.42 -58.41 49.40
CA GLU C 259 16.18 -59.14 48.15
C GLU C 259 15.89 -60.60 48.47
N VAL C 260 14.91 -61.16 47.78
CA VAL C 260 14.38 -62.45 48.15
C VAL C 260 13.80 -63.23 46.96
N GLY C 261 14.17 -64.50 46.89
CA GLY C 261 13.63 -65.39 45.88
C GLY C 261 14.33 -66.73 45.88
N ALA C 262 13.61 -67.74 45.40
CA ALA C 262 14.16 -69.06 45.13
C ALA C 262 14.48 -69.87 46.40
N GLY C 263 14.32 -69.23 47.56
CA GLY C 263 14.71 -69.83 48.85
C GLY C 263 15.88 -69.14 49.53
N TRP C 264 16.34 -68.07 48.89
CA TRP C 264 17.46 -67.25 49.36
C TRP C 264 16.95 -65.88 49.85
N ILE C 265 17.64 -65.30 50.83
CA ILE C 265 17.36 -63.93 51.31
C ILE C 265 18.69 -63.22 51.53
N GLY C 266 18.75 -61.95 51.11
CA GLY C 266 19.87 -61.07 51.43
C GLY C 266 19.44 -59.66 51.80
N LYS C 267 20.35 -58.91 52.39
CA LYS C 267 20.08 -57.55 52.83
C LYS C 267 20.97 -56.53 52.09
N LEU C 268 20.40 -55.36 51.81
CA LEU C 268 21.10 -54.26 51.12
C LEU C 268 21.36 -53.07 52.05
N ARG C 269 22.51 -52.43 51.88
CA ARG C 269 22.77 -51.14 52.52
C ARG C 269 23.65 -50.24 51.67
N TRP C 270 23.54 -48.94 51.92
CA TRP C 270 24.36 -47.95 51.28
C TRP C 270 25.78 -48.00 51.86
N GLU C 271 26.75 -47.91 50.95
CA GLU C 271 28.17 -47.70 51.28
C GLU C 271 28.52 -46.32 50.69
N ARG C 272 29.38 -45.57 51.38
CA ARG C 272 29.68 -44.18 50.96
C ARG C 272 31.18 -43.93 50.94
N THR C 273 31.70 -43.44 49.82
CA THR C 273 33.16 -43.22 49.74
C THR C 273 33.62 -42.21 50.79
N LEU C 274 34.88 -42.34 51.25
CA LEU C 274 35.49 -41.32 52.09
C LEU C 274 35.47 -39.98 51.33
N GLY C 275 35.62 -40.07 50.00
CA GLY C 275 35.42 -38.94 49.10
C GLY C 275 36.60 -38.00 49.11
N ALA C 276 36.40 -36.79 48.62
CA ALA C 276 37.47 -35.78 48.60
C ALA C 276 36.97 -34.40 48.96
N ILE C 277 37.74 -33.73 49.81
CA ILE C 277 37.56 -32.30 50.01
C ILE C 277 38.30 -31.59 48.88
N VAL C 278 37.53 -31.04 47.92
CA VAL C 278 38.15 -30.44 46.73
C VAL C 278 38.39 -28.94 46.89
N ARG C 279 37.64 -28.31 47.78
CA ARG C 279 37.76 -26.87 48.01
C ARG C 279 38.91 -26.57 48.96
N GLN C 280 39.71 -25.58 48.58
CA GLN C 280 40.74 -25.04 49.46
C GLN C 280 40.29 -23.67 49.94
N LYS C 281 40.73 -23.28 51.13
CA LYS C 281 40.41 -21.93 51.61
C LYS C 281 41.31 -20.87 50.95
N ASN C 282 40.92 -19.62 50.74
CA ASN C 282 39.95 -19.15 49.83
C ASN C 282 40.42 -19.03 48.36
N HIS C 283 40.30 -20.19 47.74
CA HIS C 283 40.33 -20.36 46.31
C HIS C 283 38.96 -20.84 45.91
N PRO C 284 38.39 -20.23 44.85
CA PRO C 284 37.11 -20.75 44.34
C PRO C 284 37.18 -22.24 43.99
N MET C 285 36.11 -22.94 44.31
CA MET C 285 35.96 -24.36 43.95
C MET C 285 35.65 -24.44 42.45
N THR C 286 36.45 -25.22 41.72
CA THR C 286 36.26 -25.35 40.27
C THR C 286 35.82 -26.77 39.82
N PRO C 287 35.10 -26.83 38.68
CA PRO C 287 34.85 -28.14 38.05
C PRO C 287 36.16 -28.88 37.73
N GLU C 288 37.21 -28.13 37.42
CA GLU C 288 38.53 -28.69 37.11
C GLU C 288 39.10 -29.47 38.30
N ALA C 289 38.87 -28.96 39.51
CA ALA C 289 39.31 -29.61 40.75
C ALA C 289 38.52 -30.88 41.04
N VAL C 290 37.23 -30.87 40.72
CA VAL C 290 36.39 -32.06 40.83
C VAL C 290 36.94 -33.14 39.89
N LYS C 291 37.20 -32.77 38.63
CA LYS C 291 37.69 -33.71 37.61
C LYS C 291 39.03 -34.30 38.03
N ALA C 292 39.93 -33.44 38.50
CA ALA C 292 41.26 -33.87 38.95
C ALA C 292 41.19 -34.85 40.10
N ASN C 293 40.13 -34.75 40.90
CA ASN C 293 39.97 -35.57 42.10
C ASN C 293 38.98 -36.74 41.93
N TRP C 294 38.58 -36.98 40.69
CA TRP C 294 37.49 -37.93 40.42
C TRP C 294 37.75 -39.35 40.91
N LYS C 295 38.96 -39.86 40.70
CA LYS C 295 39.31 -41.22 41.15
C LYS C 295 39.15 -41.36 42.67
N LYS C 296 39.66 -40.38 43.41
CA LYS C 296 39.54 -40.31 44.86
C LYS C 296 38.10 -40.22 45.32
N ILE C 297 37.32 -39.31 44.71
CA ILE C 297 35.89 -39.18 45.03
C ILE C 297 35.16 -40.52 44.83
N CYS C 298 35.55 -41.27 43.81
CA CYS C 298 34.85 -42.50 43.43
C CYS C 298 35.41 -43.80 44.02
N ASP C 299 36.50 -43.68 44.79
CA ASP C 299 37.17 -44.86 45.39
C ASP C 299 36.46 -45.37 46.66
N PHE C 300 35.96 -46.59 46.60
CA PHE C 300 35.21 -47.20 47.70
C PHE C 300 36.06 -47.96 48.76
N GLU C 301 37.38 -47.94 48.60
CA GLU C 301 38.25 -48.53 49.63
C GLU C 301 38.03 -47.83 50.97
N ASN C 302 37.76 -48.62 52.02
CA ASN C 302 37.41 -48.14 53.37
C ASN C 302 36.17 -47.23 53.41
N ALA C 303 35.23 -47.44 52.49
CA ALA C 303 34.01 -46.66 52.44
C ALA C 303 33.29 -46.77 53.77
N SER C 304 32.59 -45.72 54.16
CA SER C 304 31.81 -45.74 55.40
C SER C 304 30.43 -46.36 55.13
N LYS C 305 29.73 -46.69 56.22
CA LYS C 305 28.40 -47.30 56.18
C LYS C 305 27.42 -46.43 56.95
N PRO C 306 26.95 -45.35 56.31
CA PRO C 306 26.13 -44.33 56.99
C PRO C 306 24.77 -44.86 57.43
N GLN C 307 24.42 -44.58 58.68
CA GLN C 307 23.24 -45.14 59.34
C GLN C 307 22.04 -44.20 59.37
N SER C 308 22.27 -42.89 59.18
CA SER C 308 21.18 -41.91 59.31
C SER C 308 21.54 -40.60 58.61
N ILE C 309 20.52 -39.79 58.34
CA ILE C 309 20.71 -38.45 57.82
C ILE C 309 21.65 -37.59 58.72
N GLN C 310 21.46 -37.65 60.04
CA GLN C 310 22.31 -36.91 60.98
C GLN C 310 23.79 -37.21 60.77
N GLU C 311 24.09 -38.49 60.54
CA GLU C 311 25.46 -38.95 60.33
C GLU C 311 26.10 -38.34 59.08
N SER C 312 25.38 -38.39 57.96
CA SER C 312 25.87 -37.84 56.69
C SER C 312 25.94 -36.31 56.73
N THR C 313 24.81 -35.71 57.07
CA THR C 313 24.70 -34.26 57.18
C THR C 313 25.71 -33.67 58.18
N GLY C 314 25.84 -34.30 59.35
CA GLY C 314 26.77 -33.82 60.37
C GLY C 314 28.21 -33.81 59.88
N SER C 315 28.61 -34.85 59.17
CA SER C 315 30.01 -34.96 58.72
C SER C 315 30.33 -33.93 57.62
N ILE C 316 29.33 -33.60 56.81
CA ILE C 316 29.43 -32.63 55.74
C ILE C 316 29.61 -31.23 56.30
N ILE C 317 28.78 -30.89 57.28
CA ILE C 317 28.88 -29.61 57.96
C ILE C 317 30.24 -29.45 58.65
N GLU C 318 30.74 -30.53 59.25
CA GLU C 318 32.07 -30.54 59.84
C GLU C 318 33.19 -30.19 58.85
N VAL C 319 32.95 -30.42 57.55
CA VAL C 319 33.93 -30.09 56.51
C VAL C 319 34.21 -28.60 56.44
N LEU C 320 33.20 -27.77 56.71
CA LEU C 320 33.40 -26.32 56.71
C LEU C 320 34.49 -25.88 57.69
N SER C 321 34.44 -26.38 58.92
CA SER C 321 35.46 -26.02 59.91
C SER C 321 36.82 -26.64 59.61
N LYS C 322 36.82 -27.81 58.96
CA LYS C 322 38.05 -28.48 58.54
C LYS C 322 38.83 -27.61 57.56
N ILE C 323 38.09 -27.02 56.62
CA ILE C 323 38.67 -26.13 55.59
C ILE C 323 39.25 -24.85 56.21
N ASP C 324 38.51 -24.27 57.16
CA ASP C 324 38.96 -23.07 57.86
C ASP C 324 40.08 -23.29 58.87
N SER C 325 40.34 -24.54 59.26
CA SER C 325 41.39 -24.83 60.25
C SER C 325 42.80 -24.79 59.66
N SER D 24 43.26 -28.09 30.76
CA SER D 24 42.38 -27.26 29.88
C SER D 24 41.04 -26.94 30.58
N PRO D 25 40.61 -25.67 30.58
CA PRO D 25 39.36 -25.34 31.27
C PRO D 25 38.13 -26.04 30.70
N LEU D 26 37.21 -26.42 31.58
CA LEU D 26 36.01 -27.11 31.19
C LEU D 26 34.95 -26.11 30.71
N ARG D 27 34.71 -26.09 29.41
CA ARG D 27 33.86 -25.07 28.81
C ARG D 27 32.52 -25.66 28.37
N PHE D 28 31.55 -24.77 28.15
CA PHE D 28 30.21 -25.15 27.73
C PHE D 28 29.76 -24.30 26.53
N ASP D 29 30.71 -23.70 25.82
CA ASP D 29 30.38 -22.85 24.66
C ASP D 29 29.52 -23.62 23.65
N GLY D 30 28.40 -23.02 23.25
CA GLY D 30 27.47 -23.62 22.30
C GLY D 30 26.55 -24.71 22.85
N ARG D 31 26.61 -24.97 24.16
CA ARG D 31 25.77 -26.00 24.76
C ARG D 31 24.54 -25.36 25.39
N VAL D 32 23.37 -25.86 25.02
CA VAL D 32 22.13 -25.36 25.56
C VAL D 32 21.83 -26.11 26.84
N VAL D 33 21.78 -25.36 27.94
CA VAL D 33 21.61 -25.94 29.26
C VAL D 33 20.36 -25.41 29.91
N LEU D 34 19.44 -26.33 30.25
CA LEU D 34 18.24 -25.96 31.03
C LEU D 34 18.42 -26.29 32.49
N VAL D 35 18.13 -25.30 33.33
CA VAL D 35 18.14 -25.47 34.77
C VAL D 35 16.75 -25.13 35.26
N THR D 36 16.05 -26.14 35.81
CA THR D 36 14.72 -25.90 36.41
C THR D 36 14.85 -25.39 37.84
N GLY D 37 13.93 -24.52 38.23
CA GLY D 37 14.04 -23.84 39.52
C GLY D 37 15.30 -22.98 39.67
N ALA D 38 15.66 -22.25 38.61
CA ALA D 38 16.92 -21.51 38.57
C ALA D 38 16.81 -20.08 39.13
N GLY D 39 15.68 -19.74 39.72
CA GLY D 39 15.46 -18.42 40.31
C GLY D 39 16.13 -18.16 41.65
N ALA D 40 16.48 -19.22 42.36
CA ALA D 40 17.09 -19.07 43.70
C ALA D 40 17.97 -20.27 44.05
N GLY D 41 18.72 -20.16 45.14
CA GLY D 41 19.40 -21.30 45.76
C GLY D 41 20.34 -22.03 44.82
N LEU D 42 20.26 -23.35 44.82
CA LEU D 42 21.11 -24.21 44.01
C LEU D 42 20.98 -23.96 42.50
N GLY D 43 19.74 -23.85 42.02
CA GLY D 43 19.48 -23.67 40.57
C GLY D 43 20.12 -22.41 40.04
N ARG D 44 19.98 -21.32 40.81
CA ARG D 44 20.57 -20.05 40.46
C ARG D 44 22.08 -20.20 40.35
N ALA D 45 22.71 -20.77 41.38
CA ALA D 45 24.15 -21.04 41.35
C ALA D 45 24.53 -21.87 40.10
N TYR D 46 23.74 -22.89 39.76
CA TYR D 46 24.02 -23.68 38.54
C TYR D 46 24.01 -22.81 37.29
N ALA D 47 22.95 -22.03 37.13
CA ALA D 47 22.71 -21.24 35.95
C ALA D 47 23.83 -20.22 35.74
N LEU D 48 24.21 -19.52 36.81
CA LEU D 48 25.36 -18.61 36.77
C LEU D 48 26.67 -19.31 36.39
N ALA D 49 26.94 -20.46 37.00
CA ALA D 49 28.20 -21.15 36.76
C ALA D 49 28.29 -21.68 35.32
N PHE D 50 27.17 -22.19 34.78
CA PHE D 50 27.09 -22.62 33.38
C PHE D 50 27.32 -21.48 32.42
N ALA D 51 26.60 -20.38 32.61
CA ALA D 51 26.65 -19.20 31.71
C ALA D 51 28.01 -18.55 31.66
N GLU D 52 28.69 -18.53 32.81
CA GLU D 52 30.04 -18.00 32.88
C GLU D 52 31.04 -18.82 32.05
N ARG D 53 30.70 -20.07 31.72
CA ARG D 53 31.57 -20.91 30.89
CA ARG D 53 31.58 -20.89 30.88
C ARG D 53 31.00 -21.08 29.48
N GLY D 54 30.18 -20.11 29.08
CA GLY D 54 29.70 -20.00 27.71
C GLY D 54 28.48 -20.79 27.31
N ALA D 55 27.77 -21.36 28.28
CA ALA D 55 26.52 -22.09 28.03
C ALA D 55 25.41 -21.13 27.63
N LEU D 56 24.54 -21.60 26.74
CA LEU D 56 23.30 -20.87 26.42
C LEU D 56 22.27 -21.43 27.40
N VAL D 57 21.85 -20.61 28.34
CA VAL D 57 21.16 -21.07 29.52
C VAL D 57 19.67 -20.75 29.45
N VAL D 58 18.84 -21.79 29.63
CA VAL D 58 17.43 -21.57 29.92
C VAL D 58 17.22 -21.53 31.44
N VAL D 59 16.77 -20.36 31.91
CA VAL D 59 16.47 -20.10 33.32
C VAL D 59 14.97 -20.33 33.55
N ASN D 60 14.64 -21.51 34.07
CA ASN D 60 13.26 -21.80 34.38
C ASN D 60 12.99 -21.52 35.85
N ASP D 61 11.86 -20.87 36.10
CA ASP D 61 11.30 -20.75 37.45
C ASP D 61 9.84 -20.34 37.39
N LEU D 62 9.02 -21.05 38.16
CA LEU D 62 7.62 -20.73 38.30
C LEU D 62 7.44 -19.41 39.08
N GLY D 63 8.39 -19.13 39.98
CA GLY D 63 8.39 -17.87 40.73
C GLY D 63 7.46 -17.79 41.93
N GLY D 64 7.11 -18.94 42.51
CA GLY D 64 6.30 -19.01 43.72
C GLY D 64 7.13 -19.28 44.98
N ASP D 65 6.46 -19.54 46.11
CA ASP D 65 7.16 -19.79 47.37
C ASP D 65 7.62 -21.24 47.53
N PHE D 66 8.36 -21.52 48.60
CA PHE D 66 9.00 -22.82 48.72
C PHE D 66 8.05 -23.92 49.18
N LYS D 67 6.78 -23.55 49.40
CA LYS D 67 5.73 -24.50 49.77
C LYS D 67 4.77 -24.76 48.61
N GLY D 68 5.10 -24.27 47.42
CA GLY D 68 4.28 -24.49 46.24
C GLY D 68 3.11 -23.54 46.03
N VAL D 69 3.18 -22.35 46.64
CA VAL D 69 2.13 -21.35 46.47
C VAL D 69 2.63 -20.16 45.67
N GLY D 70 1.88 -19.77 44.64
CA GLY D 70 2.19 -18.56 43.86
C GLY D 70 2.96 -18.79 42.57
N LYS D 71 3.19 -17.70 41.87
CA LYS D 71 3.76 -17.70 40.52
C LYS D 71 4.14 -16.27 40.17
N GLY D 72 5.26 -16.11 39.45
CA GLY D 72 5.69 -14.80 39.00
C GLY D 72 6.87 -14.85 38.05
N SER D 73 7.03 -13.80 37.26
CA SER D 73 8.08 -13.67 36.27
C SER D 73 9.37 -13.18 36.86
N LEU D 74 9.30 -12.52 38.02
CA LEU D 74 10.49 -11.82 38.53
C LEU D 74 11.63 -12.74 38.94
N ALA D 75 11.32 -13.89 39.50
CA ALA D 75 12.35 -14.84 39.93
C ALA D 75 13.29 -15.24 38.77
N ALA D 76 12.72 -15.67 37.64
CA ALA D 76 13.53 -16.07 36.48
C ALA D 76 14.18 -14.85 35.79
N ASP D 77 13.44 -13.76 35.66
CA ASP D 77 13.92 -12.52 35.06
C ASP D 77 15.15 -11.93 35.74
N LYS D 78 15.17 -11.93 37.08
CA LYS D 78 16.33 -11.46 37.84
C LYS D 78 17.61 -12.22 37.51
N VAL D 79 17.48 -13.53 37.33
CA VAL D 79 18.67 -14.38 37.09
C VAL D 79 19.14 -14.25 35.64
N VAL D 80 18.19 -14.16 34.70
CA VAL D 80 18.53 -13.87 33.31
C VAL D 80 19.30 -12.53 33.21
N GLU D 81 18.81 -11.50 33.91
CA GLU D 81 19.49 -10.21 34.01
C GLU D 81 20.91 -10.31 34.56
N GLU D 82 21.06 -10.98 35.69
CA GLU D 82 22.38 -11.24 36.29
C GLU D 82 23.37 -11.88 35.31
N ILE D 83 22.91 -12.93 34.63
CA ILE D 83 23.71 -13.63 33.62
C ILE D 83 24.16 -12.68 32.47
N ARG D 84 23.22 -11.90 31.95
CA ARG D 84 23.45 -10.97 30.86
C ARG D 84 24.42 -9.85 31.26
N ARG D 85 24.23 -9.33 32.48
CA ARG D 85 25.14 -8.36 33.06
C ARG D 85 26.57 -8.89 33.16
N ARG D 86 26.68 -10.20 33.41
CA ARG D 86 27.98 -10.88 33.53
C ARG D 86 28.53 -11.31 32.16
N GLY D 87 27.79 -10.99 31.10
CA GLY D 87 28.25 -11.21 29.75
C GLY D 87 27.93 -12.57 29.18
N GLY D 88 27.07 -13.30 29.87
CA GLY D 88 26.59 -14.59 29.39
C GLY D 88 25.30 -14.50 28.57
N LYS D 89 24.87 -15.63 28.04
CA LYS D 89 23.64 -15.70 27.24
C LYS D 89 22.62 -16.56 27.95
N ALA D 90 21.41 -16.02 28.12
CA ALA D 90 20.34 -16.70 28.83
C ALA D 90 18.97 -16.22 28.37
N VAL D 91 17.97 -17.08 28.57
CA VAL D 91 16.57 -16.74 28.31
C VAL D 91 15.72 -17.31 29.45
N ALA D 92 14.57 -16.69 29.69
CA ALA D 92 13.69 -17.04 30.80
C ALA D 92 12.59 -18.00 30.36
N ASN D 93 12.25 -18.96 31.24
CA ASN D 93 10.99 -19.70 31.12
C ASN D 93 10.20 -19.64 32.42
N TYR D 94 8.90 -19.40 32.30
CA TYR D 94 8.02 -19.13 33.44
C TYR D 94 7.08 -20.30 33.83
N ASP D 95 7.17 -21.39 33.10
CA ASP D 95 6.26 -22.50 33.30
C ASP D 95 6.65 -23.37 34.47
N SER D 96 5.64 -23.97 35.07
CA SER D 96 5.81 -25.03 36.04
C SER D 96 6.43 -26.25 35.34
N VAL D 97 7.37 -26.92 36.02
CA VAL D 97 7.94 -28.18 35.50
C VAL D 97 6.86 -29.26 35.32
N GLU D 98 5.70 -29.05 35.92
CA GLU D 98 4.50 -29.86 35.62
C GLU D 98 4.20 -29.84 34.11
N GLU D 99 4.41 -28.70 33.47
CA GLU D 99 4.29 -28.60 32.00
C GLU D 99 5.66 -28.65 31.34
N GLY D 100 6.34 -29.78 31.53
CA GLY D 100 7.72 -29.95 31.11
C GLY D 100 8.01 -29.74 29.63
N GLU D 101 7.06 -30.11 28.79
CA GLU D 101 7.15 -29.87 27.36
C GLU D 101 7.24 -28.37 27.02
N LYS D 102 6.48 -27.53 27.74
CA LYS D 102 6.55 -26.06 27.54
C LYS D 102 7.91 -25.51 27.98
N VAL D 103 8.47 -26.06 29.04
CA VAL D 103 9.79 -25.65 29.54
C VAL D 103 10.87 -25.93 28.50
N VAL D 104 10.87 -27.16 27.97
CA VAL D 104 11.84 -27.56 26.96
C VAL D 104 11.63 -26.79 25.63
N LYS D 105 10.40 -26.40 25.33
CA LYS D 105 10.13 -25.68 24.09
C LYS D 105 10.82 -24.30 24.06
N THR D 106 10.96 -23.65 25.20
CA THR D 106 11.73 -22.42 25.30
C THR D 106 13.17 -22.61 24.80
N ALA D 107 13.83 -23.72 25.17
CA ALA D 107 15.19 -23.97 24.68
C ALA D 107 15.20 -24.19 23.17
N LEU D 108 14.21 -24.92 22.68
CA LEU D 108 14.08 -25.18 21.24
C LEU D 108 13.78 -23.89 20.46
N ASP D 109 12.89 -23.04 20.98
CA ASP D 109 12.59 -21.78 20.31
C ASP D 109 13.73 -20.76 20.37
N ALA D 110 14.35 -20.59 21.54
CA ALA D 110 15.43 -19.59 21.66
C ALA D 110 16.75 -20.03 21.03
N PHE D 111 17.13 -21.30 21.23
CA PHE D 111 18.46 -21.77 20.83
C PHE D 111 18.48 -22.92 19.81
N GLY D 112 17.33 -23.57 19.57
CA GLY D 112 17.21 -24.56 18.51
C GLY D 112 17.58 -25.98 18.89
N ARG D 113 17.94 -26.18 20.14
CA ARG D 113 18.39 -27.48 20.63
C ARG D 113 18.34 -27.50 22.17
N ILE D 114 18.47 -28.69 22.75
CA ILE D 114 18.63 -28.87 24.20
C ILE D 114 19.68 -29.95 24.41
N ASP D 115 20.70 -29.65 25.23
CA ASP D 115 21.87 -30.53 25.38
C ASP D 115 22.07 -30.99 26.85
N VAL D 116 21.71 -30.13 27.80
CA VAL D 116 21.84 -30.43 29.24
C VAL D 116 20.58 -30.01 30.01
N VAL D 117 20.11 -30.91 30.88
CA VAL D 117 18.92 -30.68 31.70
C VAL D 117 19.28 -30.95 33.17
N VAL D 118 19.20 -29.90 33.99
CA VAL D 118 19.40 -30.03 35.41
C VAL D 118 18.05 -29.89 36.08
N ASN D 119 17.51 -31.03 36.49
CA ASN D 119 16.23 -31.08 37.18
C ASN D 119 16.47 -30.69 38.64
N ASN D 120 16.09 -29.47 38.99
CA ASN D 120 16.39 -28.93 40.32
C ASN D 120 15.15 -28.39 41.05
N ALA D 121 14.10 -28.00 40.30
CA ALA D 121 12.91 -27.42 40.88
C ALA D 121 12.39 -28.30 41.99
N GLY D 122 12.08 -27.67 43.13
CA GLY D 122 11.50 -28.37 44.27
C GLY D 122 10.85 -27.45 45.29
N ILE D 123 10.00 -28.05 46.12
CA ILE D 123 9.26 -27.41 47.23
C ILE D 123 9.21 -28.36 48.43
N LEU D 124 8.79 -27.84 49.58
CA LEU D 124 8.64 -28.64 50.80
C LEU D 124 7.22 -28.59 51.37
N ARG D 125 6.76 -29.74 51.87
CA ARG D 125 5.53 -29.85 52.63
C ARG D 125 5.78 -30.80 53.80
N ASP D 126 6.68 -30.39 54.70
CA ASP D 126 6.98 -31.15 55.91
C ASP D 126 5.76 -31.31 56.83
N ARG D 127 5.54 -32.55 57.29
CA ARG D 127 4.41 -32.93 58.16
C ARG D 127 4.63 -34.36 58.62
N SER D 128 4.26 -34.63 59.86
CA SER D 128 4.31 -36.01 60.35
C SER D 128 3.30 -36.87 59.57
N PHE D 129 3.59 -38.17 59.46
CA PHE D 129 2.93 -39.01 58.50
C PHE D 129 1.39 -38.94 58.44
N ALA D 130 0.75 -39.14 59.59
CA ALA D 130 -0.71 -39.12 59.69
C ALA D 130 -1.30 -37.78 59.24
N ARG D 131 -0.46 -36.74 59.25
CA ARG D 131 -0.86 -35.37 58.97
C ARG D 131 -0.63 -34.92 57.53
N ILE D 132 0.01 -35.75 56.71
CA ILE D 132 0.18 -35.44 55.30
C ILE D 132 -1.17 -35.58 54.57
N SER D 133 -1.70 -34.47 54.08
CA SER D 133 -2.95 -34.45 53.29
C SER D 133 -2.70 -34.98 51.85
N ASP D 134 -3.79 -35.24 51.12
CA ASP D 134 -3.71 -35.70 49.75
C ASP D 134 -2.98 -34.66 48.92
N GLU D 135 -3.31 -33.39 49.14
CA GLU D 135 -2.64 -32.29 48.45
C GLU D 135 -1.15 -32.14 48.79
N ASP D 136 -0.79 -32.32 50.06
CA ASP D 136 0.64 -32.32 50.41
C ASP D 136 1.39 -33.37 49.60
N TRP D 137 0.78 -34.53 49.40
CA TRP D 137 1.45 -35.63 48.72
C TRP D 137 1.52 -35.34 47.24
N ASP D 138 0.37 -34.99 46.65
CA ASP D 138 0.29 -34.84 45.20
C ASP D 138 1.14 -33.68 44.65
N ILE D 139 1.11 -32.52 45.31
CA ILE D 139 1.97 -31.41 44.90
C ILE D 139 3.49 -31.72 45.02
N ILE D 140 3.93 -32.44 46.05
CA ILE D 140 5.34 -32.79 46.16
C ILE D 140 5.70 -33.72 45.00
N HIS D 141 4.85 -34.70 44.76
CA HIS D 141 5.08 -35.68 43.71
C HIS D 141 4.96 -35.12 42.30
N ARG D 142 4.00 -34.22 42.07
CA ARG D 142 3.87 -33.55 40.77
C ARG D 142 5.09 -32.69 40.40
N VAL D 143 5.62 -31.98 41.39
CA VAL D 143 6.73 -31.05 41.13
C VAL D 143 8.08 -31.79 41.05
N HIS D 144 8.42 -32.54 42.08
CA HIS D 144 9.74 -33.16 42.15
C HIS D 144 9.85 -34.28 41.13
N LEU D 145 8.98 -35.27 41.24
CA LEU D 145 9.13 -36.51 40.50
C LEU D 145 8.43 -36.50 39.11
N ARG D 146 7.13 -36.22 39.06
CA ARG D 146 6.43 -36.10 37.78
C ARG D 146 7.01 -34.95 36.94
N GLY D 147 7.42 -33.87 37.61
CA GLY D 147 7.99 -32.71 36.92
C GLY D 147 9.32 -33.05 36.23
N SER D 148 10.24 -33.69 36.96
CA SER D 148 11.49 -34.13 36.36
C SER D 148 11.26 -35.09 35.17
N PHE D 149 10.33 -36.03 35.35
CA PHE D 149 9.92 -36.91 34.28
C PHE D 149 9.42 -36.13 33.07
N GLN D 150 8.56 -35.13 33.29
CA GLN D 150 7.93 -34.42 32.17
C GLN D 150 9.00 -33.62 31.41
N VAL D 151 9.87 -32.94 32.16
CA VAL D 151 10.95 -32.17 31.58
C VAL D 151 11.86 -33.11 30.79
N THR D 152 12.34 -34.18 31.44
CA THR D 152 13.32 -35.06 30.82
C THR D 152 12.73 -35.84 29.62
N ARG D 153 11.48 -36.27 29.73
CA ARG D 153 10.86 -36.91 28.60
C ARG D 153 10.78 -35.96 27.39
N ALA D 154 10.48 -34.69 27.61
CA ALA D 154 10.39 -33.75 26.46
C ALA D 154 11.75 -33.53 25.79
N ALA D 155 12.83 -33.60 26.58
CA ALA D 155 14.17 -33.43 26.04
C ALA D 155 14.69 -34.71 25.31
N TRP D 156 14.14 -35.86 25.68
CA TRP D 156 14.81 -37.17 25.47
C TRP D 156 15.10 -37.47 24.00
N GLU D 157 14.09 -37.35 23.14
CA GLU D 157 14.28 -37.75 21.77
C GLU D 157 15.17 -36.78 20.97
N HIS D 158 15.21 -35.52 21.42
CA HIS D 158 16.17 -34.54 20.86
C HIS D 158 17.57 -34.97 21.21
N MET D 159 17.76 -35.38 22.45
CA MET D 159 19.06 -35.86 22.90
C MET D 159 19.52 -37.12 22.17
N LYS D 160 18.60 -38.06 21.94
CA LYS D 160 18.92 -39.29 21.21
C LYS D 160 19.24 -39.03 19.74
N LYS D 161 18.49 -38.13 19.10
CA LYS D 161 18.74 -37.81 17.68
C LYS D 161 20.10 -37.15 17.47
N GLN D 162 20.45 -36.19 18.32
CA GLN D 162 21.78 -35.58 18.26
C GLN D 162 22.89 -36.45 18.90
N LYS D 163 22.50 -37.53 19.57
CA LYS D 163 23.44 -38.41 20.28
C LYS D 163 24.31 -37.67 21.27
N TYR D 164 23.66 -36.87 22.12
CA TYR D 164 24.31 -36.15 23.20
C TYR D 164 23.27 -35.70 24.21
N GLY D 165 23.55 -35.96 25.48
CA GLY D 165 22.70 -35.49 26.56
C GLY D 165 23.39 -35.66 27.89
N ARG D 166 23.12 -34.73 28.78
CA ARG D 166 23.63 -34.78 30.13
C ARG D 166 22.47 -34.33 31.03
N ILE D 167 22.10 -35.19 32.00
CA ILE D 167 20.91 -34.97 32.82
C ILE D 167 21.32 -35.11 34.27
N ILE D 168 20.76 -34.26 35.13
CA ILE D 168 20.97 -34.39 36.57
C ILE D 168 19.62 -34.51 37.24
N MET D 169 19.50 -35.47 38.16
CA MET D 169 18.35 -35.53 39.06
C MET D 169 18.78 -35.06 40.44
N THR D 170 17.89 -34.34 41.11
CA THR D 170 18.19 -33.88 42.46
C THR D 170 17.45 -34.72 43.49
N SER D 171 18.17 -35.62 44.18
CA SER D 171 17.59 -36.39 45.27
C SER D 171 17.92 -35.65 46.57
N SER D 172 17.89 -36.35 47.69
CA SER D 172 18.25 -35.78 48.99
C SER D 172 18.62 -36.86 49.97
N ALA D 173 19.41 -36.48 50.98
CA ALA D 173 19.76 -37.36 52.08
C ALA D 173 18.49 -37.88 52.82
N SER D 174 17.45 -37.07 52.91
CA SER D 174 16.19 -37.54 53.47
C SER D 174 15.60 -38.71 52.66
N GLY D 175 15.73 -38.70 51.34
CA GLY D 175 15.31 -39.83 50.49
C GLY D 175 16.17 -41.07 50.75
N ILE D 176 17.47 -40.87 50.76
CA ILE D 176 18.44 -41.95 50.92
C ILE D 176 18.42 -42.59 52.31
N TYR D 177 18.22 -41.79 53.36
CA TYR D 177 18.29 -42.27 54.74
C TYR D 177 16.94 -42.28 55.47
N GLY D 178 15.98 -41.50 54.98
CA GLY D 178 14.76 -41.26 55.73
C GLY D 178 14.95 -40.10 56.68
N ASN D 179 13.84 -39.46 57.04
CA ASN D 179 13.86 -38.32 57.95
C ASN D 179 12.46 -38.08 58.51
N PHE D 180 12.39 -37.98 59.83
CA PHE D 180 11.17 -37.66 60.55
C PHE D 180 10.45 -36.45 59.90
N GLY D 181 9.17 -36.60 59.60
CA GLY D 181 8.36 -35.49 59.10
C GLY D 181 8.50 -35.18 57.62
N GLN D 182 9.12 -36.08 56.86
CA GLN D 182 9.34 -35.84 55.44
C GLN D 182 9.07 -37.06 54.56
N ALA D 183 8.11 -37.88 54.96
CA ALA D 183 7.83 -39.12 54.25
C ALA D 183 7.42 -38.88 52.80
N ASN D 184 6.62 -37.84 52.55
CA ASN D 184 6.20 -37.51 51.18
C ASN D 184 7.39 -37.10 50.31
N TYR D 185 8.18 -36.17 50.82
CA TYR D 185 9.38 -35.66 50.16
C TYR D 185 10.43 -36.73 49.96
N SER D 186 10.67 -37.54 50.98
CA SER D 186 11.63 -38.63 50.86
C SER D 186 11.22 -39.67 49.81
N ALA D 187 9.93 -39.92 49.71
CA ALA D 187 9.44 -40.85 48.70
C ALA D 187 9.72 -40.28 47.30
N ALA D 188 9.42 -39.00 47.11
CA ALA D 188 9.62 -38.34 45.80
C ALA D 188 11.12 -38.28 45.47
N LYS D 189 11.94 -37.96 46.46
CA LYS D 189 13.38 -37.81 46.24
C LYS D 189 14.04 -39.10 45.87
N LEU D 190 13.64 -40.20 46.50
CA LEU D 190 14.23 -41.48 46.14
C LEU D 190 13.62 -42.07 44.85
N GLY D 191 12.36 -41.70 44.54
CA GLY D 191 11.79 -42.05 43.26
C GLY D 191 12.62 -41.47 42.12
N LEU D 192 13.09 -40.23 42.29
CA LEU D 192 13.99 -39.59 41.32
C LEU D 192 15.23 -40.43 41.03
N LEU D 193 15.79 -41.09 42.05
CA LEU D 193 16.96 -41.93 41.85
C LEU D 193 16.55 -43.16 41.06
N GLY D 194 15.38 -43.69 41.36
CA GLY D 194 14.83 -44.83 40.63
C GLY D 194 14.67 -44.52 39.15
N LEU D 195 14.21 -43.30 38.85
CA LEU D 195 14.07 -42.81 37.49
C LEU D 195 15.47 -42.73 36.85
N ALA D 196 16.42 -42.10 37.53
CA ALA D 196 17.79 -42.00 37.07
C ALA D 196 18.45 -43.36 36.77
N ASN D 197 18.21 -44.34 37.65
CA ASN D 197 18.80 -45.68 37.49
C ASN D 197 18.50 -46.22 36.10
N SER D 198 17.27 -46.01 35.65
CA SER D 198 16.85 -46.59 34.38
C SER D 198 17.20 -45.71 33.17
N LEU D 199 17.18 -44.39 33.33
CA LEU D 199 17.65 -43.45 32.27
C LEU D 199 19.12 -43.67 31.91
N ALA D 200 19.97 -43.93 32.90
CA ALA D 200 21.37 -44.19 32.69
C ALA D 200 21.53 -45.37 31.75
N ILE D 201 20.70 -46.39 31.96
CA ILE D 201 20.70 -47.58 31.13
C ILE D 201 20.22 -47.27 29.69
N GLU D 202 19.07 -46.60 29.55
CA GLU D 202 18.50 -46.33 28.22
C GLU D 202 19.30 -45.28 27.42
N GLY D 203 20.00 -44.37 28.10
CA GLY D 203 20.73 -43.31 27.39
C GLY D 203 22.16 -43.61 26.96
N ARG D 204 22.78 -44.57 27.66
CA ARG D 204 24.20 -44.88 27.52
CA ARG D 204 24.19 -44.91 27.52
C ARG D 204 24.71 -44.99 26.06
N LYS D 205 24.12 -45.88 25.27
CA LYS D 205 24.60 -46.08 23.90
C LYS D 205 24.42 -44.84 22.99
N SER D 206 23.65 -43.86 23.45
CA SER D 206 23.41 -42.63 22.72
C SER D 206 24.21 -41.45 23.25
N ASN D 207 25.22 -41.73 24.07
CA ASN D 207 26.00 -40.70 24.79
C ASN D 207 25.11 -39.71 25.58
N ILE D 208 24.09 -40.27 26.21
CA ILE D 208 23.22 -39.56 27.14
C ILE D 208 23.52 -40.10 28.54
N HIS D 209 24.00 -39.23 29.43
CA HIS D 209 24.25 -39.64 30.81
C HIS D 209 23.23 -39.05 31.77
N CYS D 210 22.86 -39.82 32.78
CA CYS D 210 22.02 -39.31 33.86
C CYS D 210 22.71 -39.63 35.19
N ASN D 211 22.84 -38.61 36.04
CA ASN D 211 23.44 -38.79 37.36
C ASN D 211 22.57 -38.11 38.42
N THR D 212 22.73 -38.51 39.67
CA THR D 212 21.90 -38.01 40.76
C THR D 212 22.78 -37.40 41.85
N ILE D 213 22.35 -36.27 42.34
CA ILE D 213 23.03 -35.61 43.44
C ILE D 213 22.10 -35.52 44.65
N ALA D 214 22.70 -35.54 45.82
CA ALA D 214 22.02 -35.24 47.08
C ALA D 214 22.81 -34.09 47.71
N PRO D 215 22.40 -32.85 47.40
CA PRO D 215 23.10 -31.65 47.85
C PRO D 215 22.85 -31.18 49.29
N ASN D 216 23.70 -30.26 49.75
CA ASN D 216 23.57 -29.63 51.05
C ASN D 216 23.95 -28.16 50.89
N ALA D 217 22.97 -27.27 51.03
CA ALA D 217 23.19 -25.84 50.80
C ALA D 217 22.21 -24.97 51.57
N GLY D 218 22.69 -23.81 52.06
CA GLY D 218 21.80 -22.84 52.69
C GLY D 218 20.92 -22.17 51.63
N SER D 219 19.61 -22.18 51.86
CA SER D 219 18.64 -21.54 50.95
C SER D 219 17.35 -21.27 51.72
N ARG D 220 16.34 -20.72 51.05
CA ARG D 220 15.04 -20.46 51.67
C ARG D 220 14.40 -21.75 52.20
N MET D 221 14.72 -22.85 51.53
CA MET D 221 14.25 -24.17 51.86
C MET D 221 14.85 -24.70 53.16
N THR D 222 16.12 -24.37 53.41
CA THR D 222 16.82 -24.94 54.57
C THR D 222 16.89 -23.99 55.76
N GLN D 223 16.44 -22.75 55.56
CA GLN D 223 16.44 -21.71 56.59
C GLN D 223 15.71 -22.13 57.84
N THR D 224 14.68 -22.96 57.67
CA THR D 224 13.86 -23.44 58.80
C THR D 224 14.60 -24.41 59.72
N VAL D 225 15.52 -25.19 59.15
CA VAL D 225 16.21 -26.25 59.91
C VAL D 225 17.66 -25.90 60.28
N MET D 226 18.22 -24.87 59.65
CA MET D 226 19.62 -24.46 59.89
C MET D 226 19.71 -23.09 60.53
N PRO D 227 20.64 -22.93 61.50
CA PRO D 227 21.02 -21.62 62.00
C PRO D 227 21.55 -20.68 60.92
N GLU D 228 21.28 -19.39 61.09
CA GLU D 228 21.65 -18.32 60.15
C GLU D 228 23.07 -18.40 59.59
N ASP D 229 24.03 -18.63 60.49
CA ASP D 229 25.46 -18.72 60.21
C ASP D 229 25.77 -19.89 59.28
N LEU D 230 25.09 -21.01 59.51
CA LEU D 230 25.26 -22.17 58.66
C LEU D 230 24.66 -21.96 57.26
N VAL D 231 23.45 -21.41 57.18
CA VAL D 231 22.83 -21.07 55.88
C VAL D 231 23.81 -20.27 54.99
N GLU D 232 24.48 -19.29 55.60
CA GLU D 232 25.46 -18.46 54.90
C GLU D 232 26.71 -19.24 54.53
N ALA D 233 27.15 -20.14 55.41
CA ALA D 233 28.39 -20.90 55.21
C ALA D 233 28.27 -22.03 54.18
N LEU D 234 27.14 -22.74 54.16
CA LEU D 234 26.92 -23.83 53.21
C LEU D 234 26.46 -23.32 51.85
N LYS D 235 27.41 -22.81 51.09
CA LYS D 235 27.10 -22.12 49.83
C LYS D 235 26.71 -23.09 48.73
N PRO D 236 25.64 -22.77 47.97
CA PRO D 236 25.27 -23.57 46.82
C PRO D 236 26.36 -23.57 45.73
N GLU D 237 27.23 -22.57 45.74
CA GLU D 237 28.38 -22.58 44.84
C GLU D 237 29.42 -23.68 45.20
N TYR D 238 29.23 -24.37 46.31
CA TYR D 238 30.06 -25.54 46.60
C TYR D 238 29.50 -26.80 45.92
N VAL D 239 28.30 -26.69 45.35
CA VAL D 239 27.64 -27.84 44.69
C VAL D 239 27.77 -27.71 43.18
N ALA D 240 27.63 -26.48 42.66
CA ALA D 240 27.73 -26.18 41.21
C ALA D 240 28.93 -26.84 40.49
N PRO D 241 30.15 -26.77 41.07
CA PRO D 241 31.28 -27.46 40.40
C PRO D 241 31.01 -28.93 40.06
N LEU D 242 30.33 -29.67 40.95
CA LEU D 242 30.01 -31.08 40.67
C LEU D 242 28.98 -31.19 39.53
N VAL D 243 27.94 -30.37 39.59
CA VAL D 243 26.91 -30.36 38.53
C VAL D 243 27.53 -30.05 37.17
N LEU D 244 28.43 -29.06 37.10
CA LEU D 244 29.12 -28.76 35.85
C LEU D 244 29.99 -29.91 35.34
N TRP D 245 30.79 -30.52 36.21
CA TRP D 245 31.60 -31.68 35.84
C TRP D 245 30.74 -32.81 35.27
N LEU D 246 29.70 -33.21 36.00
CA LEU D 246 28.82 -34.30 35.56
C LEU D 246 28.05 -33.98 34.26
N CYS D 247 27.96 -32.70 33.92
CA CYS D 247 27.24 -32.27 32.72
C CYS D 247 28.18 -31.93 31.56
N HIS D 248 29.46 -32.22 31.73
CA HIS D 248 30.46 -31.85 30.73
C HIS D 248 30.56 -32.95 29.68
N GLU D 249 30.89 -32.55 28.45
CA GLU D 249 31.06 -33.52 27.36
C GLU D 249 32.15 -34.57 27.64
N SER D 250 33.20 -34.19 28.38
CA SER D 250 34.31 -35.10 28.70
C SER D 250 33.98 -36.06 29.85
N CYS D 251 32.92 -35.78 30.60
CA CYS D 251 32.56 -36.66 31.71
C CYS D 251 31.97 -37.99 31.22
N GLU D 252 32.50 -39.08 31.78
CA GLU D 252 32.09 -40.46 31.46
C GLU D 252 31.17 -41.06 32.53
N GLU D 253 31.08 -40.42 33.70
CA GLU D 253 30.21 -40.88 34.76
C GLU D 253 28.74 -40.94 34.31
N ASN D 254 28.13 -42.11 34.49
CA ASN D 254 26.72 -42.33 34.18
C ASN D 254 26.10 -43.21 35.27
N GLY D 255 24.94 -42.80 35.78
CA GLY D 255 24.17 -43.61 36.73
C GLY D 255 24.73 -43.55 38.14
N GLY D 256 25.44 -42.47 38.46
CA GLY D 256 26.07 -42.34 39.78
C GLY D 256 25.18 -41.55 40.71
N LEU D 257 25.43 -41.74 42.01
CA LEU D 257 24.73 -41.05 43.07
C LEU D 257 25.78 -40.42 43.96
N PHE D 258 25.70 -39.09 44.08
CA PHE D 258 26.71 -38.33 44.85
C PHE D 258 26.12 -37.47 45.96
N GLU D 259 26.78 -37.50 47.12
CA GLU D 259 26.51 -36.53 48.20
C GLU D 259 27.54 -35.42 48.13
N VAL D 260 27.08 -34.20 48.39
CA VAL D 260 27.85 -33.01 48.07
C VAL D 260 27.45 -31.82 48.98
N GLY D 261 28.48 -31.14 49.47
CA GLY D 261 28.27 -29.94 50.25
C GLY D 261 29.57 -29.50 50.88
N ALA D 262 29.64 -28.21 51.21
CA ALA D 262 30.74 -27.65 52.01
C ALA D 262 32.09 -27.59 51.32
N GLY D 263 32.21 -28.24 50.17
CA GLY D 263 33.48 -28.35 49.45
C GLY D 263 33.89 -29.80 49.28
N TRP D 264 33.04 -30.70 49.74
CA TRP D 264 33.30 -32.14 49.73
C TRP D 264 32.36 -32.83 48.78
N ILE D 265 32.83 -33.94 48.21
CA ILE D 265 31.99 -34.82 47.42
C ILE D 265 32.31 -36.28 47.71
N GLY D 266 31.27 -37.11 47.80
CA GLY D 266 31.40 -38.57 47.93
C GLY D 266 30.40 -39.29 47.04
N LYS D 267 30.66 -40.58 46.82
CA LYS D 267 29.80 -41.41 45.96
C LYS D 267 29.17 -42.56 46.78
N LEU D 268 27.92 -42.89 46.44
CA LEU D 268 27.20 -43.97 47.15
C LEU D 268 26.93 -45.16 46.26
N ARG D 269 26.97 -46.36 46.85
CA ARG D 269 26.53 -47.57 46.12
C ARG D 269 25.93 -48.58 47.08
N TRP D 270 25.14 -49.49 46.52
CA TRP D 270 24.62 -50.63 47.23
C TRP D 270 25.69 -51.70 47.53
N GLU D 271 25.67 -52.23 48.75
CA GLU D 271 26.32 -53.48 49.09
C GLU D 271 25.21 -54.42 49.38
N ARG D 272 25.47 -55.71 49.16
CA ARG D 272 24.46 -56.77 49.32
C ARG D 272 25.11 -57.95 50.03
N THR D 273 24.50 -58.39 51.14
CA THR D 273 25.01 -59.53 51.91
C THR D 273 25.11 -60.78 51.02
N LEU D 274 26.07 -61.64 51.33
CA LEU D 274 26.11 -62.96 50.72
C LEU D 274 24.80 -63.69 51.02
N GLY D 275 24.21 -63.42 52.18
CA GLY D 275 22.89 -63.92 52.55
C GLY D 275 22.85 -65.37 52.99
N ALA D 276 21.64 -65.93 53.02
CA ALA D 276 21.45 -67.32 53.38
C ALA D 276 20.48 -68.04 52.45
N ILE D 277 20.84 -69.24 52.03
CA ILE D 277 19.90 -70.14 51.38
C ILE D 277 19.20 -70.87 52.51
N VAL D 278 17.94 -70.54 52.77
CA VAL D 278 17.26 -71.10 53.95
C VAL D 278 16.35 -72.27 53.59
N ARG D 279 16.00 -72.40 52.32
CA ARG D 279 15.19 -73.52 51.87
C ARG D 279 16.07 -74.73 51.62
N GLN D 280 15.59 -75.89 52.05
CA GLN D 280 16.22 -77.17 51.75
C GLN D 280 15.35 -77.97 50.78
N LYS D 281 15.99 -78.76 49.93
CA LYS D 281 15.30 -79.66 49.02
C LYS D 281 14.34 -80.58 49.77
N ASN D 282 13.12 -80.63 49.27
CA ASN D 282 12.01 -81.44 49.80
C ASN D 282 11.38 -80.99 51.13
N HIS D 283 11.81 -79.85 51.69
CA HIS D 283 11.24 -79.37 52.94
C HIS D 283 10.63 -78.01 52.69
N PRO D 284 9.41 -77.77 53.22
CA PRO D 284 8.82 -76.44 53.07
C PRO D 284 9.67 -75.34 53.72
N MET D 285 9.78 -74.20 53.06
CA MET D 285 10.46 -73.05 53.63
C MET D 285 9.57 -72.40 54.69
N THR D 286 10.12 -72.21 55.88
CA THR D 286 9.34 -71.69 57.01
C THR D 286 9.86 -70.32 57.47
N PRO D 287 8.96 -69.50 58.06
CA PRO D 287 9.48 -68.29 58.73
C PRO D 287 10.42 -68.61 59.89
N GLU D 288 10.27 -69.77 60.54
CA GLU D 288 11.21 -70.17 61.61
C GLU D 288 12.65 -70.38 61.12
N ALA D 289 12.81 -70.84 59.88
CA ALA D 289 14.16 -70.98 59.26
C ALA D 289 14.77 -69.62 58.94
N VAL D 290 13.95 -68.68 58.51
CA VAL D 290 14.37 -67.30 58.28
C VAL D 290 14.90 -66.69 59.58
N LYS D 291 14.10 -66.81 60.64
CA LYS D 291 14.44 -66.33 61.96
C LYS D 291 15.75 -66.95 62.46
N ALA D 292 15.89 -68.27 62.31
CA ALA D 292 17.08 -68.96 62.77
C ALA D 292 18.34 -68.53 62.02
N ASN D 293 18.17 -68.07 60.78
CA ASN D 293 19.32 -67.69 59.94
C ASN D 293 19.49 -66.17 59.80
N TRP D 294 18.77 -65.42 60.64
CA TRP D 294 18.69 -63.96 60.51
C TRP D 294 20.05 -63.26 60.58
N LYS D 295 20.91 -63.69 61.50
CA LYS D 295 22.23 -63.09 61.67
C LYS D 295 23.09 -63.24 60.42
N LYS D 296 23.07 -64.44 59.82
CA LYS D 296 23.75 -64.69 58.56
C LYS D 296 23.13 -63.88 57.39
N ILE D 297 21.79 -63.85 57.30
CA ILE D 297 21.11 -63.04 56.26
C ILE D 297 21.57 -61.59 56.31
N CYS D 298 21.75 -61.10 57.53
CA CYS D 298 22.04 -59.68 57.77
C CYS D 298 23.51 -59.31 57.88
N ASP D 299 24.37 -60.32 57.77
CA ASP D 299 25.84 -60.16 57.93
C ASP D 299 26.52 -59.63 56.66
N PHE D 300 27.10 -58.44 56.76
CA PHE D 300 27.71 -57.75 55.61
C PHE D 300 29.20 -58.02 55.34
N GLU D 301 29.80 -58.89 56.14
CA GLU D 301 31.17 -59.35 55.90
C GLU D 301 31.29 -60.01 54.50
N ASN D 302 32.20 -59.51 53.67
CA ASN D 302 32.36 -59.96 52.28
C ASN D 302 31.14 -59.73 51.39
N ALA D 303 30.35 -58.69 51.71
CA ALA D 303 29.18 -58.37 50.92
C ALA D 303 29.59 -58.09 49.49
N SER D 304 28.74 -58.49 48.54
CA SER D 304 29.01 -58.20 47.15
C SER D 304 28.59 -56.77 46.81
N LYS D 305 28.97 -56.35 45.60
CA LYS D 305 28.76 -55.00 45.13
C LYS D 305 28.03 -55.03 43.78
N PRO D 306 26.72 -55.30 43.81
CA PRO D 306 25.92 -55.61 42.61
C PRO D 306 25.85 -54.43 41.64
N GLN D 307 26.13 -54.67 40.36
CA GLN D 307 26.20 -53.59 39.40
C GLN D 307 25.01 -53.45 38.46
N SER D 308 24.11 -54.43 38.42
CA SER D 308 22.98 -54.42 37.48
C SER D 308 21.91 -55.41 37.91
N ILE D 309 20.69 -55.22 37.39
CA ILE D 309 19.58 -56.14 37.66
C ILE D 309 19.92 -57.57 37.25
N GLN D 310 20.53 -57.73 36.07
CA GLN D 310 20.93 -59.05 35.56
C GLN D 310 21.81 -59.80 36.55
N GLU D 311 22.71 -59.07 37.20
CA GLU D 311 23.62 -59.66 38.17
C GLU D 311 22.86 -60.22 39.39
N SER D 312 21.97 -59.42 39.97
CA SER D 312 21.18 -59.85 41.13
C SER D 312 20.20 -60.96 40.76
N THR D 313 19.40 -60.68 39.74
CA THR D 313 18.43 -61.62 39.19
C THR D 313 19.05 -62.96 38.79
N GLY D 314 20.17 -62.91 38.09
CA GLY D 314 20.84 -64.12 37.64
C GLY D 314 21.30 -64.99 38.79
N SER D 315 21.88 -64.39 39.82
CA SER D 315 22.39 -65.20 40.93
C SER D 315 21.26 -65.81 41.78
N ILE D 316 20.13 -65.10 41.87
CA ILE D 316 18.95 -65.63 42.57
C ILE D 316 18.39 -66.86 41.85
N ILE D 317 18.22 -66.74 40.54
CA ILE D 317 17.79 -67.86 39.70
C ILE D 317 18.73 -69.06 39.80
N GLU D 318 20.04 -68.80 39.86
CA GLU D 318 21.02 -69.87 40.04
C GLU D 318 20.84 -70.64 41.37
N VAL D 319 20.23 -69.99 42.36
CA VAL D 319 19.95 -70.64 43.65
C VAL D 319 19.01 -71.86 43.49
N LEU D 320 18.05 -71.79 42.58
CA LEU D 320 17.17 -72.93 42.28
C LEU D 320 17.93 -74.22 41.95
N SER D 321 18.86 -74.15 41.02
CA SER D 321 19.64 -75.33 40.66
C SER D 321 20.62 -75.75 41.75
N LYS D 322 21.09 -74.80 42.55
CA LYS D 322 21.98 -75.10 43.67
C LYS D 322 21.27 -75.97 44.73
N ILE D 323 19.99 -75.69 44.97
CA ILE D 323 19.17 -76.46 45.92
C ILE D 323 18.87 -77.87 45.38
N ASP D 324 18.58 -77.96 44.08
CA ASP D 324 18.37 -79.26 43.43
C ASP D 324 19.62 -80.14 43.27
N SER D 325 20.81 -79.54 43.37
CA SER D 325 22.07 -80.26 43.20
C SER D 325 22.39 -81.16 44.39
N SER E 24 -40.31 25.96 -33.19
CA SER E 24 -40.18 24.77 -34.09
C SER E 24 -38.69 24.48 -34.35
N PRO E 25 -38.24 23.21 -34.21
CA PRO E 25 -36.83 22.90 -34.47
C PRO E 25 -36.43 23.15 -35.93
N LEU E 26 -35.21 23.65 -36.12
CA LEU E 26 -34.68 23.96 -37.44
C LEU E 26 -34.15 22.68 -38.10
N ARG E 27 -34.89 22.22 -39.10
CA ARG E 27 -34.56 20.96 -39.78
C ARG E 27 -33.95 21.17 -41.17
N PHE E 28 -33.32 20.12 -41.69
CA PHE E 28 -32.72 20.13 -43.05
C PHE E 28 -33.15 18.90 -43.86
N ASP E 29 -34.26 18.28 -43.46
CA ASP E 29 -34.80 17.10 -44.14
C ASP E 29 -34.91 17.36 -45.65
N GLY E 30 -34.29 16.49 -46.45
CA GLY E 30 -34.31 16.64 -47.91
C GLY E 30 -33.41 17.71 -48.52
N ARG E 31 -32.55 18.34 -47.72
CA ARG E 31 -31.59 19.35 -48.22
C ARG E 31 -30.23 18.73 -48.43
N VAL E 32 -29.67 18.92 -49.61
CA VAL E 32 -28.36 18.40 -49.94
C VAL E 32 -27.31 19.43 -49.47
N VAL E 33 -26.49 19.01 -48.52
CA VAL E 33 -25.52 19.90 -47.92
C VAL E 33 -24.10 19.41 -48.20
N LEU E 34 -23.32 20.19 -48.94
CA LEU E 34 -21.91 19.89 -49.12
C LEU E 34 -21.03 20.65 -48.11
N VAL E 35 -20.18 19.91 -47.43
CA VAL E 35 -19.18 20.50 -46.54
C VAL E 35 -17.80 20.09 -47.06
N THR E 36 -16.98 21.06 -47.46
CA THR E 36 -15.62 20.77 -47.92
C THR E 36 -14.71 20.74 -46.71
N GLY E 37 -13.68 19.90 -46.72
CA GLY E 37 -12.81 19.71 -45.57
C GLY E 37 -13.54 19.16 -44.35
N ALA E 38 -14.45 18.22 -44.58
CA ALA E 38 -15.34 17.71 -43.54
C ALA E 38 -14.75 16.53 -42.75
N GLY E 39 -13.49 16.20 -43.00
CA GLY E 39 -12.82 15.09 -42.30
C GLY E 39 -12.34 15.36 -40.89
N ALA E 40 -12.18 16.62 -40.53
CA ALA E 40 -11.75 16.95 -39.17
C ALA E 40 -12.18 18.36 -38.76
N GLY E 41 -11.93 18.72 -37.50
CA GLY E 41 -12.12 20.08 -36.98
C GLY E 41 -13.50 20.66 -37.24
N LEU E 42 -13.54 21.90 -37.70
CA LEU E 42 -14.83 22.57 -37.92
C LEU E 42 -15.73 21.86 -38.95
N GLY E 43 -15.16 21.39 -40.05
CA GLY E 43 -15.96 20.77 -41.13
C GLY E 43 -16.68 19.53 -40.65
N ARG E 44 -15.94 18.68 -39.94
CA ARG E 44 -16.50 17.51 -39.28
CA ARG E 44 -16.50 17.51 -39.29
C ARG E 44 -17.69 17.90 -38.41
N ALA E 45 -17.46 18.80 -37.48
CA ALA E 45 -18.55 19.31 -36.64
C ALA E 45 -19.76 19.79 -37.48
N TYR E 46 -19.53 20.47 -38.59
CA TYR E 46 -20.66 20.93 -39.44
C TYR E 46 -21.43 19.74 -40.02
N ALA E 47 -20.67 18.75 -40.51
CA ALA E 47 -21.24 17.61 -41.23
C ALA E 47 -22.14 16.78 -40.32
N LEU E 48 -21.65 16.51 -39.11
CA LEU E 48 -22.42 15.78 -38.09
C LEU E 48 -23.65 16.59 -37.66
N ALA E 49 -23.50 17.88 -37.46
CA ALA E 49 -24.62 18.71 -37.05
C ALA E 49 -25.73 18.75 -38.11
N PHE E 50 -25.36 18.96 -39.37
CA PHE E 50 -26.30 18.94 -40.49
C PHE E 50 -27.06 17.61 -40.62
N ALA E 51 -26.32 16.50 -40.57
CA ALA E 51 -26.90 15.16 -40.79
C ALA E 51 -27.86 14.75 -39.68
N GLU E 52 -27.55 15.18 -38.46
CA GLU E 52 -28.40 14.99 -37.30
C GLU E 52 -29.75 15.70 -37.49
N ARG E 53 -29.77 16.76 -38.30
CA ARG E 53 -30.98 17.52 -38.61
C ARG E 53 -31.64 17.09 -39.93
N GLY E 54 -31.21 15.94 -40.46
CA GLY E 54 -31.89 15.30 -41.59
C GLY E 54 -31.34 15.65 -42.96
N ALA E 55 -30.22 16.36 -43.00
CA ALA E 55 -29.58 16.74 -44.24
C ALA E 55 -28.93 15.54 -44.93
N LEU E 56 -29.00 15.54 -46.25
CA LEU E 56 -28.26 14.61 -47.08
C LEU E 56 -26.87 15.20 -47.29
N VAL E 57 -25.87 14.66 -46.61
CA VAL E 57 -24.57 15.32 -46.51
C VAL E 57 -23.53 14.75 -47.47
N VAL E 58 -22.86 15.62 -48.22
CA VAL E 58 -21.65 15.18 -48.92
C VAL E 58 -20.45 15.60 -48.10
N VAL E 59 -19.71 14.60 -47.63
CA VAL E 59 -18.52 14.77 -46.82
C VAL E 59 -17.30 14.78 -47.73
N ASN E 60 -16.81 15.98 -48.04
CA ASN E 60 -15.61 16.10 -48.83
C ASN E 60 -14.35 16.22 -47.96
N ASP E 61 -13.30 15.54 -48.38
CA ASP E 61 -11.99 15.73 -47.77
C ASP E 61 -10.92 15.06 -48.64
N LEU E 62 -9.87 15.82 -48.93
CA LEU E 62 -8.71 15.34 -49.67
C LEU E 62 -7.95 14.31 -48.83
N GLY E 63 -8.01 14.47 -47.50
CA GLY E 63 -7.39 13.52 -46.58
C GLY E 63 -5.88 13.63 -46.39
N GLY E 64 -5.34 14.82 -46.63
CA GLY E 64 -3.92 15.11 -46.40
C GLY E 64 -3.69 15.86 -45.11
N ASP E 65 -2.46 16.33 -44.90
CA ASP E 65 -2.11 17.04 -43.66
C ASP E 65 -2.47 18.53 -43.72
N PHE E 66 -2.27 19.23 -42.62
CA PHE E 66 -2.71 20.63 -42.52
C PHE E 66 -1.81 21.62 -43.24
N LYS E 67 -0.72 21.12 -43.81
CA LYS E 67 0.16 21.97 -44.62
C LYS E 67 0.04 21.69 -46.13
N GLY E 68 -0.97 20.92 -46.52
CA GLY E 68 -1.24 20.64 -47.93
C GLY E 68 -0.43 19.49 -48.55
N VAL E 69 0.03 18.57 -47.71
CA VAL E 69 0.80 17.43 -48.16
C VAL E 69 -0.03 16.16 -47.97
N GLY E 70 -0.19 15.37 -49.04
CA GLY E 70 -0.83 14.06 -48.95
C GLY E 70 -2.29 13.98 -49.37
N LYS E 71 -2.81 12.75 -49.34
CA LYS E 71 -4.15 12.42 -49.83
C LYS E 71 -4.56 11.05 -49.30
N GLY E 72 -5.84 10.88 -49.01
CA GLY E 72 -6.37 9.62 -48.53
C GLY E 72 -7.88 9.60 -48.42
N SER E 73 -8.47 8.42 -48.52
CA SER E 73 -9.91 8.23 -48.41
C SER E 73 -10.38 8.10 -46.96
N LEU E 74 -9.45 7.78 -46.06
CA LEU E 74 -9.79 7.51 -44.67
C LEU E 74 -10.50 8.66 -43.96
N ALA E 75 -10.03 9.89 -44.19
CA ALA E 75 -10.54 11.06 -43.48
C ALA E 75 -12.03 11.31 -43.76
N ALA E 76 -12.43 11.24 -45.02
CA ALA E 76 -13.84 11.41 -45.38
C ALA E 76 -14.68 10.19 -44.98
N ASP E 77 -14.14 8.99 -45.20
CA ASP E 77 -14.82 7.73 -44.89
C ASP E 77 -15.18 7.54 -43.41
N LYS E 78 -14.28 7.93 -42.51
CA LYS E 78 -14.57 7.85 -41.07
C LYS E 78 -15.75 8.73 -40.66
N VAL E 79 -15.86 9.90 -41.27
CA VAL E 79 -16.95 10.83 -40.96
C VAL E 79 -18.29 10.37 -41.55
N VAL E 80 -18.26 9.91 -42.80
CA VAL E 80 -19.44 9.26 -43.40
C VAL E 80 -19.95 8.10 -42.54
N GLU E 81 -19.03 7.26 -42.06
CA GLU E 81 -19.38 6.15 -41.19
C GLU E 81 -20.02 6.61 -39.88
N GLU E 82 -19.42 7.62 -39.23
CA GLU E 82 -20.00 8.15 -38.00
C GLU E 82 -21.41 8.71 -38.22
N ILE E 83 -21.62 9.43 -39.32
CA ILE E 83 -22.97 9.94 -39.65
C ILE E 83 -23.99 8.81 -39.81
N ARG E 84 -23.61 7.76 -40.53
CA ARG E 84 -24.51 6.63 -40.78
C ARG E 84 -24.79 5.84 -39.50
N ARG E 85 -23.78 5.71 -38.64
CA ARG E 85 -23.94 5.05 -37.36
C ARG E 85 -24.94 5.80 -36.48
N ARG E 86 -24.96 7.12 -36.60
CA ARG E 86 -25.91 7.93 -35.84
C ARG E 86 -27.25 8.07 -36.53
N GLY E 87 -27.42 7.33 -37.63
CA GLY E 87 -28.70 7.28 -38.33
C GLY E 87 -28.96 8.38 -39.36
N GLY E 88 -27.92 9.07 -39.78
CA GLY E 88 -28.03 10.07 -40.82
C GLY E 88 -27.69 9.54 -42.20
N LYS E 89 -27.83 10.39 -43.21
CA LYS E 89 -27.50 10.02 -44.59
C LYS E 89 -26.31 10.85 -45.10
N ALA E 90 -25.30 10.18 -45.64
CA ALA E 90 -24.09 10.86 -46.12
C ALA E 90 -23.34 10.04 -47.16
N VAL E 91 -22.60 10.74 -48.03
CA VAL E 91 -21.72 10.12 -49.01
C VAL E 91 -20.37 10.83 -48.97
N ALA E 92 -19.30 10.13 -49.35
CA ALA E 92 -17.96 10.71 -49.33
C ALA E 92 -17.54 11.27 -50.70
N ASN E 93 -16.72 12.29 -50.67
CA ASN E 93 -16.00 12.75 -51.85
C ASN E 93 -14.54 12.97 -51.50
N TYR E 94 -13.64 12.51 -52.35
CA TYR E 94 -12.22 12.53 -52.01
C TYR E 94 -11.39 13.50 -52.84
N ASP E 95 -12.04 14.32 -53.64
CA ASP E 95 -11.35 15.26 -54.50
C ASP E 95 -10.87 16.49 -53.73
N SER E 96 -9.80 17.10 -54.22
CA SER E 96 -9.38 18.40 -53.75
C SER E 96 -10.36 19.45 -54.25
N VAL E 97 -10.64 20.43 -53.40
CA VAL E 97 -11.51 21.57 -53.77
C VAL E 97 -11.02 22.32 -55.00
N GLU E 98 -9.74 22.15 -55.32
CA GLU E 98 -9.19 22.64 -56.59
C GLU E 98 -9.97 22.06 -57.79
N GLU E 99 -10.47 20.85 -57.64
CA GLU E 99 -11.34 20.23 -58.66
C GLU E 99 -12.81 20.36 -58.22
N GLY E 100 -13.25 21.59 -58.04
CA GLY E 100 -14.55 21.89 -57.44
C GLY E 100 -15.76 21.32 -58.18
N GLU E 101 -15.66 21.24 -59.50
CA GLU E 101 -16.70 20.58 -60.30
C GLU E 101 -16.90 19.11 -59.92
N LYS E 102 -15.79 18.40 -59.71
CA LYS E 102 -15.81 16.99 -59.31
C LYS E 102 -16.46 16.82 -57.92
N VAL E 103 -16.17 17.77 -57.02
CA VAL E 103 -16.72 17.78 -55.68
C VAL E 103 -18.26 17.90 -55.71
N VAL E 104 -18.76 18.89 -56.47
CA VAL E 104 -20.20 19.09 -56.58
C VAL E 104 -20.88 17.92 -57.35
N LYS E 105 -20.15 17.30 -58.28
CA LYS E 105 -20.67 16.15 -59.04
C LYS E 105 -21.15 15.00 -58.14
N THR E 106 -20.43 14.77 -57.04
CA THR E 106 -20.83 13.75 -56.06
C THR E 106 -22.23 14.02 -55.50
N ALA E 107 -22.52 15.28 -55.19
CA ALA E 107 -23.84 15.67 -54.70
C ALA E 107 -24.92 15.40 -55.76
N LEU E 108 -24.59 15.73 -57.00
CA LEU E 108 -25.49 15.53 -58.12
C LEU E 108 -25.71 14.04 -58.41
N ASP E 109 -24.64 13.24 -58.35
CA ASP E 109 -24.71 11.80 -58.57
C ASP E 109 -25.44 11.05 -57.44
N ALA E 110 -25.09 11.36 -56.20
CA ALA E 110 -25.69 10.67 -55.06
C ALA E 110 -27.14 11.11 -54.78
N PHE E 111 -27.40 12.41 -54.82
CA PHE E 111 -28.68 12.95 -54.36
C PHE E 111 -29.48 13.73 -55.41
N GLY E 112 -28.86 14.06 -56.54
CA GLY E 112 -29.58 14.67 -57.65
C GLY E 112 -29.77 16.17 -57.61
N ARG E 113 -29.12 16.83 -56.63
CA ARG E 113 -29.19 18.29 -56.47
C ARG E 113 -28.15 18.73 -55.45
N ILE E 114 -27.97 20.04 -55.33
CA ILE E 114 -27.11 20.66 -54.32
C ILE E 114 -27.79 21.94 -53.83
N ASP E 115 -27.98 22.04 -52.51
CA ASP E 115 -28.76 23.13 -51.91
C ASP E 115 -27.93 24.01 -50.96
N VAL E 116 -26.96 23.42 -50.27
CA VAL E 116 -26.10 24.13 -49.30
C VAL E 116 -24.63 23.79 -49.56
N VAL E 117 -23.79 24.83 -49.66
CA VAL E 117 -22.35 24.65 -49.78
C VAL E 117 -21.63 25.37 -48.65
N VAL E 118 -20.89 24.62 -47.85
CA VAL E 118 -20.07 25.18 -46.79
C VAL E 118 -18.62 25.02 -47.20
N ASN E 119 -18.03 26.13 -47.65
CA ASN E 119 -16.63 26.18 -48.05
C ASN E 119 -15.76 26.30 -46.80
N ASN E 120 -15.11 25.20 -46.43
CA ASN E 120 -14.40 25.10 -45.16
C ASN E 120 -12.94 24.63 -45.32
N ALA E 121 -12.68 23.83 -46.36
CA ALA E 121 -11.36 23.24 -46.57
C ALA E 121 -10.28 24.31 -46.54
N GLY E 122 -9.18 23.97 -45.86
CA GLY E 122 -8.07 24.89 -45.70
C GLY E 122 -6.83 24.25 -45.12
N ILE E 123 -5.71 24.96 -45.32
CA ILE E 123 -4.37 24.54 -44.91
C ILE E 123 -3.60 25.76 -44.41
N LEU E 124 -2.44 25.51 -43.81
CA LEU E 124 -1.56 26.57 -43.30
C LEU E 124 -0.16 26.50 -43.87
N ARG E 125 0.38 27.66 -44.24
CA ARG E 125 1.80 27.80 -44.59
C ARG E 125 2.38 29.07 -43.95
N ASP E 126 2.45 29.07 -42.62
CA ASP E 126 2.97 30.22 -41.87
C ASP E 126 4.44 30.47 -42.13
N ARG E 127 4.77 31.73 -42.35
CA ARG E 127 6.10 32.15 -42.78
C ARG E 127 6.17 33.67 -42.73
N SER E 128 7.30 34.21 -42.25
CA SER E 128 7.54 35.66 -42.31
C SER E 128 7.61 36.08 -43.78
N PHE E 129 7.25 37.32 -44.08
CA PHE E 129 6.93 37.72 -45.45
C PHE E 129 8.00 37.40 -46.51
N ALA E 130 9.23 37.85 -46.28
CA ALA E 130 10.34 37.59 -47.19
C ALA E 130 10.60 36.09 -47.42
N ARG E 131 10.11 35.27 -46.50
CA ARG E 131 10.36 33.84 -46.57
C ARG E 131 9.23 33.01 -47.21
N ILE E 132 8.09 33.65 -47.55
CA ILE E 132 7.02 32.99 -48.29
C ILE E 132 7.50 32.65 -49.70
N SER E 133 7.53 31.37 -50.04
CA SER E 133 7.95 30.95 -51.37
C SER E 133 6.77 31.04 -52.33
N ASP E 134 7.02 30.87 -53.62
CA ASP E 134 5.95 30.91 -54.62
C ASP E 134 4.97 29.78 -54.34
N GLU E 135 5.51 28.63 -54.01
CA GLU E 135 4.69 27.46 -53.66
C GLU E 135 3.82 27.70 -52.42
N ASP E 136 4.40 28.29 -51.37
CA ASP E 136 3.64 28.66 -50.17
C ASP E 136 2.44 29.54 -50.55
N TRP E 137 2.64 30.52 -51.43
CA TRP E 137 1.57 31.43 -51.86
C TRP E 137 0.52 30.70 -52.69
N ASP E 138 0.95 30.10 -53.79
CA ASP E 138 0.09 29.36 -54.72
C ASP E 138 -0.80 28.31 -54.05
N ILE E 139 -0.22 27.44 -53.21
CA ILE E 139 -1.01 26.39 -52.54
C ILE E 139 -2.08 26.92 -51.58
N ILE E 140 -1.75 27.98 -50.84
CA ILE E 140 -2.72 28.61 -49.95
C ILE E 140 -3.87 29.18 -50.79
N HIS E 141 -3.54 29.87 -51.87
CA HIS E 141 -4.54 30.53 -52.70
C HIS E 141 -5.37 29.57 -53.56
N ARG E 142 -4.74 28.50 -54.04
CA ARG E 142 -5.48 27.50 -54.80
C ARG E 142 -6.50 26.73 -53.94
N VAL E 143 -6.14 26.48 -52.68
CA VAL E 143 -7.01 25.72 -51.78
C VAL E 143 -8.12 26.59 -51.17
N HIS E 144 -7.72 27.69 -50.53
CA HIS E 144 -8.68 28.53 -49.81
C HIS E 144 -9.58 29.27 -50.79
N LEU E 145 -8.96 30.04 -51.69
CA LEU E 145 -9.64 31.04 -52.45
C LEU E 145 -10.14 30.53 -53.80
N ARG E 146 -9.23 30.06 -54.64
CA ARG E 146 -9.61 29.42 -55.91
C ARG E 146 -10.48 28.17 -55.69
N GLY E 147 -10.20 27.42 -54.63
CA GLY E 147 -10.98 26.24 -54.27
C GLY E 147 -12.43 26.58 -53.98
N SER E 148 -12.65 27.52 -53.06
CA SER E 148 -14.00 28.01 -52.76
C SER E 148 -14.71 28.49 -54.03
N PHE E 149 -13.99 29.20 -54.89
CA PHE E 149 -14.54 29.69 -56.15
C PHE E 149 -14.97 28.53 -57.04
N GLN E 150 -14.10 27.53 -57.17
CA GLN E 150 -14.35 26.38 -58.03
C GLN E 150 -15.61 25.64 -57.58
N VAL E 151 -15.63 25.30 -56.29
CA VAL E 151 -16.77 24.62 -55.68
C VAL E 151 -18.08 25.42 -55.88
N THR E 152 -18.04 26.71 -55.55
CA THR E 152 -19.23 27.55 -55.60
C THR E 152 -19.72 27.76 -57.02
N ARG E 153 -18.79 28.03 -57.94
CA ARG E 153 -19.18 28.20 -59.35
C ARG E 153 -19.86 26.92 -59.85
N ALA E 154 -19.35 25.75 -59.44
CA ALA E 154 -19.94 24.47 -59.83
C ALA E 154 -21.38 24.32 -59.34
N ALA E 155 -21.66 24.82 -58.14
CA ALA E 155 -23.01 24.76 -57.56
C ALA E 155 -23.98 25.81 -58.11
N TRP E 156 -23.44 26.92 -58.61
CA TRP E 156 -24.21 28.16 -58.75
C TRP E 156 -25.42 28.07 -59.67
N GLU E 157 -25.25 27.55 -60.88
CA GLU E 157 -26.37 27.52 -61.83
C GLU E 157 -27.46 26.52 -61.43
N HIS E 158 -27.06 25.50 -60.66
CA HIS E 158 -28.00 24.59 -60.03
C HIS E 158 -28.85 25.33 -58.99
N MET E 159 -28.21 26.17 -58.20
CA MET E 159 -28.92 26.93 -57.17
C MET E 159 -29.88 27.95 -57.79
N LYS E 160 -29.44 28.58 -58.89
CA LYS E 160 -30.25 29.56 -59.57
C LYS E 160 -31.48 28.96 -60.21
N LYS E 161 -31.33 27.79 -60.83
CA LYS E 161 -32.45 27.16 -61.54
C LYS E 161 -33.50 26.66 -60.53
N GLN E 162 -33.02 26.13 -59.40
CA GLN E 162 -33.92 25.72 -58.31
C GLN E 162 -34.43 26.91 -57.46
N LYS E 163 -33.83 28.08 -57.65
CA LYS E 163 -34.11 29.28 -56.85
C LYS E 163 -33.97 29.01 -55.33
N TYR E 164 -32.86 28.37 -54.99
CA TYR E 164 -32.50 28.16 -53.59
C TYR E 164 -31.02 27.86 -53.47
N GLY E 165 -30.37 28.55 -52.54
CA GLY E 165 -28.97 28.28 -52.21
C GLY E 165 -28.58 28.93 -50.91
N ARG E 166 -27.67 28.28 -50.19
CA ARG E 166 -27.09 28.83 -48.98
C ARG E 166 -25.62 28.47 -49.02
N ILE E 167 -24.77 29.48 -48.87
CA ILE E 167 -23.32 29.31 -49.02
C ILE E 167 -22.60 29.97 -47.85
N ILE E 168 -21.55 29.31 -47.38
CA ILE E 168 -20.71 29.86 -46.32
C ILE E 168 -19.29 29.94 -46.85
N MET E 169 -18.67 31.10 -46.65
CA MET E 169 -17.22 31.23 -46.81
C MET E 169 -16.55 31.30 -45.44
N THR E 170 -15.37 30.70 -45.35
CA THR E 170 -14.63 30.71 -44.10
C THR E 170 -13.45 31.65 -44.22
N SER E 171 -13.59 32.84 -43.62
CA SER E 171 -12.49 33.79 -43.51
C SER E 171 -11.76 33.53 -42.19
N SER E 172 -11.03 34.53 -41.69
CA SER E 172 -10.34 34.44 -40.39
C SER E 172 -10.07 35.82 -39.82
N ALA E 173 -9.87 35.84 -38.50
CA ALA E 173 -9.42 37.07 -37.81
C ALA E 173 -8.09 37.58 -38.38
N SER E 174 -7.19 36.69 -38.78
CA SER E 174 -5.96 37.12 -39.38
C SER E 174 -6.16 37.86 -40.73
N GLY E 175 -7.17 37.45 -41.50
CA GLY E 175 -7.53 38.18 -42.71
C GLY E 175 -8.08 39.57 -42.39
N ILE E 176 -9.03 39.60 -41.46
CA ILE E 176 -9.73 40.82 -41.04
C ILE E 176 -8.80 41.86 -40.37
N TYR E 177 -7.85 41.40 -39.55
CA TYR E 177 -7.02 42.27 -38.72
C TYR E 177 -5.55 42.24 -39.09
N GLY E 178 -5.13 41.19 -39.82
CA GLY E 178 -3.73 40.97 -40.10
C GLY E 178 -3.13 40.16 -38.98
N ASN E 179 -2.08 39.42 -39.29
CA ASN E 179 -1.31 38.70 -38.27
C ASN E 179 0.13 38.45 -38.74
N PHE E 180 1.10 38.74 -37.89
CA PHE E 180 2.51 38.44 -38.16
C PHE E 180 2.68 37.03 -38.67
N GLY E 181 3.40 36.85 -39.77
CA GLY E 181 3.75 35.51 -40.27
C GLY E 181 2.67 34.80 -41.05
N GLN E 182 1.62 35.53 -41.44
CA GLN E 182 0.47 34.92 -42.12
C GLN E 182 -0.04 35.76 -43.29
N ALA E 183 0.87 36.45 -43.97
CA ALA E 183 0.51 37.34 -45.08
C ALA E 183 -0.18 36.60 -46.24
N ASN E 184 0.32 35.41 -46.57
CA ASN E 184 -0.29 34.56 -47.62
C ASN E 184 -1.75 34.22 -47.28
N TYR E 185 -1.90 33.62 -46.10
CA TYR E 185 -3.14 33.18 -45.52
C TYR E 185 -4.16 34.29 -45.37
N SER E 186 -3.70 35.43 -44.89
CA SER E 186 -4.59 36.51 -44.55
C SER E 186 -5.09 37.20 -45.83
N ALA E 187 -4.24 37.22 -46.86
CA ALA E 187 -4.65 37.62 -48.21
C ALA E 187 -5.75 36.73 -48.75
N ALA E 188 -5.53 35.42 -48.73
CA ALA E 188 -6.55 34.48 -49.22
C ALA E 188 -7.82 34.56 -48.38
N LYS E 189 -7.69 34.63 -47.05
CA LYS E 189 -8.90 34.67 -46.23
C LYS E 189 -9.76 35.93 -46.44
N LEU E 190 -9.13 37.09 -46.64
CA LEU E 190 -9.93 38.29 -46.91
C LEU E 190 -10.44 38.32 -48.35
N GLY E 191 -9.69 37.68 -49.26
CA GLY E 191 -10.16 37.48 -50.63
C GLY E 191 -11.52 36.79 -50.64
N LEU E 192 -11.66 35.76 -49.79
CA LEU E 192 -12.92 35.04 -49.60
C LEU E 192 -14.11 35.92 -49.24
N LEU E 193 -13.89 36.90 -48.36
CA LEU E 193 -14.93 37.89 -48.03
C LEU E 193 -15.27 38.70 -49.25
N GLY E 194 -14.23 39.08 -49.99
CA GLY E 194 -14.41 39.84 -51.23
C GLY E 194 -15.32 39.12 -52.19
N LEU E 195 -15.06 37.82 -52.31
CA LEU E 195 -15.90 36.92 -53.14
C LEU E 195 -17.33 36.89 -52.61
N ALA E 196 -17.49 36.73 -51.29
CA ALA E 196 -18.80 36.69 -50.66
C ALA E 196 -19.61 37.98 -50.84
N ASN E 197 -18.94 39.14 -50.77
CA ASN E 197 -19.65 40.42 -50.92
C ASN E 197 -20.38 40.49 -52.27
N SER E 198 -19.73 39.98 -53.32
CA SER E 198 -20.33 39.98 -54.66
C SER E 198 -21.38 38.88 -54.86
N LEU E 199 -21.12 37.70 -54.32
CA LEU E 199 -22.10 36.59 -54.39
C LEU E 199 -23.44 36.93 -53.74
N ALA E 200 -23.39 37.63 -52.61
CA ALA E 200 -24.57 38.06 -51.90
C ALA E 200 -25.45 38.92 -52.82
N ILE E 201 -24.81 39.82 -53.58
CA ILE E 201 -25.52 40.67 -54.52
C ILE E 201 -26.12 39.84 -55.68
N GLU E 202 -25.31 38.98 -56.30
CA GLU E 202 -25.79 38.23 -57.47
C GLU E 202 -26.80 37.13 -57.11
N GLY E 203 -26.72 36.59 -55.90
CA GLY E 203 -27.62 35.51 -55.48
C GLY E 203 -28.99 35.94 -54.98
N ARG E 204 -29.08 37.16 -54.46
CA ARG E 204 -30.23 37.63 -53.69
C ARG E 204 -31.63 37.41 -54.34
N LYS E 205 -31.78 37.87 -55.58
CA LYS E 205 -33.09 37.73 -56.26
C LYS E 205 -33.46 36.26 -56.52
N SER E 206 -32.49 35.37 -56.38
CA SER E 206 -32.69 33.93 -56.63
C SER E 206 -32.78 33.12 -55.33
N ASN E 207 -32.90 33.81 -54.18
CA ASN E 207 -32.97 33.14 -52.88
C ASN E 207 -31.71 32.32 -52.64
N ILE E 208 -30.60 32.85 -53.12
CA ILE E 208 -29.27 32.33 -52.82
C ILE E 208 -28.53 33.28 -51.88
N HIS E 209 -28.20 32.79 -50.70
CA HIS E 209 -27.54 33.65 -49.72
C HIS E 209 -26.10 33.20 -49.54
N CYS E 210 -25.22 34.18 -49.34
CA CYS E 210 -23.83 33.91 -49.05
C CYS E 210 -23.41 34.72 -47.83
N ASN E 211 -22.80 34.06 -46.86
CA ASN E 211 -22.36 34.71 -45.63
C ASN E 211 -20.95 34.21 -45.28
N THR E 212 -20.25 34.96 -44.44
CA THR E 212 -18.86 34.69 -44.14
C THR E 212 -18.69 34.58 -42.63
N ILE E 213 -17.88 33.62 -42.21
CA ILE E 213 -17.60 33.45 -40.81
C ILE E 213 -16.10 33.52 -40.61
N ALA E 214 -15.73 33.95 -39.41
CA ALA E 214 -14.35 33.98 -38.95
C ALA E 214 -14.34 33.25 -37.61
N PRO E 215 -14.15 31.93 -37.66
CA PRO E 215 -14.28 31.06 -36.51
C PRO E 215 -13.03 30.96 -35.62
N ASN E 216 -13.25 30.41 -34.43
CA ASN E 216 -12.18 30.12 -33.49
C ASN E 216 -12.45 28.77 -32.84
N ALA E 217 -11.59 27.80 -33.11
CA ALA E 217 -11.81 26.44 -32.62
C ALA E 217 -10.49 25.70 -32.46
N GLY E 218 -10.42 24.84 -31.45
CA GLY E 218 -9.28 23.92 -31.31
C GLY E 218 -9.31 22.84 -32.38
N SER E 219 -8.21 22.72 -33.13
CA SER E 219 -8.08 21.71 -34.17
C SER E 219 -6.58 21.43 -34.39
N ARG E 220 -6.25 20.57 -35.34
CA ARG E 220 -4.86 20.28 -35.68
C ARG E 220 -4.17 21.54 -36.24
N MET E 221 -4.98 22.43 -36.82
CA MET E 221 -4.47 23.69 -37.36
C MET E 221 -4.04 24.65 -36.26
N THR E 222 -4.80 24.68 -35.16
CA THR E 222 -4.58 25.65 -34.10
C THR E 222 -3.70 25.11 -32.94
N GLN E 223 -3.45 23.81 -32.95
CA GLN E 223 -2.61 23.16 -31.93
C GLN E 223 -1.26 23.82 -31.73
N THR E 224 -0.71 24.35 -32.83
CA THR E 224 0.62 24.99 -32.82
C THR E 224 0.65 26.30 -32.04
N VAL E 225 -0.47 27.03 -32.05
CA VAL E 225 -0.51 28.34 -31.39
C VAL E 225 -1.28 28.39 -30.05
N MET E 226 -2.07 27.36 -29.75
CA MET E 226 -2.84 27.32 -28.51
C MET E 226 -2.37 26.21 -27.58
N PRO E 227 -2.38 26.47 -26.27
CA PRO E 227 -2.12 25.41 -25.28
C PRO E 227 -3.21 24.35 -25.32
N GLU E 228 -2.82 23.12 -24.95
CA GLU E 228 -3.67 21.94 -25.09
C GLU E 228 -5.05 22.05 -24.45
N ASP E 229 -5.10 22.65 -23.25
CA ASP E 229 -6.35 22.88 -22.53
C ASP E 229 -7.31 23.79 -23.30
N LEU E 230 -6.75 24.80 -23.98
CA LEU E 230 -7.55 25.72 -24.78
C LEU E 230 -8.08 25.04 -26.05
N VAL E 231 -7.22 24.30 -26.75
CA VAL E 231 -7.63 23.46 -27.90
C VAL E 231 -8.88 22.62 -27.59
N GLU E 232 -8.85 21.96 -26.44
CA GLU E 232 -9.96 21.14 -25.94
C GLU E 232 -11.20 21.98 -25.60
N ALA E 233 -10.99 23.16 -25.03
CA ALA E 233 -12.10 24.01 -24.56
C ALA E 233 -12.82 24.75 -25.70
N LEU E 234 -12.07 25.19 -26.71
CA LEU E 234 -12.63 25.91 -27.86
C LEU E 234 -13.22 24.96 -28.88
N LYS E 235 -14.39 24.41 -28.57
CA LYS E 235 -14.96 23.36 -29.39
C LYS E 235 -15.53 23.89 -30.71
N PRO E 236 -15.24 23.20 -31.84
CA PRO E 236 -15.87 23.44 -33.12
C PRO E 236 -17.39 23.34 -33.07
N GLU E 237 -17.89 22.58 -32.09
CA GLU E 237 -19.35 22.46 -31.87
C GLU E 237 -19.96 23.81 -31.47
N TYR E 238 -19.11 24.77 -31.11
CA TYR E 238 -19.62 26.09 -30.72
C TYR E 238 -19.78 27.01 -31.92
N VAL E 239 -19.26 26.57 -33.07
CA VAL E 239 -19.38 27.30 -34.33
C VAL E 239 -20.52 26.75 -35.18
N ALA E 240 -20.67 25.42 -35.17
CA ALA E 240 -21.69 24.70 -35.94
C ALA E 240 -23.12 25.30 -35.88
N PRO E 241 -23.60 25.68 -34.68
CA PRO E 241 -24.94 26.29 -34.59
C PRO E 241 -25.10 27.56 -35.47
N LEU E 242 -24.05 28.37 -35.59
CA LEU E 242 -24.08 29.52 -36.49
C LEU E 242 -24.21 29.10 -37.97
N VAL E 243 -23.36 28.19 -38.39
CA VAL E 243 -23.36 27.66 -39.75
C VAL E 243 -24.74 27.08 -40.12
N LEU E 244 -25.33 26.30 -39.22
CA LEU E 244 -26.65 25.71 -39.47
C LEU E 244 -27.74 26.78 -39.60
N TRP E 245 -27.72 27.79 -38.72
CA TRP E 245 -28.66 28.91 -38.80
C TRP E 245 -28.54 29.66 -40.12
N LEU E 246 -27.31 30.06 -40.46
CA LEU E 246 -27.07 30.82 -41.71
C LEU E 246 -27.41 30.01 -42.98
N CYS E 247 -27.43 28.69 -42.86
CA CYS E 247 -27.72 27.81 -43.99
C CYS E 247 -29.16 27.30 -44.00
N HIS E 248 -29.99 27.81 -43.10
CA HIS E 248 -31.36 27.34 -43.01
C HIS E 248 -32.28 28.10 -43.96
N GLU E 249 -33.31 27.41 -44.45
CA GLU E 249 -34.27 28.02 -45.38
C GLU E 249 -34.96 29.28 -44.82
N SER E 250 -35.19 29.32 -43.52
CA SER E 250 -35.87 30.45 -42.88
C SER E 250 -34.95 31.64 -42.57
N CYS E 251 -33.64 31.46 -42.78
CA CYS E 251 -32.68 32.54 -42.56
C CYS E 251 -32.70 33.56 -43.69
N GLU E 252 -32.74 34.83 -43.32
CA GLU E 252 -32.78 35.93 -44.29
C GLU E 252 -31.45 36.66 -44.41
N GLU E 253 -30.50 36.31 -43.53
CA GLU E 253 -29.21 36.99 -43.51
C GLU E 253 -28.47 36.70 -44.79
N ASN E 254 -27.93 37.74 -45.41
CA ASN E 254 -27.21 37.63 -46.69
C ASN E 254 -26.09 38.65 -46.69
N GLY E 255 -24.88 38.22 -47.02
CA GLY E 255 -23.76 39.14 -47.13
C GLY E 255 -23.19 39.61 -45.80
N GLY E 256 -23.44 38.84 -44.73
CA GLY E 256 -22.95 39.19 -43.42
C GLY E 256 -21.60 38.59 -43.14
N LEU E 257 -20.88 39.19 -42.20
CA LEU E 257 -19.59 38.72 -41.71
C LEU E 257 -19.65 38.57 -40.20
N PHE E 258 -19.37 37.36 -39.72
CA PHE E 258 -19.55 37.02 -38.32
C PHE E 258 -18.27 36.47 -37.72
N GLU E 259 -17.92 36.93 -36.51
CA GLU E 259 -16.89 36.30 -35.69
C GLU E 259 -17.57 35.41 -34.65
N VAL E 260 -16.96 34.26 -34.38
CA VAL E 260 -17.65 33.18 -33.69
C VAL E 260 -16.67 32.26 -32.96
N GLY E 261 -16.98 32.01 -31.70
CA GLY E 261 -16.22 31.05 -30.90
C GLY E 261 -16.71 31.01 -29.47
N ALA E 262 -16.41 29.89 -28.80
CA ALA E 262 -16.57 29.73 -27.37
C ALA E 262 -18.01 29.75 -26.88
N GLY E 263 -18.94 30.05 -27.77
CA GLY E 263 -20.36 30.15 -27.43
C GLY E 263 -20.95 31.51 -27.75
N TRP E 264 -20.08 32.39 -28.26
CA TRP E 264 -20.39 33.78 -28.58
C TRP E 264 -20.40 33.96 -30.10
N ILE E 265 -21.23 34.90 -30.55
CA ILE E 265 -21.28 35.32 -31.96
C ILE E 265 -21.43 36.85 -32.01
N GLY E 266 -20.68 37.49 -32.91
CA GLY E 266 -20.86 38.92 -33.22
C GLY E 266 -20.80 39.21 -34.71
N LYS E 267 -21.20 40.42 -35.10
CA LYS E 267 -21.30 40.82 -36.51
C LYS E 267 -20.37 42.02 -36.76
N LEU E 268 -19.73 42.02 -37.93
CA LEU E 268 -18.80 43.10 -38.33
C LEU E 268 -19.36 43.92 -39.48
N ARG E 269 -19.10 45.23 -39.46
CA ARG E 269 -19.39 46.07 -40.60
C ARG E 269 -18.39 47.22 -40.75
N TRP E 270 -18.33 47.78 -41.96
CA TRP E 270 -17.50 48.93 -42.24
C TRP E 270 -18.17 50.19 -41.71
N GLU E 271 -17.35 51.01 -41.08
CA GLU E 271 -17.69 52.38 -40.71
C GLU E 271 -16.75 53.26 -41.57
N ARG E 272 -17.24 54.41 -42.02
CA ARG E 272 -16.48 55.30 -42.91
C ARG E 272 -16.55 56.74 -42.43
N THR E 273 -15.38 57.36 -42.23
CA THR E 273 -15.36 58.75 -41.73
C THR E 273 -16.11 59.67 -42.69
N LEU E 274 -16.68 60.74 -42.12
CA LEU E 274 -17.23 61.81 -42.94
C LEU E 274 -16.14 62.39 -43.86
N GLY E 275 -14.89 62.32 -43.39
CA GLY E 275 -13.73 62.69 -44.21
C GLY E 275 -13.55 64.17 -44.42
N ALA E 276 -12.73 64.52 -45.40
CA ALA E 276 -12.49 65.91 -45.76
C ALA E 276 -12.43 66.11 -47.25
N ILE E 277 -13.13 67.15 -47.71
CA ILE E 277 -12.95 67.64 -49.06
C ILE E 277 -11.73 68.56 -48.97
N VAL E 278 -10.62 68.16 -49.55
CA VAL E 278 -9.38 68.91 -49.41
C VAL E 278 -9.05 69.77 -50.63
N ARG E 279 -9.70 69.46 -51.75
CA ARG E 279 -9.50 70.22 -52.96
C ARG E 279 -10.43 71.41 -52.94
N GLN E 280 -9.88 72.57 -53.32
CA GLN E 280 -10.67 73.78 -53.54
C GLN E 280 -10.76 74.11 -55.03
N LYS E 281 -11.87 74.75 -55.42
CA LYS E 281 -12.09 75.22 -56.79
C LYS E 281 -10.93 76.12 -57.23
N ASN E 282 -10.42 75.80 -58.42
CA ASN E 282 -9.33 76.52 -59.10
C ASN E 282 -7.93 76.43 -58.47
N HIS E 283 -7.75 75.58 -57.46
CA HIS E 283 -6.47 75.43 -56.80
C HIS E 283 -6.04 73.97 -56.94
N PRO E 284 -4.77 73.71 -57.28
CA PRO E 284 -4.32 72.31 -57.37
C PRO E 284 -4.40 71.61 -56.02
N MET E 285 -4.86 70.36 -56.03
CA MET E 285 -4.88 69.57 -54.82
C MET E 285 -3.46 69.11 -54.51
N THR E 286 -3.03 69.30 -53.27
CA THR E 286 -1.65 68.99 -52.88
C THR E 286 -1.57 67.96 -51.75
N PRO E 287 -0.47 67.18 -51.70
CA PRO E 287 -0.20 66.40 -50.50
C PRO E 287 -0.12 67.21 -49.20
N GLU E 288 0.30 68.47 -49.26
CA GLU E 288 0.34 69.31 -48.05
C GLU E 288 -1.06 69.56 -47.47
N ALA E 289 -2.06 69.69 -48.34
CA ALA E 289 -3.44 69.90 -47.89
C ALA E 289 -4.01 68.61 -47.29
N VAL E 290 -3.62 67.47 -47.86
CA VAL E 290 -3.98 66.18 -47.27
C VAL E 290 -3.40 66.08 -45.85
N LYS E 291 -2.11 66.38 -45.70
CA LYS E 291 -1.44 66.33 -44.41
C LYS E 291 -2.12 67.26 -43.40
N ALA E 292 -2.38 68.49 -43.85
CA ALA E 292 -3.02 69.52 -43.03
C ALA E 292 -4.41 69.09 -42.53
N ASN E 293 -5.11 68.29 -43.34
CA ASN E 293 -6.46 67.84 -43.02
C ASN E 293 -6.53 66.41 -42.46
N TRP E 294 -5.39 65.85 -42.07
CA TRP E 294 -5.30 64.44 -41.72
C TRP E 294 -6.16 64.01 -40.53
N LYS E 295 -6.18 64.82 -39.48
CA LYS E 295 -6.96 64.51 -38.30
C LYS E 295 -8.44 64.45 -38.63
N LYS E 296 -8.93 65.42 -39.41
CA LYS E 296 -10.31 65.41 -39.89
C LYS E 296 -10.59 64.18 -40.77
N ILE E 297 -9.70 63.90 -41.72
CA ILE E 297 -9.85 62.72 -42.59
C ILE E 297 -10.03 61.43 -41.78
N CYS E 298 -9.26 61.33 -40.69
CA CYS E 298 -9.20 60.14 -39.85
C CYS E 298 -10.19 60.09 -38.69
N ASP E 299 -10.95 61.17 -38.49
CA ASP E 299 -11.90 61.30 -37.37
C ASP E 299 -13.23 60.53 -37.58
N PHE E 300 -13.45 59.51 -36.74
CA PHE E 300 -14.62 58.63 -36.88
C PHE E 300 -15.89 59.09 -36.16
N GLU E 301 -15.84 60.24 -35.49
CA GLU E 301 -17.04 60.79 -34.89
C GLU E 301 -18.12 61.00 -35.97
N ASN E 302 -19.30 60.44 -35.73
CA ASN E 302 -20.43 60.51 -36.67
C ASN E 302 -20.18 59.83 -38.01
N ALA E 303 -19.27 58.87 -38.01
CA ALA E 303 -18.95 58.08 -39.21
C ALA E 303 -20.20 57.50 -39.82
N SER E 304 -20.24 57.42 -41.13
CA SER E 304 -21.36 56.76 -41.81
C SER E 304 -21.17 55.24 -41.85
N LYS E 305 -22.26 54.56 -42.21
CA LYS E 305 -22.35 53.12 -42.26
C LYS E 305 -22.73 52.68 -43.66
N PRO E 306 -21.75 52.65 -44.58
CA PRO E 306 -22.09 52.48 -46.02
C PRO E 306 -22.56 51.06 -46.34
N GLN E 307 -23.63 50.97 -47.12
CA GLN E 307 -24.35 49.72 -47.34
C GLN E 307 -24.05 49.07 -48.70
N SER E 308 -23.56 49.86 -49.65
CA SER E 308 -23.37 49.41 -51.03
C SER E 308 -22.37 50.28 -51.79
N ILE E 309 -21.80 49.71 -52.85
CA ILE E 309 -20.92 50.44 -53.76
C ILE E 309 -21.60 51.72 -54.30
N GLN E 310 -22.89 51.61 -54.71
CA GLN E 310 -23.65 52.75 -55.19
C GLN E 310 -23.61 53.92 -54.21
N GLU E 311 -23.78 53.60 -52.93
CA GLU E 311 -23.82 54.59 -51.88
C GLU E 311 -22.48 55.33 -51.73
N SER E 312 -21.37 54.60 -51.73
CA SER E 312 -20.02 55.20 -51.62
C SER E 312 -19.66 55.99 -52.88
N THR E 313 -19.76 55.30 -54.01
CA THR E 313 -19.50 55.91 -55.31
C THR E 313 -20.35 57.13 -55.58
N GLY E 314 -21.65 57.04 -55.31
CA GLY E 314 -22.56 58.15 -55.57
C GLY E 314 -22.20 59.40 -54.79
N SER E 315 -21.75 59.22 -53.54
CA SER E 315 -21.45 60.35 -52.67
C SER E 315 -20.14 61.02 -53.08
N ILE E 316 -19.21 60.21 -53.57
CA ILE E 316 -17.93 60.72 -54.08
C ILE E 316 -18.11 61.54 -55.36
N ILE E 317 -18.90 61.02 -56.29
CA ILE E 317 -19.27 61.77 -57.50
C ILE E 317 -19.95 63.10 -57.17
N GLU E 318 -20.85 63.10 -56.19
CA GLU E 318 -21.52 64.31 -55.73
C GLU E 318 -20.55 65.41 -55.23
N VAL E 319 -19.35 64.99 -54.77
CA VAL E 319 -18.31 65.93 -54.32
C VAL E 319 -17.86 66.88 -55.45
N LEU E 320 -17.79 66.37 -56.67
CA LEU E 320 -17.46 67.22 -57.83
C LEU E 320 -18.37 68.45 -57.95
N SER E 321 -19.68 68.24 -57.89
CA SER E 321 -20.59 69.39 -58.00
C SER E 321 -20.57 70.28 -56.75
N LYS E 322 -20.26 69.69 -55.59
CA LYS E 322 -20.16 70.48 -54.36
C LYS E 322 -19.00 71.46 -54.43
N ILE E 323 -17.88 71.04 -55.02
CA ILE E 323 -16.73 71.91 -55.21
C ILE E 323 -16.99 73.01 -56.23
N ASP E 324 -17.65 72.70 -57.34
CA ASP E 324 -17.96 73.79 -58.27
C ASP E 324 -19.18 74.67 -57.92
N SER E 325 -19.92 74.33 -56.87
CA SER E 325 -21.03 75.16 -56.36
C SER E 325 -20.52 76.42 -55.66
N SER F 24 6.25 73.44 -44.54
CA SER F 24 7.38 73.06 -45.44
C SER F 24 6.90 72.05 -46.49
N PRO F 25 7.28 72.24 -47.77
CA PRO F 25 6.77 71.35 -48.83
C PRO F 25 7.24 69.90 -48.65
N LEU F 26 6.37 68.96 -49.01
CA LEU F 26 6.68 67.54 -48.87
C LEU F 26 7.48 67.06 -50.08
N ARG F 27 8.78 66.82 -49.86
CA ARG F 27 9.68 66.45 -50.95
C ARG F 27 10.01 64.95 -50.94
N PHE F 28 10.56 64.48 -52.05
CA PHE F 28 10.99 63.09 -52.21
C PHE F 28 12.42 63.00 -52.78
N ASP F 29 13.18 64.09 -52.65
CA ASP F 29 14.54 64.15 -53.18
C ASP F 29 15.36 62.95 -52.66
N GLY F 30 15.98 62.22 -53.58
CA GLY F 30 16.76 61.04 -53.23
C GLY F 30 15.99 59.78 -52.84
N ARG F 31 14.68 59.79 -53.01
CA ARG F 31 13.85 58.59 -52.69
C ARG F 31 13.50 57.82 -53.96
N VAL F 32 13.82 56.53 -53.98
CA VAL F 32 13.54 55.68 -55.13
C VAL F 32 12.10 55.18 -55.02
N VAL F 33 11.26 55.59 -55.98
CA VAL F 33 9.85 55.29 -55.94
C VAL F 33 9.46 54.43 -57.14
N LEU F 34 8.99 53.22 -56.89
CA LEU F 34 8.44 52.38 -57.97
C LEU F 34 6.91 52.47 -58.04
N VAL F 35 6.40 52.72 -59.23
CA VAL F 35 4.97 52.74 -59.48
C VAL F 35 4.68 51.70 -60.55
N THR F 36 3.93 50.66 -60.20
CA THR F 36 3.58 49.63 -61.17
C THR F 36 2.35 50.10 -61.93
N GLY F 37 2.24 49.71 -63.20
CA GLY F 37 1.17 50.19 -64.06
C GLY F 37 1.17 51.71 -64.26
N ALA F 38 2.36 52.28 -64.42
CA ALA F 38 2.50 53.73 -64.44
C ALA F 38 2.38 54.37 -65.83
N GLY F 39 1.99 53.57 -66.82
CA GLY F 39 1.80 54.04 -68.19
C GLY F 39 0.53 54.82 -68.46
N ALA F 40 -0.47 54.69 -67.60
CA ALA F 40 -1.75 55.41 -67.82
C ALA F 40 -2.50 55.61 -66.51
N GLY F 41 -3.61 56.34 -66.60
CA GLY F 41 -4.54 56.50 -65.48
C GLY F 41 -3.91 56.92 -64.18
N LEU F 42 -4.28 56.25 -63.10
CA LEU F 42 -3.78 56.57 -61.78
C LEU F 42 -2.25 56.44 -61.64
N GLY F 43 -1.67 55.36 -62.15
CA GLY F 43 -0.22 55.14 -61.98
C GLY F 43 0.59 56.26 -62.62
N ARG F 44 0.13 56.70 -63.80
CA ARG F 44 0.77 57.81 -64.53
CA ARG F 44 0.81 57.79 -64.50
C ARG F 44 0.76 59.08 -63.67
N ALA F 45 -0.41 59.39 -63.11
CA ALA F 45 -0.56 60.54 -62.22
C ALA F 45 0.39 60.40 -61.01
N TYR F 46 0.51 59.21 -60.43
CA TYR F 46 1.45 59.05 -59.30
C TYR F 46 2.87 59.35 -59.71
N ALA F 47 3.27 58.76 -60.84
CA ALA F 47 4.64 58.83 -61.33
C ALA F 47 5.05 60.28 -61.56
N LEU F 48 4.18 61.03 -62.23
CA LEU F 48 4.42 62.44 -62.52
C LEU F 48 4.48 63.26 -61.23
N ALA F 49 3.51 63.03 -60.34
CA ALA F 49 3.45 63.72 -59.06
C ALA F 49 4.71 63.50 -58.18
N PHE F 50 5.13 62.24 -58.03
CA PHE F 50 6.41 61.90 -57.36
C PHE F 50 7.63 62.58 -57.94
N ALA F 51 7.79 62.48 -59.27
CA ALA F 51 8.98 62.98 -59.98
C ALA F 51 9.13 64.50 -59.88
N GLU F 52 7.98 65.17 -59.89
CA GLU F 52 7.91 66.62 -59.70
C GLU F 52 8.43 67.03 -58.33
N ARG F 53 8.36 66.14 -57.34
CA ARG F 53 8.91 66.47 -56.04
C ARG F 53 10.25 65.78 -55.73
N GLY F 54 10.96 65.44 -56.81
CA GLY F 54 12.37 65.05 -56.73
C GLY F 54 12.64 63.57 -56.58
N ALA F 55 11.59 62.75 -56.70
CA ALA F 55 11.72 61.30 -56.59
C ALA F 55 12.45 60.71 -57.79
N LEU F 56 13.30 59.72 -57.55
CA LEU F 56 13.89 58.90 -58.59
C LEU F 56 12.88 57.81 -58.92
N VAL F 57 12.18 57.93 -60.05
CA VAL F 57 10.99 57.12 -60.32
C VAL F 57 11.28 55.93 -61.24
N VAL F 58 10.83 54.74 -60.84
CA VAL F 58 10.78 53.62 -61.77
C VAL F 58 9.36 53.51 -62.32
N VAL F 59 9.22 53.76 -63.62
CA VAL F 59 7.94 53.70 -64.32
C VAL F 59 7.77 52.29 -64.92
N ASN F 60 6.97 51.48 -64.23
CA ASN F 60 6.68 50.13 -64.68
C ASN F 60 5.39 50.08 -65.47
N ASP F 61 5.44 49.38 -66.60
CA ASP F 61 4.24 49.05 -67.34
C ASP F 61 4.49 47.97 -68.36
N LEU F 62 3.63 46.96 -68.35
CA LEU F 62 3.66 45.89 -69.33
C LEU F 62 3.29 46.39 -70.72
N GLY F 63 2.45 47.41 -70.77
CA GLY F 63 2.07 48.05 -72.04
C GLY F 63 1.00 47.35 -72.84
N GLY F 64 0.20 46.52 -72.18
CA GLY F 64 -0.94 45.83 -72.83
C GLY F 64 -2.25 46.54 -72.60
N ASP F 65 -3.35 45.92 -73.03
CA ASP F 65 -4.68 46.54 -72.84
C ASP F 65 -5.26 46.28 -71.44
N PHE F 66 -6.44 46.84 -71.18
CA PHE F 66 -7.02 46.80 -69.84
C PHE F 66 -7.65 45.46 -69.47
N LYS F 67 -7.67 44.52 -70.43
CA LYS F 67 -8.19 43.19 -70.18
C LYS F 67 -7.09 42.15 -70.08
N GLY F 68 -5.83 42.60 -70.01
CA GLY F 68 -4.66 41.71 -69.87
C GLY F 68 -4.16 41.07 -71.16
N VAL F 69 -4.38 41.73 -72.29
CA VAL F 69 -3.89 41.24 -73.59
C VAL F 69 -2.85 42.20 -74.15
N GLY F 70 -1.68 41.67 -74.51
CA GLY F 70 -0.65 42.46 -75.16
C GLY F 70 0.49 42.93 -74.27
N LYS F 71 1.47 43.57 -74.91
CA LYS F 71 2.71 44.00 -74.28
C LYS F 71 3.40 45.00 -75.21
N GLY F 72 4.09 45.98 -74.62
CA GLY F 72 4.79 47.01 -75.39
C GLY F 72 5.61 47.94 -74.50
N SER F 73 6.66 48.51 -75.10
CA SER F 73 7.57 49.44 -74.44
C SER F 73 7.02 50.86 -74.42
N LEU F 74 6.15 51.17 -75.38
CA LEU F 74 5.66 52.53 -75.60
C LEU F 74 5.02 53.14 -74.36
N ALA F 75 4.15 52.39 -73.70
CA ALA F 75 3.40 52.90 -72.55
C ALA F 75 4.31 53.46 -71.43
N ALA F 76 5.30 52.67 -71.01
CA ALA F 76 6.27 53.12 -70.02
C ALA F 76 7.19 54.23 -70.52
N ASP F 77 7.67 54.09 -71.76
CA ASP F 77 8.58 55.07 -72.38
C ASP F 77 7.99 56.48 -72.51
N LYS F 78 6.73 56.60 -72.91
CA LYS F 78 6.07 57.89 -72.99
C LYS F 78 6.10 58.63 -71.66
N VAL F 79 5.84 57.91 -70.57
CA VAL F 79 5.76 58.53 -69.23
C VAL F 79 7.15 58.89 -68.67
N VAL F 80 8.15 58.03 -68.88
CA VAL F 80 9.54 58.41 -68.56
C VAL F 80 9.98 59.67 -69.34
N GLU F 81 9.61 59.75 -70.61
CA GLU F 81 9.93 60.94 -71.43
C GLU F 81 9.24 62.22 -70.94
N GLU F 82 7.95 62.11 -70.57
CA GLU F 82 7.23 63.24 -69.95
C GLU F 82 7.91 63.71 -68.66
N ILE F 83 8.29 62.77 -67.79
CA ILE F 83 9.00 63.10 -66.54
C ILE F 83 10.33 63.84 -66.79
N ARG F 84 11.12 63.32 -67.73
CA ARG F 84 12.39 63.92 -68.11
C ARG F 84 12.24 65.32 -68.73
N ARG F 85 11.23 65.47 -69.60
CA ARG F 85 10.92 66.78 -70.17
C ARG F 85 10.55 67.82 -69.11
N ARG F 86 9.88 67.38 -68.05
CA ARG F 86 9.51 68.25 -66.93
C ARG F 86 10.63 68.41 -65.92
N GLY F 87 11.79 67.84 -66.24
CA GLY F 87 12.99 68.02 -65.42
C GLY F 87 13.14 67.07 -64.24
N GLY F 88 12.40 65.97 -64.27
CA GLY F 88 12.53 64.94 -63.24
C GLY F 88 13.46 63.80 -63.67
N LYS F 89 13.65 62.85 -62.77
CA LYS F 89 14.47 61.67 -63.04
C LYS F 89 13.61 60.41 -63.03
N ALA F 90 13.73 59.60 -64.08
CA ALA F 90 12.96 58.36 -64.20
C ALA F 90 13.63 57.33 -65.11
N VAL F 91 13.30 56.06 -64.89
CA VAL F 91 13.75 54.98 -65.76
C VAL F 91 12.56 54.06 -66.00
N ALA F 92 12.51 53.39 -67.14
CA ALA F 92 11.38 52.51 -67.46
C ALA F 92 11.64 51.05 -67.12
N ASN F 93 10.57 50.35 -66.75
CA ASN F 93 10.59 48.89 -66.62
C ASN F 93 9.42 48.31 -67.41
N TYR F 94 9.68 47.24 -68.16
CA TYR F 94 8.68 46.72 -69.10
C TYR F 94 8.13 45.33 -68.73
N ASP F 95 8.53 44.82 -67.57
CA ASP F 95 8.09 43.53 -67.07
C ASP F 95 6.68 43.55 -66.51
N SER F 96 6.00 42.41 -66.61
CA SER F 96 4.78 42.20 -65.88
C SER F 96 5.06 42.09 -64.39
N VAL F 97 4.15 42.66 -63.58
CA VAL F 97 4.24 42.54 -62.11
C VAL F 97 4.28 41.09 -61.63
N GLU F 98 3.84 40.16 -62.49
CA GLU F 98 4.00 38.73 -62.28
C GLU F 98 5.49 38.37 -62.08
N GLU F 99 6.38 39.09 -62.74
CA GLU F 99 7.84 38.93 -62.55
C GLU F 99 8.35 40.03 -61.63
N GLY F 100 7.82 40.08 -60.40
CA GLY F 100 8.04 41.19 -59.47
C GLY F 100 9.50 41.45 -59.11
N GLU F 101 10.27 40.37 -59.04
CA GLU F 101 11.71 40.45 -58.81
C GLU F 101 12.43 41.25 -59.91
N LYS F 102 12.09 40.99 -61.17
CA LYS F 102 12.68 41.75 -62.29
C LYS F 102 12.26 43.23 -62.29
N VAL F 103 11.03 43.52 -61.84
CA VAL F 103 10.56 44.92 -61.76
C VAL F 103 11.40 45.70 -60.73
N VAL F 104 11.64 45.07 -59.59
CA VAL F 104 12.37 45.71 -58.51
C VAL F 104 13.85 45.80 -58.86
N LYS F 105 14.34 44.86 -59.65
CA LYS F 105 15.74 44.86 -60.12
C LYS F 105 16.12 46.13 -60.88
N THR F 106 15.19 46.67 -61.68
CA THR F 106 15.38 47.95 -62.37
C THR F 106 15.72 49.08 -61.40
N ALA F 107 15.00 49.16 -60.28
CA ALA F 107 15.26 50.14 -59.24
C ALA F 107 16.67 49.98 -58.67
N LEU F 108 17.05 48.74 -58.40
CA LEU F 108 18.36 48.41 -57.85
C LEU F 108 19.47 48.71 -58.87
N ASP F 109 19.22 48.38 -60.13
CA ASP F 109 20.21 48.62 -61.19
C ASP F 109 20.38 50.11 -61.51
N ALA F 110 19.27 50.82 -61.68
CA ALA F 110 19.31 52.24 -62.03
C ALA F 110 19.74 53.14 -60.88
N PHE F 111 19.19 52.90 -59.68
CA PHE F 111 19.38 53.84 -58.55
C PHE F 111 20.04 53.26 -57.31
N GLY F 112 20.16 51.94 -57.25
CA GLY F 112 20.93 51.30 -56.17
C GLY F 112 20.18 51.00 -54.89
N ARG F 113 18.87 51.24 -54.89
CA ARG F 113 18.00 50.97 -53.74
C ARG F 113 16.51 51.11 -54.16
N ILE F 114 15.60 50.74 -53.25
CA ILE F 114 14.13 50.88 -53.41
C ILE F 114 13.54 51.33 -52.08
N ASP F 115 12.78 52.41 -52.10
CA ASP F 115 12.30 53.05 -50.89
C ASP F 115 10.77 53.13 -50.84
N VAL F 116 10.13 53.34 -51.99
CA VAL F 116 8.66 53.40 -52.07
C VAL F 116 8.11 52.50 -53.19
N VAL F 117 7.12 51.67 -52.85
CA VAL F 117 6.46 50.81 -53.84
C VAL F 117 4.97 51.10 -53.86
N VAL F 118 4.48 51.55 -55.00
CA VAL F 118 3.07 51.77 -55.20
C VAL F 118 2.54 50.69 -56.11
N ASN F 119 1.92 49.68 -55.51
CA ASN F 119 1.30 48.58 -56.28
C ASN F 119 -0.03 49.06 -56.92
N ASN F 120 0.00 49.34 -58.22
CA ASN F 120 -1.13 49.97 -58.92
C ASN F 120 -1.63 49.17 -60.13
N ALA F 121 -0.73 48.38 -60.74
CA ALA F 121 -1.02 47.59 -61.95
C ALA F 121 -2.29 46.79 -61.78
N GLY F 122 -3.15 46.86 -62.80
CA GLY F 122 -4.41 46.13 -62.75
C GLY F 122 -5.11 46.06 -64.08
N ILE F 123 -6.03 45.11 -64.19
CA ILE F 123 -6.82 44.84 -65.38
C ILE F 123 -8.24 44.41 -64.97
N LEU F 124 -9.15 44.36 -65.94
CA LEU F 124 -10.53 43.95 -65.69
C LEU F 124 -10.98 42.74 -66.53
N ARG F 125 -11.77 41.86 -65.89
CA ARG F 125 -12.41 40.73 -66.56
C ARG F 125 -13.83 40.58 -66.00
N ASP F 126 -14.67 41.59 -66.24
CA ASP F 126 -16.06 41.58 -65.72
C ASP F 126 -16.86 40.48 -66.37
N ARG F 127 -17.61 39.77 -65.53
CA ARG F 127 -18.41 38.63 -65.97
C ARG F 127 -19.32 38.24 -64.82
N SER F 128 -20.56 37.84 -65.14
CA SER F 128 -21.42 37.28 -64.11
C SER F 128 -20.82 35.94 -63.62
N PHE F 129 -21.12 35.58 -62.37
CA PHE F 129 -20.35 34.55 -61.66
C PHE F 129 -20.15 33.22 -62.39
N ALA F 130 -21.25 32.60 -62.83
CA ALA F 130 -21.20 31.34 -63.57
C ALA F 130 -20.42 31.43 -64.87
N ARG F 131 -20.20 32.66 -65.34
CA ARG F 131 -19.54 32.89 -66.63
C ARG F 131 -18.04 33.20 -66.51
N ILE F 132 -17.54 33.32 -65.27
CA ILE F 132 -16.11 33.50 -65.05
C ILE F 132 -15.36 32.22 -65.40
N SER F 133 -14.49 32.31 -66.39
CA SER F 133 -13.64 31.18 -66.78
C SER F 133 -12.48 31.02 -65.80
N ASP F 134 -11.78 29.89 -65.88
CA ASP F 134 -10.56 29.66 -65.11
C ASP F 134 -9.53 30.75 -65.42
N GLU F 135 -9.38 31.05 -66.71
CA GLU F 135 -8.45 32.09 -67.16
C GLU F 135 -8.84 33.47 -66.64
N ASP F 136 -10.13 33.80 -66.67
CA ASP F 136 -10.62 35.07 -66.10
C ASP F 136 -10.17 35.22 -64.65
N TRP F 137 -10.30 34.16 -63.88
CA TRP F 137 -9.94 34.19 -62.48
C TRP F 137 -8.42 34.29 -62.32
N ASP F 138 -7.69 33.34 -62.91
CA ASP F 138 -6.23 33.27 -62.80
C ASP F 138 -5.54 34.58 -63.19
N ILE F 139 -5.91 35.15 -64.32
CA ILE F 139 -5.28 36.38 -64.82
C ILE F 139 -5.48 37.58 -63.87
N ILE F 140 -6.71 37.72 -63.35
CA ILE F 140 -7.03 38.77 -62.39
C ILE F 140 -6.19 38.58 -61.12
N HIS F 141 -6.13 37.35 -60.61
CA HIS F 141 -5.40 37.07 -59.39
C HIS F 141 -3.88 37.10 -59.53
N ARG F 142 -3.36 36.68 -60.67
CA ARG F 142 -1.90 36.76 -60.85
C ARG F 142 -1.42 38.22 -61.04
N VAL F 143 -2.22 39.07 -61.68
CA VAL F 143 -1.81 40.45 -61.86
C VAL F 143 -2.02 41.29 -60.59
N HIS F 144 -3.24 41.29 -60.04
CA HIS F 144 -3.56 42.16 -58.91
C HIS F 144 -2.89 41.71 -57.64
N LEU F 145 -3.15 40.47 -57.27
CA LEU F 145 -2.86 39.99 -55.95
C LEU F 145 -1.49 39.33 -55.87
N ARG F 146 -1.25 38.32 -56.72
CA ARG F 146 0.06 37.67 -56.77
C ARG F 146 1.12 38.65 -57.27
N GLY F 147 0.72 39.56 -58.16
CA GLY F 147 1.62 40.58 -58.68
C GLY F 147 2.12 41.50 -57.58
N SER F 148 1.19 42.12 -56.86
CA SER F 148 1.52 42.98 -55.72
C SER F 148 2.41 42.25 -54.71
N PHE F 149 2.09 40.97 -54.47
CA PHE F 149 2.88 40.12 -53.59
C PHE F 149 4.32 39.99 -54.07
N GLN F 150 4.48 39.64 -55.35
CA GLN F 150 5.79 39.39 -55.90
CA GLN F 150 5.78 39.39 -55.93
C GLN F 150 6.64 40.67 -55.88
N VAL F 151 6.04 41.78 -56.30
CA VAL F 151 6.72 43.08 -56.29
C VAL F 151 7.16 43.42 -54.87
N THR F 152 6.25 43.32 -53.91
CA THR F 152 6.55 43.75 -52.55
C THR F 152 7.55 42.81 -51.87
N ARG F 153 7.41 41.51 -52.12
CA ARG F 153 8.33 40.55 -51.54
C ARG F 153 9.74 40.88 -52.00
N ALA F 154 9.90 41.21 -53.29
CA ALA F 154 11.22 41.56 -53.83
C ALA F 154 11.81 42.81 -53.18
N ALA F 155 10.96 43.79 -52.84
CA ALA F 155 11.41 45.01 -52.17
C ALA F 155 11.74 44.83 -50.67
N TRP F 156 11.09 43.85 -50.04
CA TRP F 156 10.92 43.81 -48.60
C TRP F 156 12.23 43.76 -47.79
N GLU F 157 13.16 42.87 -48.14
CA GLU F 157 14.40 42.73 -47.35
C GLU F 157 15.32 43.95 -47.54
N HIS F 158 15.19 44.61 -48.69
CA HIS F 158 15.89 45.86 -48.93
C HIS F 158 15.34 46.95 -48.01
N MET F 159 14.03 47.02 -47.89
CA MET F 159 13.39 48.00 -47.01
C MET F 159 13.79 47.75 -45.55
N LYS F 160 13.82 46.48 -45.15
CA LYS F 160 14.12 46.11 -43.78
C LYS F 160 15.58 46.41 -43.38
N LYS F 161 16.53 46.18 -44.29
CA LYS F 161 17.95 46.46 -43.97
C LYS F 161 18.24 47.97 -43.93
N GLN F 162 17.58 48.73 -44.81
CA GLN F 162 17.60 50.19 -44.84
C GLN F 162 16.88 50.79 -43.63
N LYS F 163 15.93 50.03 -43.09
CA LYS F 163 14.97 50.52 -42.07
C LYS F 163 14.10 51.68 -42.60
N TYR F 164 13.59 51.52 -43.81
CA TYR F 164 12.64 52.47 -44.39
C TYR F 164 11.93 51.82 -45.54
N GLY F 165 10.61 52.07 -45.60
CA GLY F 165 9.76 51.60 -46.65
C GLY F 165 8.39 52.25 -46.57
N ARG F 166 7.81 52.52 -47.73
CA ARG F 166 6.42 52.95 -47.82
C ARG F 166 5.80 52.20 -48.96
N ILE F 167 4.67 51.54 -48.68
CA ILE F 167 4.00 50.66 -49.65
C ILE F 167 2.55 51.07 -49.75
N ILE F 168 2.01 51.05 -50.96
CA ILE F 168 0.57 51.26 -51.18
C ILE F 168 0.01 50.05 -51.91
N MET F 169 -1.11 49.53 -51.40
CA MET F 169 -1.92 48.56 -52.12
C MET F 169 -3.16 49.25 -52.68
N THR F 170 -3.60 48.81 -53.85
CA THR F 170 -4.74 49.43 -54.51
C THR F 170 -5.91 48.45 -54.48
N SER F 171 -6.83 48.64 -53.53
CA SER F 171 -8.03 47.83 -53.49
C SER F 171 -9.13 48.56 -54.33
N SER F 172 -10.39 48.25 -54.09
CA SER F 172 -11.50 48.96 -54.75
C SER F 172 -12.77 48.88 -53.91
N ALA F 173 -13.70 49.78 -54.22
CA ALA F 173 -15.03 49.77 -53.61
C ALA F 173 -15.73 48.47 -53.91
N SER F 174 -15.51 47.91 -55.10
CA SER F 174 -16.13 46.63 -55.41
C SER F 174 -15.63 45.47 -54.52
N GLY F 175 -14.37 45.51 -54.10
CA GLY F 175 -13.86 44.57 -53.09
C GLY F 175 -14.50 44.80 -51.71
N ILE F 176 -14.57 46.07 -51.32
CA ILE F 176 -15.08 46.48 -50.00
C ILE F 176 -16.58 46.19 -49.85
N TYR F 177 -17.35 46.42 -50.90
CA TYR F 177 -18.82 46.38 -50.83
C TYR F 177 -19.41 45.26 -51.66
N GLY F 178 -18.64 44.76 -52.63
CA GLY F 178 -19.18 43.83 -53.59
C GLY F 178 -19.77 44.58 -54.75
N ASN F 179 -19.75 43.93 -55.91
CA ASN F 179 -20.42 44.49 -57.08
C ASN F 179 -20.83 43.40 -58.07
N PHE F 180 -22.06 43.48 -58.57
CA PHE F 180 -22.54 42.55 -59.59
C PHE F 180 -21.53 42.47 -60.72
N GLY F 181 -21.24 41.23 -61.15
CA GLY F 181 -20.40 41.00 -62.33
C GLY F 181 -18.91 41.16 -62.09
N GLN F 182 -18.50 41.24 -60.82
CA GLN F 182 -17.11 41.52 -60.51
C GLN F 182 -16.54 40.66 -59.39
N ALA F 183 -17.08 39.44 -59.25
CA ALA F 183 -16.68 38.52 -58.20
C ALA F 183 -15.18 38.19 -58.17
N ASN F 184 -14.59 37.98 -59.35
CA ASN F 184 -13.14 37.69 -59.42
C ASN F 184 -12.29 38.86 -58.96
N TYR F 185 -12.60 40.03 -59.50
CA TYR F 185 -11.93 41.28 -59.24
C TYR F 185 -12.07 41.67 -57.76
N SER F 186 -13.30 41.59 -57.25
CA SER F 186 -13.54 41.96 -55.85
C SER F 186 -12.84 41.03 -54.87
N ALA F 187 -12.72 39.74 -55.22
CA ALA F 187 -11.92 38.79 -54.46
C ALA F 187 -10.47 39.22 -54.41
N ALA F 188 -9.88 39.48 -55.57
CA ALA F 188 -8.50 39.92 -55.67
C ALA F 188 -8.24 41.23 -54.92
N LYS F 189 -9.10 42.20 -55.12
CA LYS F 189 -8.98 43.52 -54.49
C LYS F 189 -9.08 43.51 -52.98
N LEU F 190 -9.97 42.67 -52.43
CA LEU F 190 -10.04 42.58 -50.97
C LEU F 190 -8.89 41.74 -50.42
N GLY F 191 -8.41 40.78 -51.21
CA GLY F 191 -7.24 40.00 -50.83
C GLY F 191 -6.05 40.92 -50.62
N LEU F 192 -5.96 41.97 -51.42
CA LEU F 192 -4.88 42.95 -51.30
C LEU F 192 -4.91 43.64 -49.95
N LEU F 193 -6.11 43.98 -49.51
CA LEU F 193 -6.29 44.56 -48.16
C LEU F 193 -5.81 43.57 -47.12
N GLY F 194 -6.13 42.28 -47.33
CA GLY F 194 -5.72 41.23 -46.41
C GLY F 194 -4.21 41.14 -46.30
N LEU F 195 -3.54 41.29 -47.45
CA LEU F 195 -2.09 41.32 -47.55
C LEU F 195 -1.51 42.53 -46.81
N ALA F 196 -2.12 43.69 -47.03
CA ALA F 196 -1.72 44.94 -46.37
C ALA F 196 -1.85 44.88 -44.84
N ASN F 197 -2.92 44.25 -44.35
CA ASN F 197 -3.15 44.17 -42.91
C ASN F 197 -1.98 43.51 -42.21
N SER F 198 -1.42 42.49 -42.85
CA SER F 198 -0.29 41.77 -42.25
C SER F 198 1.06 42.46 -42.44
N LEU F 199 1.27 43.07 -43.61
CA LEU F 199 2.50 43.83 -43.88
C LEU F 199 2.69 45.01 -42.92
N ALA F 200 1.59 45.71 -42.65
CA ALA F 200 1.55 46.78 -41.66
C ALA F 200 2.16 46.32 -40.33
N ILE F 201 1.76 45.13 -39.89
CA ILE F 201 2.26 44.56 -38.64
C ILE F 201 3.74 44.17 -38.74
N GLU F 202 4.13 43.46 -39.80
CA GLU F 202 5.51 42.99 -39.96
C GLU F 202 6.52 44.11 -40.24
N GLY F 203 6.05 45.19 -40.85
CA GLY F 203 6.91 46.30 -41.23
C GLY F 203 7.17 47.34 -40.15
N ARG F 204 6.22 47.50 -39.24
CA ARG F 204 6.18 48.67 -38.34
C ARG F 204 7.49 48.96 -37.57
N LYS F 205 8.06 47.94 -36.92
CA LYS F 205 9.29 48.14 -36.15
C LYS F 205 10.47 48.55 -37.02
N SER F 206 10.37 48.33 -38.32
CA SER F 206 11.44 48.69 -39.26
C SER F 206 11.15 49.95 -40.07
N ASN F 207 10.19 50.75 -39.61
CA ASN F 207 9.79 51.99 -40.31
C ASN F 207 9.36 51.72 -41.76
N ILE F 208 8.69 50.58 -41.94
CA ILE F 208 8.09 50.26 -43.21
C ILE F 208 6.57 50.30 -43.01
N HIS F 209 5.89 51.16 -43.78
CA HIS F 209 4.45 51.30 -43.63
C HIS F 209 3.74 50.78 -44.86
N CYS F 210 2.60 50.15 -44.64
CA CYS F 210 1.76 49.73 -45.75
C CYS F 210 0.34 50.24 -45.56
N ASN F 211 -0.21 50.86 -46.59
CA ASN F 211 -1.57 51.38 -46.55
C ASN F 211 -2.34 51.01 -47.80
N THR F 212 -3.66 51.10 -47.75
CA THR F 212 -4.49 50.66 -48.84
C THR F 212 -5.42 51.77 -49.25
N ILE F 213 -5.59 51.92 -50.55
CA ILE F 213 -6.50 52.91 -51.03
C ILE F 213 -7.55 52.24 -51.88
N ALA F 214 -8.72 52.86 -51.95
CA ALA F 214 -9.75 52.46 -52.88
C ALA F 214 -10.15 53.70 -53.67
N PRO F 215 -9.57 53.87 -54.87
CA PRO F 215 -9.68 55.10 -55.61
C PRO F 215 -10.89 55.18 -56.55
N ASN F 216 -11.14 56.38 -57.05
CA ASN F 216 -12.17 56.62 -58.05
C ASN F 216 -11.61 57.64 -59.04
N ALA F 217 -11.42 57.18 -60.28
CA ALA F 217 -10.83 58.02 -61.31
C ALA F 217 -11.29 57.65 -62.71
N GLY F 218 -11.49 58.65 -63.57
CA GLY F 218 -11.71 58.42 -65.01
C GLY F 218 -10.45 57.84 -65.66
N SER F 219 -10.58 56.71 -66.34
CA SER F 219 -9.48 56.10 -67.09
C SER F 219 -10.05 55.12 -68.11
N ARG F 220 -9.19 54.42 -68.85
CA ARG F 220 -9.64 53.43 -69.84
C ARG F 220 -10.41 52.31 -69.16
N MET F 221 -10.09 52.03 -67.90
CA MET F 221 -10.78 51.00 -67.14
C MET F 221 -12.24 51.39 -66.84
N THR F 222 -12.47 52.66 -66.54
CA THR F 222 -13.77 53.09 -66.06
C THR F 222 -14.64 53.68 -67.15
N GLN F 223 -14.07 53.88 -68.35
CA GLN F 223 -14.81 54.44 -69.49
C GLN F 223 -16.07 53.66 -69.83
N THR F 224 -16.03 52.35 -69.58
CA THR F 224 -17.14 51.43 -69.83
C THR F 224 -18.37 51.71 -68.95
N VAL F 225 -18.14 52.12 -67.72
CA VAL F 225 -19.23 52.30 -66.76
C VAL F 225 -19.58 53.76 -66.48
N MET F 226 -18.73 54.68 -66.93
CA MET F 226 -18.90 56.12 -66.65
C MET F 226 -19.18 56.92 -67.91
N PRO F 227 -20.10 57.88 -67.85
CA PRO F 227 -20.26 58.81 -68.98
C PRO F 227 -19.02 59.67 -69.21
N GLU F 228 -18.80 60.05 -70.47
CA GLU F 228 -17.59 60.75 -70.91
C GLU F 228 -17.21 61.97 -70.06
N ASP F 229 -18.20 62.81 -69.72
CA ASP F 229 -17.97 64.00 -68.91
C ASP F 229 -17.52 63.69 -67.49
N LEU F 230 -18.01 62.58 -66.94
CA LEU F 230 -17.59 62.11 -65.63
C LEU F 230 -16.14 61.58 -65.66
N VAL F 231 -15.81 60.75 -66.64
CA VAL F 231 -14.42 60.30 -66.91
C VAL F 231 -13.42 61.48 -66.84
N GLU F 232 -13.77 62.56 -67.56
CA GLU F 232 -12.99 63.80 -67.61
C GLU F 232 -12.91 64.47 -66.23
N ALA F 233 -14.03 64.53 -65.53
CA ALA F 233 -14.08 65.26 -64.27
C ALA F 233 -13.40 64.54 -63.07
N LEU F 234 -13.49 63.21 -63.01
CA LEU F 234 -12.89 62.43 -61.92
C LEU F 234 -11.40 62.19 -62.17
N LYS F 235 -10.61 63.23 -61.99
CA LYS F 235 -9.21 63.16 -62.37
C LYS F 235 -8.37 62.30 -61.41
N PRO F 236 -7.48 61.47 -61.95
CA PRO F 236 -6.48 60.71 -61.19
C PRO F 236 -5.59 61.62 -60.35
N GLU F 237 -5.45 62.87 -60.77
CA GLU F 237 -4.70 63.90 -60.02
C GLU F 237 -5.37 64.22 -58.69
N TYR F 238 -6.63 63.81 -58.52
CA TYR F 238 -7.28 63.99 -57.22
C TYR F 238 -6.94 62.87 -56.22
N VAL F 239 -6.23 61.87 -56.70
CA VAL F 239 -5.91 60.71 -55.87
C VAL F 239 -4.43 60.74 -55.48
N ALA F 240 -3.60 61.18 -56.43
CA ALA F 240 -2.15 61.29 -56.25
C ALA F 240 -1.69 62.02 -54.95
N PRO F 241 -2.33 63.16 -54.58
CA PRO F 241 -1.92 63.78 -53.29
C PRO F 241 -2.02 62.85 -52.06
N LEU F 242 -3.02 61.95 -52.02
CA LEU F 242 -3.11 60.98 -50.93
C LEU F 242 -1.92 60.01 -50.97
N VAL F 243 -1.68 59.45 -52.17
CA VAL F 243 -0.59 58.49 -52.36
C VAL F 243 0.75 59.11 -51.93
N LEU F 244 1.00 60.36 -52.33
CA LEU F 244 2.27 61.00 -51.95
C LEU F 244 2.39 61.21 -50.46
N TRP F 245 1.29 61.67 -49.82
CA TRP F 245 1.26 61.81 -48.36
C TRP F 245 1.55 60.49 -47.63
N LEU F 246 0.81 59.45 -48.01
CA LEU F 246 0.99 58.12 -47.39
C LEU F 246 2.39 57.53 -47.59
N CYS F 247 3.09 58.02 -48.63
CA CYS F 247 4.40 57.52 -48.99
C CYS F 247 5.53 58.42 -48.54
N HIS F 248 5.19 59.47 -47.80
CA HIS F 248 6.20 60.41 -47.33
C HIS F 248 6.89 59.95 -46.03
N GLU F 249 8.15 60.33 -45.89
CA GLU F 249 8.95 59.99 -44.69
C GLU F 249 8.30 60.46 -43.39
N SER F 250 7.60 61.60 -43.42
CA SER F 250 6.97 62.19 -42.24
C SER F 250 5.60 61.57 -41.89
N CYS F 251 5.06 60.75 -42.80
CA CYS F 251 3.78 60.09 -42.54
C CYS F 251 3.94 58.96 -41.53
N GLU F 252 3.04 58.92 -40.55
CA GLU F 252 3.04 57.86 -39.55
C GLU F 252 1.89 56.85 -39.75
N GLU F 253 0.96 57.16 -40.65
CA GLU F 253 -0.15 56.25 -40.92
C GLU F 253 0.34 54.90 -41.45
N ASN F 254 -0.20 53.82 -40.88
CA ASN F 254 0.23 52.46 -41.18
C ASN F 254 -0.97 51.57 -41.02
N GLY F 255 -1.23 50.73 -42.03
CA GLY F 255 -2.33 49.78 -41.97
C GLY F 255 -3.71 50.38 -42.16
N GLY F 256 -3.77 51.56 -42.79
CA GLY F 256 -5.03 52.23 -43.02
C GLY F 256 -5.70 51.87 -44.33
N LEU F 257 -7.00 52.12 -44.41
CA LEU F 257 -7.75 51.90 -45.63
C LEU F 257 -8.53 53.17 -45.93
N PHE F 258 -8.29 53.71 -47.12
CA PHE F 258 -8.83 55.01 -47.51
C PHE F 258 -9.63 54.94 -48.79
N GLU F 259 -10.81 55.58 -48.80
CA GLU F 259 -11.55 55.83 -50.04
C GLU F 259 -11.28 57.28 -50.47
N VAL F 260 -11.15 57.47 -51.78
CA VAL F 260 -10.54 58.68 -52.31
C VAL F 260 -11.00 58.94 -53.74
N GLY F 261 -11.46 60.16 -53.98
CA GLY F 261 -11.90 60.58 -55.30
C GLY F 261 -12.45 61.99 -55.25
N ALA F 262 -12.35 62.69 -56.39
CA ALA F 262 -13.04 63.97 -56.65
C ALA F 262 -12.51 65.15 -55.84
N GLY F 263 -11.54 64.88 -54.96
CA GLY F 263 -11.02 65.90 -54.05
C GLY F 263 -11.31 65.62 -52.58
N TRP F 264 -12.00 64.52 -52.34
CA TRP F 264 -12.38 64.03 -51.00
C TRP F 264 -11.54 62.81 -50.61
N ILE F 265 -11.28 62.67 -49.32
CA ILE F 265 -10.67 61.45 -48.73
C ILE F 265 -11.41 61.07 -47.45
N GLY F 266 -11.70 59.77 -47.29
CA GLY F 266 -12.25 59.21 -46.03
C GLY F 266 -11.52 57.95 -45.59
N LYS F 267 -11.68 57.57 -44.31
CA LYS F 267 -11.02 56.38 -43.75
C LYS F 267 -12.06 55.34 -43.34
N LEU F 268 -11.71 54.07 -43.50
CA LEU F 268 -12.61 52.95 -43.16
C LEU F 268 -12.06 52.10 -42.04
N ARG F 269 -12.96 51.67 -41.15
CA ARG F 269 -12.59 50.68 -40.14
C ARG F 269 -13.73 49.71 -39.87
N TRP F 270 -13.36 48.57 -39.30
CA TRP F 270 -14.30 47.58 -38.84
C TRP F 270 -14.93 48.02 -37.51
N GLU F 271 -16.25 47.82 -37.43
CA GLU F 271 -17.05 47.96 -36.21
C GLU F 271 -17.56 46.56 -35.89
N ARG F 272 -17.69 46.20 -34.62
CA ARG F 272 -18.06 44.82 -34.26
C ARG F 272 -19.11 44.86 -33.18
N THR F 273 -20.20 44.12 -33.36
CA THR F 273 -21.29 44.15 -32.38
C THR F 273 -20.82 43.55 -31.07
N LEU F 274 -21.37 44.05 -29.98
CA LEU F 274 -21.21 43.43 -28.67
C LEU F 274 -21.59 41.95 -28.74
N GLY F 275 -22.61 41.65 -29.55
CA GLY F 275 -22.96 40.27 -29.85
C GLY F 275 -23.78 39.59 -28.77
N ALA F 276 -23.87 38.27 -28.87
CA ALA F 276 -24.58 37.47 -27.87
C ALA F 276 -23.79 36.24 -27.47
N ILE F 277 -23.77 35.97 -26.17
CA ILE F 277 -23.32 34.67 -25.69
C ILE F 277 -24.56 33.80 -25.69
N VAL F 278 -24.62 32.85 -26.61
CA VAL F 278 -25.84 32.07 -26.81
C VAL F 278 -25.78 30.71 -26.11
N ARG F 279 -24.57 30.24 -25.83
CA ARG F 279 -24.35 28.99 -25.12
C ARG F 279 -24.51 29.18 -23.62
N GLN F 280 -25.24 28.27 -23.00
CA GLN F 280 -25.38 28.18 -21.56
C GLN F 280 -24.59 26.99 -21.02
N LYS F 281 -24.06 27.13 -19.81
CA LYS F 281 -23.38 26.05 -19.12
C LYS F 281 -24.30 24.84 -19.01
N ASN F 282 -23.73 23.69 -19.36
CA ASN F 282 -24.38 22.37 -19.35
C ASN F 282 -25.50 22.10 -20.37
N HIS F 283 -25.72 23.03 -21.30
CA HIS F 283 -26.77 22.89 -22.30
C HIS F 283 -26.12 22.95 -23.66
N PRO F 284 -26.51 22.04 -24.58
CA PRO F 284 -25.96 22.08 -25.94
C PRO F 284 -26.32 23.40 -26.64
N MET F 285 -25.37 23.97 -27.36
CA MET F 285 -25.61 25.17 -28.15
C MET F 285 -26.36 24.76 -29.41
N THR F 286 -27.46 25.45 -29.72
CA THR F 286 -28.32 25.04 -30.81
C THR F 286 -28.48 26.16 -31.83
N PRO F 287 -28.73 25.81 -33.09
CA PRO F 287 -29.12 26.83 -34.06
C PRO F 287 -30.40 27.60 -33.67
N GLU F 288 -31.31 26.96 -32.93
CA GLU F 288 -32.52 27.64 -32.47
C GLU F 288 -32.21 28.81 -31.53
N ALA F 289 -31.16 28.66 -30.72
CA ALA F 289 -30.71 29.73 -29.80
C ALA F 289 -30.06 30.89 -30.54
N VAL F 290 -29.28 30.57 -31.57
CA VAL F 290 -28.73 31.57 -32.47
C VAL F 290 -29.87 32.38 -33.12
N LYS F 291 -30.85 31.69 -33.71
CA LYS F 291 -32.01 32.34 -34.33
C LYS F 291 -32.74 33.24 -33.34
N ALA F 292 -33.01 32.71 -32.15
CA ALA F 292 -33.71 33.47 -31.11
C ALA F 292 -32.95 34.72 -30.65
N ASN F 293 -31.62 34.68 -30.74
CA ASN F 293 -30.74 35.79 -30.35
C ASN F 293 -30.25 36.65 -31.52
N TRP F 294 -30.85 36.47 -32.69
CA TRP F 294 -30.32 37.07 -33.93
C TRP F 294 -30.31 38.61 -33.94
N LYS F 295 -31.38 39.23 -33.43
CA LYS F 295 -31.44 40.70 -33.37
C LYS F 295 -30.30 41.25 -32.50
N LYS F 296 -30.10 40.65 -31.33
CA LYS F 296 -29.02 41.01 -30.43
C LYS F 296 -27.65 40.80 -31.09
N ILE F 297 -27.43 39.64 -31.71
CA ILE F 297 -26.17 39.38 -32.45
C ILE F 297 -25.84 40.46 -33.48
N CYS F 298 -26.89 40.97 -34.14
CA CYS F 298 -26.75 41.89 -35.26
C CYS F 298 -26.91 43.36 -34.87
N ASP F 299 -27.19 43.62 -33.60
CA ASP F 299 -27.34 44.99 -33.08
C ASP F 299 -26.00 45.72 -32.91
N PHE F 300 -25.81 46.80 -33.67
CA PHE F 300 -24.57 47.59 -33.67
C PHE F 300 -24.52 48.74 -32.64
N GLU F 301 -25.60 48.95 -31.87
CA GLU F 301 -25.53 49.97 -30.82
C GLU F 301 -24.40 49.63 -29.85
N ASN F 302 -23.54 50.62 -29.59
CA ASN F 302 -22.36 50.48 -28.72
C ASN F 302 -21.33 49.46 -29.20
N ALA F 303 -21.32 49.25 -30.52
CA ALA F 303 -20.39 48.34 -31.16
C ALA F 303 -18.94 48.71 -30.83
N SER F 304 -18.10 47.71 -30.68
CA SER F 304 -16.70 47.97 -30.36
C SER F 304 -15.93 48.24 -31.65
N LYS F 305 -14.71 48.75 -31.48
CA LYS F 305 -13.86 49.12 -32.60
C LYS F 305 -12.51 48.38 -32.50
N PRO F 306 -12.51 47.09 -32.91
CA PRO F 306 -11.37 46.19 -32.65
C PRO F 306 -10.12 46.59 -33.43
N GLN F 307 -8.99 46.64 -32.73
CA GLN F 307 -7.73 47.12 -33.30
C GLN F 307 -6.79 46.06 -33.83
N SER F 308 -6.94 44.82 -33.35
CA SER F 308 -5.96 43.77 -33.62
C SER F 308 -6.57 42.39 -33.40
N ILE F 309 -5.94 41.39 -34.01
CA ILE F 309 -6.34 40.00 -33.80
C ILE F 309 -6.31 39.60 -32.31
N GLN F 310 -5.28 40.04 -31.56
CA GLN F 310 -5.18 39.70 -30.14
C GLN F 310 -6.40 40.19 -29.35
N GLU F 311 -6.87 41.38 -29.70
CA GLU F 311 -8.07 41.96 -29.08
C GLU F 311 -9.34 41.12 -29.29
N SER F 312 -9.59 40.71 -30.55
CA SER F 312 -10.78 39.90 -30.85
C SER F 312 -10.64 38.50 -30.27
N THR F 313 -9.55 37.84 -30.63
CA THR F 313 -9.25 36.49 -30.13
C THR F 313 -9.24 36.41 -28.61
N GLY F 314 -8.65 37.40 -27.96
CA GLY F 314 -8.56 37.41 -26.49
C GLY F 314 -9.93 37.50 -25.83
N SER F 315 -10.82 38.32 -26.38
CA SER F 315 -12.14 38.52 -25.79
C SER F 315 -13.03 37.30 -25.99
N ILE F 316 -12.85 36.61 -27.13
CA ILE F 316 -13.58 35.36 -27.41
C ILE F 316 -13.16 34.23 -26.45
N ILE F 317 -11.86 34.07 -26.26
CA ILE F 317 -11.33 33.10 -25.30
C ILE F 317 -11.85 33.37 -23.89
N GLU F 318 -11.90 34.65 -23.51
CA GLU F 318 -12.46 35.09 -22.24
C GLU F 318 -13.95 34.66 -22.05
N VAL F 319 -14.67 34.44 -23.15
CA VAL F 319 -16.07 33.98 -23.07
C VAL F 319 -16.18 32.58 -22.43
N LEU F 320 -15.19 31.72 -22.68
CA LEU F 320 -15.13 30.39 -22.04
C LEU F 320 -15.27 30.46 -20.51
N SER F 321 -14.42 31.26 -19.87
CA SER F 321 -14.47 31.37 -18.41
C SER F 321 -15.73 32.10 -17.93
N LYS F 322 -16.26 33.01 -18.74
CA LYS F 322 -17.51 33.70 -18.39
C LYS F 322 -18.70 32.73 -18.28
N ILE F 323 -18.76 31.75 -19.17
CA ILE F 323 -19.83 30.74 -19.14
C ILE F 323 -19.67 29.77 -17.96
N ASP F 324 -18.42 29.38 -17.68
CA ASP F 324 -18.05 28.59 -16.51
C ASP F 324 -18.31 29.25 -15.14
N SER F 325 -18.34 30.59 -15.10
CA SER F 325 -18.48 31.34 -13.84
C SER F 325 -19.90 31.26 -13.28
#